data_2DM8
#
_entry.id   2DM8
#
_cell.length_a   1.000
_cell.length_b   1.000
_cell.length_c   1.000
_cell.angle_alpha   90.00
_cell.angle_beta   90.00
_cell.angle_gamma   90.00
#
_symmetry.space_group_name_H-M   'P 1'
#
_entity_poly.entity_id   1
_entity_poly.type   'polypeptide(L)'
_entity_poly.pdbx_seq_one_letter_code
;GSSGSSGPATCPIVPGQEMIIEISKGRSGLGLSIVGGKDTPLNAIVIHEVYEEGAAARDGRLWAGDQILEVNGVDLRNSS
HEEAITALRQTPQKVRLVVYRDEAHYRDEESGPSSG
;
_entity_poly.pdbx_strand_id   A
#
# COMPACT_ATOMS: atom_id res chain seq x y z
N GLY A 1 -17.61 15.93 -18.38
CA GLY A 1 -16.94 15.01 -17.48
C GLY A 1 -15.88 14.19 -18.18
N SER A 2 -14.85 13.78 -17.44
CA SER A 2 -13.77 12.99 -18.00
C SER A 2 -14.05 11.50 -17.87
N SER A 3 -14.44 11.09 -16.66
CA SER A 3 -14.75 9.68 -16.39
C SER A 3 -16.04 9.56 -15.59
N GLY A 4 -16.84 8.55 -15.94
CA GLY A 4 -18.09 8.33 -15.24
C GLY A 4 -17.94 7.38 -14.07
N SER A 5 -17.66 6.12 -14.36
CA SER A 5 -17.50 5.12 -13.32
C SER A 5 -16.04 4.69 -13.20
N SER A 6 -15.50 4.80 -11.98
CA SER A 6 -14.11 4.44 -11.73
C SER A 6 -14.02 3.49 -10.54
N GLY A 7 -13.26 2.40 -10.72
CA GLY A 7 -13.09 1.43 -9.65
C GLY A 7 -11.67 1.34 -9.17
N PRO A 8 -11.49 1.06 -7.86
CA PRO A 8 -10.17 0.94 -7.24
C PRO A 8 -9.41 -0.30 -7.71
N ALA A 9 -10.13 -1.22 -8.34
CA ALA A 9 -9.53 -2.45 -8.85
C ALA A 9 -9.15 -2.31 -10.31
N THR A 10 -8.36 -3.25 -10.81
CA THR A 10 -7.91 -3.23 -12.20
C THR A 10 -7.55 -1.82 -12.64
N CYS A 11 -6.90 -1.07 -11.75
CA CYS A 11 -6.51 0.30 -12.06
C CYS A 11 -5.12 0.60 -11.51
N PRO A 12 -4.34 1.39 -12.26
CA PRO A 12 -2.98 1.77 -11.87
C PRO A 12 -2.97 2.72 -10.67
N ILE A 13 -1.77 3.03 -10.20
CA ILE A 13 -1.61 3.93 -9.06
C ILE A 13 -1.06 5.28 -9.48
N VAL A 14 -1.82 6.33 -9.21
CA VAL A 14 -1.41 7.69 -9.56
C VAL A 14 -0.60 8.33 -8.44
N PRO A 15 0.50 9.00 -8.82
CA PRO A 15 1.38 9.68 -7.85
C PRO A 15 0.73 10.91 -7.23
N GLY A 16 1.37 11.45 -6.21
CA GLY A 16 0.83 12.62 -5.54
C GLY A 16 -0.68 12.61 -5.48
N GLN A 17 -1.26 11.42 -5.39
CA GLN A 17 -2.71 11.27 -5.33
C GLN A 17 -3.10 10.07 -4.48
N GLU A 18 -3.85 10.31 -3.42
CA GLU A 18 -4.28 9.24 -2.52
C GLU A 18 -5.32 8.37 -3.21
N MET A 19 -4.87 7.30 -3.85
CA MET A 19 -5.77 6.38 -4.54
C MET A 19 -6.08 5.17 -3.67
N ILE A 20 -7.18 4.49 -3.98
CA ILE A 20 -7.59 3.31 -3.23
C ILE A 20 -7.45 2.05 -4.07
N ILE A 21 -7.11 0.94 -3.42
CA ILE A 21 -6.95 -0.34 -4.10
C ILE A 21 -7.68 -1.45 -3.36
N GLU A 22 -8.44 -2.24 -4.11
CA GLU A 22 -9.20 -3.35 -3.53
C GLU A 22 -8.64 -4.69 -4.01
N ILE A 23 -8.28 -5.53 -3.05
CA ILE A 23 -7.73 -6.86 -3.36
C ILE A 23 -8.56 -7.97 -2.71
N SER A 24 -8.86 -9.00 -3.48
CA SER A 24 -9.65 -10.11 -2.99
C SER A 24 -8.74 -11.19 -2.39
N LYS A 25 -9.06 -11.60 -1.16
CA LYS A 25 -8.28 -12.62 -0.47
C LYS A 25 -8.49 -13.99 -1.12
N GLY A 26 -9.53 -14.11 -1.93
CA GLY A 26 -9.81 -15.36 -2.60
C GLY A 26 -9.99 -16.51 -1.62
N ARG A 27 -8.88 -17.16 -1.28
CA ARG A 27 -8.90 -18.28 -0.35
C ARG A 27 -7.96 -18.04 0.83
N SER A 28 -6.67 -18.02 0.56
CA SER A 28 -5.67 -17.79 1.60
C SER A 28 -5.55 -16.31 1.92
N GLY A 29 -5.07 -16.01 3.13
CA GLY A 29 -4.91 -14.63 3.55
C GLY A 29 -3.89 -13.89 2.71
N LEU A 30 -3.71 -12.60 3.01
CA LEU A 30 -2.75 -11.78 2.28
C LEU A 30 -1.33 -12.25 2.53
N GLY A 31 -0.40 -11.79 1.70
CA GLY A 31 0.99 -12.17 1.86
C GLY A 31 1.94 -11.00 1.71
N LEU A 32 1.90 -10.09 2.67
CA LEU A 32 2.75 -8.91 2.64
C LEU A 32 3.26 -8.56 4.04
N SER A 33 4.03 -7.49 4.14
CA SER A 33 4.57 -7.05 5.43
C SER A 33 4.64 -5.53 5.49
N ILE A 34 4.56 -5.00 6.71
CA ILE A 34 4.61 -3.55 6.91
C ILE A 34 5.71 -3.17 7.91
N VAL A 35 5.99 -1.89 8.01
CA VAL A 35 7.02 -1.40 8.91
C VAL A 35 6.80 0.07 9.26
N GLY A 36 7.04 0.42 10.52
CA GLY A 36 6.85 1.79 10.95
C GLY A 36 5.70 1.94 11.94
N GLY A 37 4.88 2.96 11.73
CA GLY A 37 3.75 3.20 12.62
C GLY A 37 4.11 4.10 13.79
N LYS A 38 3.73 3.68 14.99
CA LYS A 38 4.01 4.46 16.19
C LYS A 38 5.38 4.12 16.75
N ASP A 39 5.83 4.90 17.73
CA ASP A 39 7.13 4.68 18.34
C ASP A 39 8.18 4.29 17.29
N THR A 40 7.96 4.74 16.05
CA THR A 40 8.88 4.43 14.96
C THR A 40 9.38 5.70 14.30
N PRO A 41 10.52 5.60 13.60
CA PRO A 41 11.12 6.73 12.90
C PRO A 41 10.31 7.16 11.68
N LEU A 42 9.18 6.51 11.47
CA LEU A 42 8.31 6.82 10.34
C LEU A 42 6.84 6.71 10.74
N ASN A 43 6.14 7.83 10.71
CA ASN A 43 4.73 7.87 11.07
C ASN A 43 3.87 7.44 9.89
N ALA A 44 4.49 6.83 8.90
CA ALA A 44 3.78 6.35 7.71
C ALA A 44 4.03 4.87 7.48
N ILE A 45 2.95 4.09 7.40
CA ILE A 45 3.05 2.66 7.18
C ILE A 45 3.67 2.36 5.81
N VAL A 46 4.78 1.61 5.82
CA VAL A 46 5.46 1.25 4.59
C VAL A 46 5.46 -0.26 4.39
N ILE A 47 5.42 -0.68 3.13
CA ILE A 47 5.41 -2.10 2.80
C ILE A 47 6.83 -2.61 2.58
N HIS A 48 7.38 -3.27 3.58
CA HIS A 48 8.73 -3.82 3.51
C HIS A 48 8.85 -4.81 2.35
N GLU A 49 8.01 -5.84 2.38
CA GLU A 49 8.02 -6.86 1.34
C GLU A 49 6.62 -7.40 1.08
N VAL A 50 6.37 -7.82 -0.15
CA VAL A 50 5.06 -8.35 -0.52
C VAL A 50 5.18 -9.79 -1.04
N TYR A 51 5.13 -10.75 -0.11
CA TYR A 51 5.23 -12.16 -0.45
C TYR A 51 4.39 -12.47 -1.69
N GLU A 52 5.06 -12.92 -2.75
CA GLU A 52 4.37 -13.26 -3.99
C GLU A 52 3.39 -14.41 -3.77
N GLU A 53 3.53 -15.10 -2.65
CA GLU A 53 2.66 -16.22 -2.33
C GLU A 53 1.46 -15.76 -1.50
N GLY A 54 0.87 -14.63 -1.90
CA GLY A 54 -0.27 -14.10 -1.19
C GLY A 54 -1.26 -13.40 -2.11
N ALA A 55 -2.43 -13.09 -1.58
CA ALA A 55 -3.47 -12.42 -2.37
C ALA A 55 -2.98 -11.06 -2.88
N ALA A 56 -2.37 -10.29 -1.98
CA ALA A 56 -1.86 -8.98 -2.35
C ALA A 56 -1.04 -9.03 -3.62
N ALA A 57 -0.23 -10.08 -3.75
CA ALA A 57 0.61 -10.26 -4.93
C ALA A 57 -0.22 -10.74 -6.13
N ARG A 58 -1.19 -11.60 -5.86
CA ARG A 58 -2.05 -12.13 -6.91
C ARG A 58 -2.61 -11.00 -7.77
N ASP A 59 -2.64 -9.79 -7.21
CA ASP A 59 -3.16 -8.64 -7.93
C ASP A 59 -2.04 -7.91 -8.67
N GLY A 60 -1.02 -7.50 -7.92
CA GLY A 60 0.10 -6.80 -8.51
C GLY A 60 -0.07 -5.29 -8.48
N ARG A 61 -0.87 -4.81 -7.53
CA ARG A 61 -1.13 -3.39 -7.39
C ARG A 61 -0.20 -2.77 -6.35
N LEU A 62 -0.01 -3.47 -5.24
CA LEU A 62 0.86 -2.99 -4.16
C LEU A 62 2.31 -3.41 -4.41
N TRP A 63 3.18 -2.41 -4.54
CA TRP A 63 4.59 -2.65 -4.78
C TRP A 63 5.43 -2.30 -3.56
N ALA A 64 6.42 -3.12 -3.25
CA ALA A 64 7.29 -2.90 -2.11
C ALA A 64 7.83 -1.47 -2.12
N GLY A 65 7.67 -0.77 -1.00
CA GLY A 65 8.16 0.59 -0.90
C GLY A 65 7.04 1.61 -0.95
N ASP A 66 5.81 1.15 -0.79
CA ASP A 66 4.65 2.02 -0.81
C ASP A 66 4.33 2.56 0.58
N GLN A 67 3.53 3.61 0.64
CA GLN A 67 3.15 4.22 1.91
C GLN A 67 1.63 4.23 2.09
N ILE A 68 1.14 3.41 3.00
CA ILE A 68 -0.29 3.33 3.26
C ILE A 68 -0.74 4.45 4.21
N LEU A 69 -2.00 4.84 4.08
CA LEU A 69 -2.56 5.90 4.93
C LEU A 69 -3.79 5.40 5.68
N GLU A 70 -4.47 4.42 5.10
CA GLU A 70 -5.67 3.86 5.71
C GLU A 70 -5.94 2.45 5.20
N VAL A 71 -6.72 1.69 5.96
CA VAL A 71 -7.05 0.32 5.57
C VAL A 71 -8.43 -0.06 6.08
N ASN A 72 -9.21 -0.72 5.22
CA ASN A 72 -10.55 -1.15 5.58
C ASN A 72 -11.28 -0.07 6.38
N GLY A 73 -11.02 1.19 6.03
CA GLY A 73 -11.65 2.29 6.73
C GLY A 73 -11.12 2.48 8.13
N VAL A 74 -9.80 2.37 8.28
CA VAL A 74 -9.16 2.53 9.58
C VAL A 74 -7.83 3.27 9.46
N ASP A 75 -7.80 4.51 9.93
CA ASP A 75 -6.60 5.32 9.88
C ASP A 75 -5.40 4.55 10.41
N LEU A 76 -4.30 4.61 9.67
CA LEU A 76 -3.07 3.92 10.07
C LEU A 76 -1.94 4.92 10.33
N ARG A 77 -2.04 6.09 9.71
CA ARG A 77 -1.03 7.12 9.88
C ARG A 77 -0.72 7.35 11.36
N ASN A 78 -1.62 6.91 12.22
CA ASN A 78 -1.45 7.07 13.66
C ASN A 78 -1.33 5.70 14.35
N SER A 79 -2.13 4.75 13.89
CA SER A 79 -2.11 3.40 14.46
C SER A 79 -0.68 2.92 14.67
N SER A 80 -0.48 2.14 15.73
CA SER A 80 0.84 1.61 16.05
C SER A 80 1.22 0.47 15.10
N HIS A 81 2.51 0.15 15.06
CA HIS A 81 2.99 -0.92 14.19
C HIS A 81 2.07 -2.14 14.27
N GLU A 82 1.90 -2.67 15.47
CA GLU A 82 1.05 -3.84 15.67
C GLU A 82 -0.38 -3.56 15.18
N GLU A 83 -0.94 -2.44 15.62
CA GLU A 83 -2.30 -2.07 15.23
C GLU A 83 -2.48 -2.22 13.72
N ALA A 84 -1.53 -1.68 12.96
CA ALA A 84 -1.59 -1.73 11.51
C ALA A 84 -1.62 -3.19 11.02
N ILE A 85 -0.99 -4.08 11.79
CA ILE A 85 -0.95 -5.49 11.43
C ILE A 85 -2.34 -6.13 11.56
N THR A 86 -2.95 -5.97 12.73
CA THR A 86 -4.28 -6.52 12.98
C THR A 86 -5.30 -5.96 11.99
N ALA A 87 -5.19 -4.68 11.70
CA ALA A 87 -6.10 -4.01 10.78
C ALA A 87 -6.10 -4.71 9.41
N LEU A 88 -5.03 -5.45 9.14
CA LEU A 88 -4.90 -6.16 7.88
C LEU A 88 -5.48 -7.57 7.98
N ARG A 89 -5.44 -8.14 9.18
CA ARG A 89 -5.97 -9.48 9.41
C ARG A 89 -7.43 -9.43 9.81
N GLN A 90 -7.94 -8.21 10.05
CA GLN A 90 -9.33 -8.03 10.44
C GLN A 90 -10.17 -7.60 9.25
N THR A 91 -9.62 -7.74 8.04
CA THR A 91 -10.31 -7.35 6.83
C THR A 91 -10.97 -8.56 6.17
N PRO A 92 -12.16 -8.36 5.60
CA PRO A 92 -12.92 -9.42 4.92
C PRO A 92 -12.26 -9.85 3.62
N GLN A 93 -13.02 -10.57 2.79
CA GLN A 93 -12.51 -11.06 1.52
C GLN A 93 -12.01 -9.90 0.65
N LYS A 94 -12.75 -8.79 0.68
CA LYS A 94 -12.38 -7.62 -0.10
C LYS A 94 -11.61 -6.62 0.75
N VAL A 95 -10.28 -6.66 0.66
CA VAL A 95 -9.43 -5.76 1.41
C VAL A 95 -9.14 -4.48 0.63
N ARG A 96 -9.58 -3.35 1.18
CA ARG A 96 -9.36 -2.06 0.53
C ARG A 96 -8.42 -1.19 1.34
N LEU A 97 -7.51 -0.51 0.66
CA LEU A 97 -6.54 0.36 1.32
C LEU A 97 -6.20 1.56 0.45
N VAL A 98 -5.68 2.62 1.07
CA VAL A 98 -5.31 3.83 0.35
C VAL A 98 -3.80 4.01 0.31
N VAL A 99 -3.23 3.94 -0.88
CA VAL A 99 -1.79 4.09 -1.06
C VAL A 99 -1.46 5.47 -1.62
N TYR A 100 -0.22 5.91 -1.37
CA TYR A 100 0.23 7.22 -1.85
C TYR A 100 1.65 7.14 -2.38
N ARG A 101 1.89 7.77 -3.53
CA ARG A 101 3.21 7.77 -4.15
C ARG A 101 3.66 9.19 -4.45
N ASP A 102 4.95 9.34 -4.78
CA ASP A 102 5.50 10.65 -5.09
C ASP A 102 5.70 10.80 -6.59
N GLU A 103 5.62 12.04 -7.07
CA GLU A 103 5.78 12.34 -8.49
C GLU A 103 7.12 13.05 -8.75
N ALA A 104 8.19 12.52 -8.17
CA ALA A 104 9.51 13.11 -8.33
C ALA A 104 10.60 12.13 -7.90
N HIS A 105 11.84 12.43 -8.29
CA HIS A 105 12.97 11.58 -7.93
C HIS A 105 12.80 10.19 -8.54
N TYR A 106 12.42 10.14 -9.80
CA TYR A 106 12.22 8.87 -10.49
C TYR A 106 13.55 8.15 -10.71
N ARG A 107 14.02 7.47 -9.68
CA ARG A 107 15.29 6.74 -9.76
C ARG A 107 15.43 6.06 -11.12
N ASP A 108 16.20 6.68 -12.00
CA ASP A 108 16.42 6.13 -13.34
C ASP A 108 17.61 5.17 -13.34
N GLU A 109 18.43 5.24 -12.29
CA GLU A 109 19.60 4.38 -12.18
C GLU A 109 19.44 3.42 -11.00
N GLU A 110 18.58 2.42 -11.17
CA GLU A 110 18.34 1.43 -10.12
C GLU A 110 18.56 0.01 -10.65
N SER A 111 19.79 -0.48 -10.52
CA SER A 111 20.12 -1.82 -10.99
C SER A 111 21.33 -2.37 -10.25
N GLY A 112 21.17 -3.53 -9.61
CA GLY A 112 22.25 -4.13 -8.88
C GLY A 112 23.21 -4.90 -9.78
N PRO A 113 24.12 -5.67 -9.16
CA PRO A 113 25.10 -6.47 -9.89
C PRO A 113 24.47 -7.64 -10.63
N SER A 114 23.18 -7.88 -10.37
CA SER A 114 22.46 -8.97 -11.01
C SER A 114 23.32 -10.23 -11.07
N SER A 115 24.08 -10.47 -10.00
CA SER A 115 24.94 -11.64 -9.94
C SER A 115 24.12 -12.93 -9.86
N GLY A 116 24.81 -14.06 -9.88
CA GLY A 116 24.13 -15.34 -9.82
C GLY A 116 25.05 -16.47 -9.41
N GLY A 1 -17.13 11.58 -9.37
CA GLY A 1 -17.07 12.37 -10.59
C GLY A 1 -16.41 11.61 -11.73
N SER A 2 -15.94 12.35 -12.73
CA SER A 2 -15.28 11.75 -13.89
C SER A 2 -13.88 11.26 -13.53
N SER A 3 -13.17 12.07 -12.75
CA SER A 3 -11.81 11.72 -12.34
C SER A 3 -11.76 10.32 -11.75
N GLY A 4 -10.86 9.50 -12.26
CA GLY A 4 -10.73 8.13 -11.77
C GLY A 4 -12.05 7.38 -11.80
N SER A 5 -12.47 6.97 -12.98
CA SER A 5 -13.72 6.24 -13.14
C SER A 5 -13.79 5.07 -12.17
N SER A 6 -15.00 4.78 -11.69
CA SER A 6 -15.20 3.69 -10.74
C SER A 6 -14.27 2.52 -11.05
N GLY A 7 -13.40 2.20 -10.10
CA GLY A 7 -12.46 1.11 -10.29
C GLY A 7 -11.13 1.37 -9.61
N PRO A 8 -11.05 1.07 -8.30
CA PRO A 8 -9.84 1.26 -7.52
C PRO A 8 -8.74 0.29 -7.90
N ALA A 9 -9.14 -0.92 -8.28
CA ALA A 9 -8.18 -1.95 -8.68
C ALA A 9 -7.88 -1.88 -10.17
N THR A 10 -8.94 -1.86 -10.98
CA THR A 10 -8.80 -1.80 -12.43
C THR A 10 -7.82 -0.70 -12.84
N CYS A 11 -8.08 0.51 -12.37
CA CYS A 11 -7.21 1.64 -12.69
C CYS A 11 -5.85 1.50 -12.01
N PRO A 12 -4.81 2.04 -12.67
CA PRO A 12 -3.44 1.97 -12.16
C PRO A 12 -3.24 2.85 -10.92
N ILE A 13 -2.00 2.91 -10.43
CA ILE A 13 -1.69 3.70 -9.25
C ILE A 13 -1.06 5.04 -9.64
N VAL A 14 -1.81 6.12 -9.47
CA VAL A 14 -1.32 7.45 -9.81
C VAL A 14 -0.40 7.99 -8.71
N PRO A 15 0.72 8.59 -9.12
CA PRO A 15 1.70 9.16 -8.19
C PRO A 15 1.17 10.41 -7.49
N GLY A 16 1.78 10.75 -6.36
CA GLY A 16 1.35 11.92 -5.60
C GLY A 16 -0.16 12.06 -5.57
N GLN A 17 -0.86 10.95 -5.71
CA GLN A 17 -2.32 10.96 -5.68
C GLN A 17 -2.86 9.82 -4.83
N GLU A 18 -3.44 10.18 -3.68
CA GLU A 18 -4.00 9.18 -2.77
C GLU A 18 -5.06 8.33 -3.47
N MET A 19 -4.65 7.16 -3.93
CA MET A 19 -5.57 6.25 -4.62
C MET A 19 -5.93 5.06 -3.73
N ILE A 20 -7.09 4.47 -3.98
CA ILE A 20 -7.55 3.32 -3.21
C ILE A 20 -7.43 2.03 -4.00
N ILE A 21 -7.22 0.92 -3.31
CA ILE A 21 -7.09 -0.38 -3.96
C ILE A 21 -7.81 -1.46 -3.16
N GLU A 22 -8.52 -2.33 -3.87
CA GLU A 22 -9.26 -3.43 -3.24
C GLU A 22 -8.73 -4.79 -3.69
N ILE A 23 -8.36 -5.62 -2.73
CA ILE A 23 -7.85 -6.95 -3.04
C ILE A 23 -8.72 -8.04 -2.43
N SER A 24 -9.02 -9.06 -3.23
CA SER A 24 -9.85 -10.17 -2.76
C SER A 24 -9.00 -11.28 -2.14
N LYS A 25 -9.35 -11.70 -0.95
CA LYS A 25 -8.62 -12.75 -0.25
C LYS A 25 -8.85 -14.10 -0.91
N GLY A 26 -7.79 -14.68 -1.47
CA GLY A 26 -7.91 -15.97 -2.13
C GLY A 26 -7.44 -17.11 -1.24
N ARG A 27 -6.13 -17.30 -1.15
CA ARG A 27 -5.58 -18.37 -0.33
C ARG A 27 -4.54 -17.82 0.65
N SER A 28 -4.46 -18.44 1.82
CA SER A 28 -3.52 -18.02 2.85
C SER A 28 -3.66 -16.52 3.13
N GLY A 29 -4.91 -16.09 3.34
CA GLY A 29 -5.16 -14.69 3.62
C GLY A 29 -4.36 -13.76 2.72
N LEU A 30 -3.58 -12.88 3.33
CA LEU A 30 -2.77 -11.94 2.58
C LEU A 30 -1.29 -12.27 2.71
N GLY A 31 -0.50 -11.87 1.70
CA GLY A 31 0.93 -12.14 1.72
C GLY A 31 1.75 -10.88 1.57
N LEU A 32 1.74 -10.03 2.59
CA LEU A 32 2.50 -8.79 2.57
C LEU A 32 2.96 -8.39 3.97
N SER A 33 3.88 -7.44 4.04
CA SER A 33 4.41 -6.98 5.31
C SER A 33 4.42 -5.46 5.38
N ILE A 34 4.44 -4.92 6.59
CA ILE A 34 4.47 -3.47 6.78
C ILE A 34 5.58 -3.07 7.75
N VAL A 35 5.78 -1.76 7.89
CA VAL A 35 6.81 -1.24 8.78
C VAL A 35 6.51 0.21 9.17
N GLY A 36 6.67 0.53 10.44
CA GLY A 36 6.43 1.88 10.92
C GLY A 36 5.30 1.95 11.92
N GLY A 37 4.84 3.16 12.20
CA GLY A 37 3.76 3.34 13.16
C GLY A 37 3.97 4.54 14.05
N LYS A 38 3.84 4.34 15.36
CA LYS A 38 4.01 5.41 16.33
C LYS A 38 5.37 5.32 17.01
N ASP A 39 5.75 4.10 17.38
CA ASP A 39 7.03 3.86 18.04
C ASP A 39 8.14 3.65 17.02
N THR A 40 7.97 4.23 15.84
CA THR A 40 8.96 4.09 14.77
C THR A 40 9.38 5.46 14.24
N PRO A 41 10.57 5.51 13.62
CA PRO A 41 11.12 6.75 13.06
C PRO A 41 10.34 7.22 11.83
N LEU A 42 9.34 6.44 11.44
CA LEU A 42 8.53 6.77 10.28
C LEU A 42 7.05 6.82 10.64
N ASN A 43 6.45 8.01 10.50
CA ASN A 43 5.04 8.19 10.82
C ASN A 43 4.16 7.82 9.63
N ALA A 44 4.61 6.84 8.85
CA ALA A 44 3.87 6.38 7.69
C ALA A 44 4.12 4.91 7.42
N ILE A 45 3.04 4.14 7.31
CA ILE A 45 3.14 2.70 7.06
C ILE A 45 3.68 2.44 5.66
N VAL A 46 4.71 1.59 5.58
CA VAL A 46 5.31 1.25 4.29
C VAL A 46 5.32 -0.26 4.08
N ILE A 47 5.22 -0.68 2.82
CA ILE A 47 5.23 -2.09 2.48
C ILE A 47 6.65 -2.63 2.37
N HIS A 48 7.10 -3.33 3.40
CA HIS A 48 8.44 -3.91 3.42
C HIS A 48 8.61 -4.91 2.28
N GLU A 49 7.69 -5.85 2.18
CA GLU A 49 7.74 -6.86 1.14
C GLU A 49 6.34 -7.37 0.79
N VAL A 50 6.20 -7.94 -0.40
CA VAL A 50 4.91 -8.46 -0.85
C VAL A 50 5.03 -9.92 -1.27
N TYR A 51 4.95 -10.82 -0.29
CA TYR A 51 5.05 -12.25 -0.56
C TYR A 51 4.34 -12.61 -1.86
N GLU A 52 5.13 -12.78 -2.92
CA GLU A 52 4.58 -13.13 -4.23
C GLU A 52 3.77 -14.42 -4.15
N GLU A 53 3.99 -15.19 -3.09
CA GLU A 53 3.27 -16.44 -2.90
C GLU A 53 2.08 -16.26 -1.95
N GLY A 54 1.34 -15.18 -2.17
CA GLY A 54 0.18 -14.90 -1.32
C GLY A 54 -1.00 -14.39 -2.12
N ALA A 55 -1.73 -13.44 -1.54
CA ALA A 55 -2.89 -12.86 -2.20
C ALA A 55 -2.57 -11.48 -2.76
N ALA A 56 -2.27 -10.53 -1.87
CA ALA A 56 -1.94 -9.17 -2.27
C ALA A 56 -1.12 -9.16 -3.56
N ALA A 57 -0.23 -10.15 -3.70
CA ALA A 57 0.62 -10.26 -4.87
C ALA A 57 -0.21 -10.49 -6.13
N ARG A 58 -1.07 -11.52 -6.09
CA ARG A 58 -1.92 -11.85 -7.21
C ARG A 58 -2.35 -10.59 -7.97
N ASP A 59 -2.84 -9.61 -7.22
CA ASP A 59 -3.29 -8.35 -7.81
C ASP A 59 -2.18 -7.71 -8.64
N GLY A 60 -1.03 -7.48 -8.01
CA GLY A 60 0.09 -6.87 -8.70
C GLY A 60 0.03 -5.36 -8.69
N ARG A 61 -0.78 -4.81 -7.79
CA ARG A 61 -0.93 -3.36 -7.67
C ARG A 61 -0.04 -2.80 -6.57
N LEU A 62 0.08 -3.56 -5.49
CA LEU A 62 0.91 -3.14 -4.36
C LEU A 62 2.37 -3.51 -4.58
N TRP A 63 3.22 -2.50 -4.68
CA TRP A 63 4.65 -2.72 -4.89
C TRP A 63 5.45 -2.39 -3.63
N ALA A 64 6.44 -3.21 -3.34
CA ALA A 64 7.28 -3.01 -2.16
C ALA A 64 7.83 -1.58 -2.11
N GLY A 65 7.48 -0.86 -1.05
CA GLY A 65 7.94 0.51 -0.92
C GLY A 65 6.80 1.51 -0.91
N ASP A 66 5.58 1.01 -1.06
CA ASP A 66 4.40 1.86 -1.08
C ASP A 66 4.10 2.41 0.31
N GLN A 67 3.28 3.45 0.37
CA GLN A 67 2.91 4.07 1.65
C GLN A 67 1.41 3.98 1.87
N ILE A 68 1.01 3.25 2.91
CA ILE A 68 -0.40 3.10 3.24
C ILE A 68 -0.89 4.25 4.12
N LEU A 69 -2.17 4.58 3.98
CA LEU A 69 -2.77 5.65 4.77
C LEU A 69 -4.00 5.16 5.52
N GLU A 70 -4.67 4.15 4.97
CA GLU A 70 -5.86 3.60 5.59
C GLU A 70 -6.10 2.16 5.13
N VAL A 71 -6.77 1.38 5.95
CA VAL A 71 -7.07 -0.01 5.63
C VAL A 71 -8.44 -0.42 6.15
N ASN A 72 -9.28 -0.92 5.25
CA ASN A 72 -10.63 -1.35 5.62
C ASN A 72 -11.33 -0.28 6.45
N GLY A 73 -11.00 0.98 6.18
CA GLY A 73 -11.61 2.08 6.91
C GLY A 73 -11.00 2.27 8.29
N VAL A 74 -9.71 1.98 8.41
CA VAL A 74 -9.01 2.12 9.67
C VAL A 74 -7.76 2.97 9.52
N ASP A 75 -7.90 4.27 9.72
CA ASP A 75 -6.78 5.20 9.60
C ASP A 75 -5.52 4.60 10.22
N LEU A 76 -4.44 4.57 9.44
CA LEU A 76 -3.17 4.03 9.91
C LEU A 76 -2.16 5.14 10.13
N ARG A 77 -2.38 6.28 9.49
CA ARG A 77 -1.47 7.42 9.61
C ARG A 77 -1.36 7.85 11.08
N ASN A 78 -2.24 7.31 11.92
CA ASN A 78 -2.23 7.64 13.35
C ASN A 78 -2.06 6.38 14.19
N SER A 79 -2.07 5.23 13.53
CA SER A 79 -1.92 3.95 14.23
C SER A 79 -0.45 3.57 14.35
N SER A 80 -0.18 2.59 15.20
CA SER A 80 1.19 2.13 15.43
C SER A 80 1.46 0.86 14.63
N HIS A 81 2.72 0.43 14.63
CA HIS A 81 3.12 -0.77 13.89
C HIS A 81 2.12 -1.90 14.12
N GLU A 82 2.13 -2.47 15.32
CA GLU A 82 1.21 -3.56 15.66
C GLU A 82 -0.19 -3.26 15.15
N GLU A 83 -0.78 -2.17 15.64
CA GLU A 83 -2.12 -1.77 15.24
C GLU A 83 -2.35 -2.05 13.76
N ALA A 84 -1.44 -1.56 12.92
CA ALA A 84 -1.54 -1.75 11.48
C ALA A 84 -1.64 -3.23 11.14
N ILE A 85 -0.90 -4.05 11.86
CA ILE A 85 -0.91 -5.49 11.63
C ILE A 85 -2.30 -6.08 11.83
N THR A 86 -2.85 -5.85 13.01
CA THR A 86 -4.18 -6.35 13.34
C THR A 86 -5.23 -5.82 12.36
N ALA A 87 -5.10 -4.56 12.00
CA ALA A 87 -6.03 -3.93 11.06
C ALA A 87 -6.08 -4.70 9.74
N LEU A 88 -5.04 -5.48 9.48
CA LEU A 88 -4.96 -6.27 8.24
C LEU A 88 -5.59 -7.64 8.44
N ARG A 89 -5.50 -8.16 9.67
CA ARG A 89 -6.06 -9.47 9.98
C ARG A 89 -7.53 -9.35 10.36
N GLN A 90 -7.99 -8.12 10.57
CA GLN A 90 -9.38 -7.88 10.94
C GLN A 90 -10.20 -7.46 9.72
N THR A 91 -9.64 -7.67 8.53
CA THR A 91 -10.32 -7.32 7.28
C THR A 91 -11.02 -8.54 6.69
N PRO A 92 -12.21 -8.31 6.13
CA PRO A 92 -13.01 -9.37 5.50
C PRO A 92 -12.38 -9.88 4.20
N GLN A 93 -13.17 -10.60 3.41
CA GLN A 93 -12.70 -11.14 2.15
C GLN A 93 -12.12 -10.05 1.28
N LYS A 94 -12.76 -8.88 1.29
CA LYS A 94 -12.31 -7.75 0.49
C LYS A 94 -11.51 -6.76 1.34
N VAL A 95 -10.19 -6.73 1.12
CA VAL A 95 -9.32 -5.83 1.87
C VAL A 95 -8.95 -4.61 1.03
N ARG A 96 -9.59 -3.49 1.33
CA ARG A 96 -9.33 -2.25 0.61
C ARG A 96 -8.36 -1.35 1.39
N LEU A 97 -7.42 -0.76 0.68
CA LEU A 97 -6.44 0.12 1.31
C LEU A 97 -6.11 1.31 0.41
N VAL A 98 -5.73 2.43 1.03
CA VAL A 98 -5.39 3.63 0.29
C VAL A 98 -3.89 3.86 0.26
N VAL A 99 -3.30 3.75 -0.92
CA VAL A 99 -1.86 3.94 -1.08
C VAL A 99 -1.55 5.30 -1.70
N TYR A 100 -0.38 5.83 -1.40
CA TYR A 100 0.04 7.14 -1.91
C TYR A 100 1.52 7.14 -2.27
N ARG A 101 1.81 7.39 -3.54
CA ARG A 101 3.19 7.42 -4.01
C ARG A 101 3.70 8.86 -4.14
N ASP A 102 5.02 9.00 -4.24
CA ASP A 102 5.62 10.33 -4.37
C ASP A 102 6.30 10.49 -5.72
N GLU A 103 6.07 11.62 -6.37
CA GLU A 103 6.66 11.90 -7.67
C GLU A 103 7.68 13.03 -7.58
N ALA A 104 8.23 13.23 -6.38
CA ALA A 104 9.22 14.27 -6.16
C ALA A 104 10.62 13.77 -6.44
N HIS A 105 11.62 14.62 -6.18
CA HIS A 105 13.02 14.25 -6.40
C HIS A 105 13.27 12.80 -6.00
N TYR A 106 13.88 12.03 -6.90
CA TYR A 106 14.17 10.64 -6.64
C TYR A 106 15.66 10.44 -6.35
N ARG A 107 16.50 11.02 -7.20
CA ARG A 107 17.95 10.91 -7.04
C ARG A 107 18.48 11.98 -6.10
N ASP A 108 19.10 11.56 -5.01
CA ASP A 108 19.66 12.49 -4.03
C ASP A 108 21.18 12.44 -4.03
N GLU A 109 21.81 13.60 -3.92
CA GLU A 109 23.26 13.70 -3.92
C GLU A 109 23.83 13.19 -2.59
N GLU A 110 24.61 12.11 -2.66
CA GLU A 110 25.21 11.53 -1.48
C GLU A 110 26.45 12.31 -1.06
N SER A 111 27.47 12.29 -1.91
CA SER A 111 28.72 12.99 -1.64
C SER A 111 28.80 14.30 -2.42
N GLY A 112 29.49 15.28 -1.86
CA GLY A 112 29.62 16.56 -2.52
C GLY A 112 30.31 17.60 -1.65
N PRO A 113 31.06 18.51 -2.28
CA PRO A 113 31.78 19.58 -1.57
C PRO A 113 30.85 20.61 -0.97
N SER A 114 29.59 20.58 -1.40
CA SER A 114 28.59 21.53 -0.90
C SER A 114 28.79 21.80 0.59
N SER A 115 29.22 23.01 0.91
CA SER A 115 29.46 23.39 2.29
C SER A 115 28.26 24.14 2.86
N GLY A 116 28.37 24.59 4.11
CA GLY A 116 27.29 25.31 4.75
C GLY A 116 27.33 25.22 6.26
N GLY A 1 -15.47 20.01 -8.58
CA GLY A 1 -14.77 18.84 -8.07
C GLY A 1 -15.16 17.57 -8.80
N SER A 2 -15.45 16.52 -8.02
CA SER A 2 -15.83 15.24 -8.60
C SER A 2 -17.21 14.80 -8.08
N SER A 3 -18.10 14.47 -9.01
CA SER A 3 -19.44 14.03 -8.64
C SER A 3 -19.46 12.56 -8.26
N GLY A 4 -18.84 11.74 -9.11
CA GLY A 4 -18.79 10.31 -8.85
C GLY A 4 -17.46 9.69 -9.24
N SER A 5 -16.76 9.14 -8.25
CA SER A 5 -15.47 8.52 -8.50
C SER A 5 -15.42 7.11 -7.91
N SER A 6 -14.96 6.15 -8.71
CA SER A 6 -14.87 4.77 -8.27
C SER A 6 -14.13 3.92 -9.30
N GLY A 7 -13.03 3.31 -8.88
CA GLY A 7 -12.25 2.47 -9.79
C GLY A 7 -10.84 2.24 -9.28
N PRO A 8 -10.72 1.58 -8.13
CA PRO A 8 -9.42 1.29 -7.52
C PRO A 8 -8.63 0.24 -8.30
N ALA A 9 -9.35 -0.57 -9.08
CA ALA A 9 -8.72 -1.61 -9.88
C ALA A 9 -8.58 -1.17 -11.34
N THR A 10 -9.71 -0.85 -11.96
CA THR A 10 -9.70 -0.41 -13.36
C THR A 10 -8.49 0.46 -13.66
N CYS A 11 -8.13 1.31 -12.71
CA CYS A 11 -6.97 2.20 -12.88
C CYS A 11 -5.87 1.84 -11.89
N PRO A 12 -4.61 1.94 -12.36
CA PRO A 12 -3.44 1.63 -11.54
C PRO A 12 -3.22 2.66 -10.43
N ILE A 13 -2.06 2.58 -9.79
CA ILE A 13 -1.72 3.52 -8.72
C ILE A 13 -1.14 4.81 -9.28
N VAL A 14 -1.95 5.85 -9.31
CA VAL A 14 -1.52 7.15 -9.81
C VAL A 14 -0.86 7.98 -8.72
N PRO A 15 0.39 8.39 -8.95
CA PRO A 15 1.15 9.19 -8.00
C PRO A 15 0.61 10.62 -7.86
N GLY A 16 1.03 11.31 -6.82
CA GLY A 16 0.57 12.67 -6.59
C GLY A 16 -0.78 12.72 -5.92
N GLN A 17 -1.64 11.76 -6.23
CA GLN A 17 -2.99 11.69 -5.66
C GLN A 17 -3.19 10.39 -4.90
N GLU A 18 -3.87 10.47 -3.76
CA GLU A 18 -4.14 9.30 -2.94
C GLU A 18 -5.12 8.36 -3.64
N MET A 19 -4.66 7.14 -3.93
CA MET A 19 -5.50 6.16 -4.60
C MET A 19 -5.86 5.02 -3.66
N ILE A 20 -6.77 4.15 -4.09
CA ILE A 20 -7.20 3.02 -3.28
C ILE A 20 -7.21 1.73 -4.09
N ILE A 21 -6.85 0.62 -3.45
CA ILE A 21 -6.82 -0.67 -4.11
C ILE A 21 -7.79 -1.65 -3.46
N GLU A 22 -8.15 -2.70 -4.19
CA GLU A 22 -9.07 -3.71 -3.68
C GLU A 22 -8.57 -5.12 -3.99
N ILE A 23 -8.16 -5.84 -2.96
CA ILE A 23 -7.67 -7.20 -3.13
C ILE A 23 -8.62 -8.22 -2.50
N SER A 24 -8.85 -9.32 -3.21
CA SER A 24 -9.75 -10.36 -2.75
C SER A 24 -8.95 -11.54 -2.16
N LYS A 25 -9.04 -11.71 -0.85
CA LYS A 25 -8.33 -12.79 -0.17
C LYS A 25 -8.63 -14.13 -0.84
N GLY A 26 -7.62 -15.00 -0.87
CA GLY A 26 -7.80 -16.31 -1.48
C GLY A 26 -7.82 -17.42 -0.45
N ARG A 27 -6.64 -17.94 -0.11
CA ARG A 27 -6.53 -19.02 0.85
C ARG A 27 -5.61 -18.62 2.01
N SER A 28 -4.35 -18.39 1.70
CA SER A 28 -3.37 -18.00 2.71
C SER A 28 -3.53 -16.53 3.08
N GLY A 29 -4.72 -16.16 3.50
CA GLY A 29 -4.98 -14.78 3.88
C GLY A 29 -4.30 -13.78 2.95
N LEU A 30 -3.56 -12.85 3.53
CA LEU A 30 -2.85 -11.84 2.75
C LEU A 30 -1.36 -12.14 2.69
N GLY A 31 -0.69 -11.61 1.67
CA GLY A 31 0.74 -11.82 1.52
C GLY A 31 1.51 -10.51 1.39
N LEU A 32 1.56 -9.75 2.48
CA LEU A 32 2.27 -8.48 2.48
C LEU A 32 2.88 -8.20 3.85
N SER A 33 3.78 -7.22 3.90
CA SER A 33 4.44 -6.85 5.16
C SER A 33 4.53 -5.33 5.29
N ILE A 34 4.45 -4.85 6.52
CA ILE A 34 4.53 -3.42 6.78
C ILE A 34 5.56 -3.12 7.88
N VAL A 35 5.99 -1.87 7.95
CA VAL A 35 6.97 -1.44 8.95
C VAL A 35 6.74 0.01 9.36
N GLY A 36 7.55 0.48 10.31
CA GLY A 36 7.43 1.84 10.77
C GLY A 36 6.46 1.98 11.93
N GLY A 37 5.72 3.09 11.96
CA GLY A 37 4.77 3.32 13.03
C GLY A 37 5.11 4.53 13.86
N LYS A 38 4.48 4.64 15.03
CA LYS A 38 4.72 5.77 15.93
C LYS A 38 6.09 5.62 16.61
N ASP A 39 6.18 4.69 17.54
CA ASP A 39 7.42 4.45 18.26
C ASP A 39 8.63 4.58 17.34
N THR A 40 8.41 4.28 16.06
CA THR A 40 9.47 4.36 15.06
C THR A 40 9.54 5.75 14.44
N PRO A 41 10.74 6.16 14.01
CA PRO A 41 10.96 7.46 13.39
C PRO A 41 10.34 7.55 12.00
N LEU A 42 9.67 6.49 11.59
CA LEU A 42 9.02 6.45 10.28
C LEU A 42 7.72 7.24 10.29
N ASN A 43 6.89 7.01 11.31
CA ASN A 43 5.62 7.70 11.45
C ASN A 43 4.76 7.51 10.19
N ALA A 44 4.86 6.33 9.59
CA ALA A 44 4.10 6.02 8.39
C ALA A 44 4.24 4.54 8.02
N ILE A 45 3.14 3.92 7.64
CA ILE A 45 3.15 2.52 7.24
C ILE A 45 3.74 2.33 5.86
N VAL A 46 4.82 1.56 5.78
CA VAL A 46 5.48 1.30 4.50
C VAL A 46 5.61 -0.20 4.24
N ILE A 47 5.29 -0.62 3.03
CA ILE A 47 5.38 -2.02 2.66
C ILE A 47 6.83 -2.47 2.55
N HIS A 48 7.29 -3.22 3.54
CA HIS A 48 8.67 -3.71 3.56
C HIS A 48 8.88 -4.76 2.47
N GLU A 49 7.94 -5.69 2.35
CA GLU A 49 8.02 -6.74 1.35
C GLU A 49 6.64 -7.34 1.07
N VAL A 50 6.41 -7.69 -0.20
CA VAL A 50 5.14 -8.27 -0.61
C VAL A 50 5.31 -9.70 -1.09
N TYR A 51 5.09 -10.65 -0.20
CA TYR A 51 5.23 -12.07 -0.53
C TYR A 51 4.53 -12.38 -1.86
N GLU A 52 5.32 -12.59 -2.90
CA GLU A 52 4.79 -12.90 -4.22
C GLU A 52 4.01 -14.21 -4.20
N GLU A 53 4.16 -14.96 -3.11
CA GLU A 53 3.48 -16.24 -2.97
C GLU A 53 2.25 -16.10 -2.06
N GLY A 54 1.57 -14.96 -2.18
CA GLY A 54 0.39 -14.73 -1.37
C GLY A 54 -0.73 -14.08 -2.16
N ALA A 55 -1.74 -13.57 -1.45
CA ALA A 55 -2.87 -12.91 -2.09
C ALA A 55 -2.50 -11.50 -2.53
N ALA A 56 -2.10 -10.67 -1.58
CA ALA A 56 -1.72 -9.29 -1.87
C ALA A 56 -0.91 -9.20 -3.16
N ALA A 57 -0.19 -10.28 -3.47
CA ALA A 57 0.63 -10.33 -4.67
C ALA A 57 -0.18 -10.78 -5.88
N ARG A 58 -1.10 -11.71 -5.64
CA ARG A 58 -1.94 -12.23 -6.72
C ARG A 58 -2.55 -11.09 -7.53
N ASP A 59 -2.96 -10.03 -6.84
CA ASP A 59 -3.56 -8.87 -7.51
C ASP A 59 -2.48 -8.04 -8.20
N GLY A 60 -1.32 -7.90 -7.56
CA GLY A 60 -0.24 -7.13 -8.13
C GLY A 60 -0.51 -5.64 -8.08
N ARG A 61 -1.15 -5.19 -7.01
CA ARG A 61 -1.47 -3.78 -6.84
C ARG A 61 -0.55 -3.14 -5.81
N LEU A 62 -0.22 -3.89 -4.77
CA LEU A 62 0.65 -3.39 -3.71
C LEU A 62 2.09 -3.84 -3.92
N TRP A 63 2.97 -2.89 -4.22
CA TRP A 63 4.38 -3.19 -4.44
C TRP A 63 5.23 -2.69 -3.29
N ALA A 64 6.20 -3.51 -2.88
CA ALA A 64 7.09 -3.15 -1.79
C ALA A 64 7.72 -1.78 -2.00
N GLY A 65 7.28 -0.80 -1.20
CA GLY A 65 7.81 0.54 -1.33
C GLY A 65 6.72 1.59 -1.41
N ASP A 66 5.58 1.29 -0.82
CA ASP A 66 4.44 2.21 -0.82
C ASP A 66 4.12 2.69 0.59
N GLN A 67 3.27 3.70 0.68
CA GLN A 67 2.87 4.26 1.98
C GLN A 67 1.36 4.22 2.15
N ILE A 68 0.90 3.37 3.05
CA ILE A 68 -0.54 3.25 3.32
C ILE A 68 -1.00 4.31 4.31
N LEU A 69 -2.17 4.88 4.05
CA LEU A 69 -2.74 5.91 4.92
C LEU A 69 -3.96 5.38 5.66
N GLU A 70 -4.62 4.38 5.07
CA GLU A 70 -5.81 3.78 5.67
C GLU A 70 -6.05 2.38 5.14
N VAL A 71 -6.68 1.54 5.95
CA VAL A 71 -6.96 0.17 5.55
C VAL A 71 -8.33 -0.27 6.04
N ASN A 72 -9.17 -0.72 5.12
CA ASN A 72 -10.53 -1.17 5.46
C ASN A 72 -11.25 -0.11 6.28
N GLY A 73 -10.88 1.15 6.10
CA GLY A 73 -11.50 2.23 6.82
C GLY A 73 -10.89 2.44 8.20
N VAL A 74 -9.61 2.14 8.32
CA VAL A 74 -8.91 2.30 9.59
C VAL A 74 -7.60 3.07 9.41
N ASP A 75 -7.62 4.35 9.75
CA ASP A 75 -6.44 5.19 9.62
C ASP A 75 -5.23 4.53 10.27
N LEU A 76 -4.09 4.57 9.57
CA LEU A 76 -2.87 3.97 10.07
C LEU A 76 -1.77 5.01 10.19
N ARG A 77 -1.95 6.15 9.53
CA ARG A 77 -0.97 7.24 9.57
C ARG A 77 -0.82 7.77 10.99
N ASN A 78 -1.69 7.33 11.88
CA ASN A 78 -1.67 7.77 13.27
C ASN A 78 -1.45 6.58 14.21
N SER A 79 -1.99 5.43 13.83
CA SER A 79 -1.87 4.22 14.64
C SER A 79 -0.42 3.75 14.69
N SER A 80 -0.17 2.70 15.46
CA SER A 80 1.17 2.14 15.59
C SER A 80 1.36 0.93 14.68
N HIS A 81 2.56 0.38 14.69
CA HIS A 81 2.87 -0.79 13.87
C HIS A 81 1.91 -1.93 14.16
N GLU A 82 2.01 -2.48 15.37
CA GLU A 82 1.15 -3.59 15.78
C GLU A 82 -0.27 -3.40 15.25
N GLU A 83 -0.96 -2.38 15.76
CA GLU A 83 -2.33 -2.09 15.33
C GLU A 83 -2.48 -2.30 13.83
N ALA A 84 -1.65 -1.62 13.05
CA ALA A 84 -1.71 -1.73 11.60
C ALA A 84 -1.74 -3.19 11.17
N ILE A 85 -0.91 -4.01 11.79
CA ILE A 85 -0.85 -5.43 11.46
C ILE A 85 -2.21 -6.09 11.65
N THR A 86 -2.76 -5.97 12.85
CA THR A 86 -4.06 -6.56 13.15
C THR A 86 -5.15 -6.01 12.22
N ALA A 87 -5.06 -4.72 11.92
CA ALA A 87 -6.02 -4.08 11.04
C ALA A 87 -6.03 -4.73 9.65
N LEU A 88 -5.00 -5.51 9.37
CA LEU A 88 -4.89 -6.19 8.09
C LEU A 88 -5.47 -7.60 8.17
N ARG A 89 -5.38 -8.20 9.34
CA ARG A 89 -5.90 -9.55 9.56
C ARG A 89 -7.39 -9.51 9.88
N GLN A 90 -7.89 -8.32 10.17
CA GLN A 90 -9.31 -8.15 10.50
C GLN A 90 -10.10 -7.69 9.29
N THR A 91 -9.48 -7.76 8.11
CA THR A 91 -10.12 -7.34 6.88
C THR A 91 -10.85 -8.51 6.22
N PRO A 92 -12.03 -8.23 5.65
CA PRO A 92 -12.84 -9.24 4.97
C PRO A 92 -12.22 -9.71 3.67
N GLN A 93 -12.99 -10.45 2.88
CA GLN A 93 -12.52 -10.97 1.61
C GLN A 93 -11.97 -9.84 0.74
N LYS A 94 -12.75 -8.78 0.60
CA LYS A 94 -12.35 -7.63 -0.21
C LYS A 94 -11.54 -6.63 0.62
N VAL A 95 -10.23 -6.85 0.69
CA VAL A 95 -9.35 -5.98 1.45
C VAL A 95 -9.01 -4.72 0.66
N ARG A 96 -9.52 -3.58 1.12
CA ARG A 96 -9.27 -2.32 0.45
C ARG A 96 -8.38 -1.41 1.31
N LEU A 97 -7.46 -0.72 0.65
CA LEU A 97 -6.55 0.18 1.36
C LEU A 97 -6.20 1.39 0.49
N VAL A 98 -5.82 2.49 1.15
CA VAL A 98 -5.46 3.71 0.44
C VAL A 98 -3.95 3.92 0.42
N VAL A 99 -3.35 3.82 -0.76
CA VAL A 99 -1.91 4.00 -0.90
C VAL A 99 -1.59 5.29 -1.65
N TYR A 100 -0.50 5.94 -1.25
CA TYR A 100 -0.09 7.18 -1.88
C TYR A 100 1.37 7.12 -2.30
N ARG A 101 1.61 7.09 -3.61
CA ARG A 101 2.97 7.03 -4.14
C ARG A 101 3.43 8.39 -4.63
N ASP A 102 4.39 8.98 -3.93
CA ASP A 102 4.91 10.29 -4.28
C ASP A 102 5.65 10.24 -5.61
N GLU A 103 5.63 11.35 -6.34
CA GLU A 103 6.30 11.42 -7.64
C GLU A 103 7.61 12.20 -7.54
N ALA A 104 8.37 11.94 -6.48
CA ALA A 104 9.64 12.61 -6.26
C ALA A 104 10.67 11.66 -5.64
N HIS A 105 11.92 11.80 -6.07
CA HIS A 105 13.00 10.95 -5.56
C HIS A 105 12.90 9.54 -6.12
N TYR A 106 12.80 9.44 -7.45
CA TYR A 106 12.69 8.14 -8.11
C TYR A 106 13.92 7.29 -7.83
N ARG A 107 15.07 7.72 -8.34
CA ARG A 107 16.31 7.00 -8.14
C ARG A 107 17.01 7.45 -6.86
N ASP A 108 17.70 6.51 -6.22
CA ASP A 108 18.42 6.80 -4.97
C ASP A 108 19.43 7.92 -5.18
N GLU A 109 19.88 8.08 -6.42
CA GLU A 109 20.85 9.12 -6.75
C GLU A 109 20.16 10.44 -7.08
N GLU A 110 20.08 11.32 -6.08
CA GLU A 110 19.44 12.61 -6.25
C GLU A 110 20.28 13.53 -7.13
N SER A 111 19.63 14.42 -7.86
CA SER A 111 20.32 15.35 -8.75
C SER A 111 21.29 16.22 -7.96
N GLY A 112 20.77 17.00 -7.03
CA GLY A 112 21.61 17.87 -6.23
C GLY A 112 21.15 17.96 -4.78
N PRO A 113 21.52 19.05 -4.10
CA PRO A 113 21.15 19.27 -2.71
C PRO A 113 19.66 19.56 -2.54
N SER A 114 18.93 18.60 -1.99
CA SER A 114 17.49 18.75 -1.78
C SER A 114 17.16 20.18 -1.37
N SER A 115 17.79 20.65 -0.29
CA SER A 115 17.55 22.00 0.20
C SER A 115 17.92 23.04 -0.85
N GLY A 116 17.24 24.19 -0.81
CA GLY A 116 17.52 25.25 -1.76
C GLY A 116 16.97 26.58 -1.32
N GLY A 1 -4.56 13.90 -20.11
CA GLY A 1 -5.24 13.95 -18.83
C GLY A 1 -5.56 12.57 -18.30
N SER A 2 -6.78 12.39 -17.80
CA SER A 2 -7.20 11.11 -17.24
C SER A 2 -7.82 10.23 -18.32
N SER A 3 -7.38 8.98 -18.38
CA SER A 3 -7.90 8.04 -19.37
C SER A 3 -8.10 6.65 -18.76
N GLY A 4 -9.24 6.04 -19.05
CA GLY A 4 -9.53 4.72 -18.52
C GLY A 4 -10.72 4.73 -17.58
N SER A 5 -11.17 3.53 -17.19
CA SER A 5 -12.31 3.40 -16.30
C SER A 5 -11.90 3.68 -14.85
N SER A 6 -12.75 4.42 -14.14
CA SER A 6 -12.48 4.77 -12.74
C SER A 6 -12.72 3.57 -11.84
N GLY A 7 -11.99 3.53 -10.73
CA GLY A 7 -12.14 2.44 -9.78
C GLY A 7 -10.84 2.11 -9.07
N PRO A 8 -10.95 1.70 -7.79
CA PRO A 8 -9.79 1.35 -6.97
C PRO A 8 -9.12 0.07 -7.43
N ALA A 9 -9.92 -0.86 -7.95
CA ALA A 9 -9.40 -2.14 -8.44
C ALA A 9 -9.20 -2.11 -9.95
N THR A 10 -8.55 -3.15 -10.47
CA THR A 10 -8.27 -3.24 -11.90
C THR A 10 -7.80 -1.90 -12.46
N CYS A 11 -7.17 -1.11 -11.60
CA CYS A 11 -6.66 0.20 -12.00
C CYS A 11 -5.30 0.48 -11.38
N PRO A 12 -4.42 1.15 -12.14
CA PRO A 12 -3.07 1.48 -11.68
C PRO A 12 -3.08 2.55 -10.59
N ILE A 13 -1.93 2.74 -9.94
CA ILE A 13 -1.81 3.73 -8.89
C ILE A 13 -1.33 5.08 -9.43
N VAL A 14 -2.27 6.02 -9.53
CA VAL A 14 -1.96 7.35 -10.04
C VAL A 14 -1.16 8.16 -9.01
N PRO A 15 0.07 8.54 -9.37
CA PRO A 15 0.95 9.32 -8.49
C PRO A 15 0.46 10.75 -8.31
N GLY A 16 1.01 11.44 -7.32
CA GLY A 16 0.63 12.81 -7.04
C GLY A 16 -0.66 12.91 -6.25
N GLN A 17 -1.60 12.02 -6.55
CA GLN A 17 -2.89 12.01 -5.86
C GLN A 17 -3.13 10.66 -5.18
N GLU A 18 -3.74 10.69 -4.01
CA GLU A 18 -4.03 9.48 -3.25
C GLU A 18 -5.06 8.63 -3.98
N MET A 19 -4.80 7.32 -4.04
CA MET A 19 -5.71 6.39 -4.71
C MET A 19 -6.06 5.22 -3.81
N ILE A 20 -7.12 4.50 -4.15
CA ILE A 20 -7.55 3.35 -3.37
C ILE A 20 -7.38 2.05 -4.15
N ILE A 21 -7.08 0.97 -3.45
CA ILE A 21 -6.90 -0.33 -4.08
C ILE A 21 -7.69 -1.42 -3.35
N GLU A 22 -8.33 -2.28 -4.11
CA GLU A 22 -9.12 -3.37 -3.54
C GLU A 22 -8.59 -4.73 -3.98
N ILE A 23 -8.18 -5.55 -3.02
CA ILE A 23 -7.65 -6.87 -3.31
C ILE A 23 -8.49 -7.95 -2.65
N SER A 24 -8.95 -8.91 -3.44
CA SER A 24 -9.77 -10.00 -2.94
C SER A 24 -8.89 -11.15 -2.45
N LYS A 25 -9.18 -11.63 -1.24
CA LYS A 25 -8.41 -12.72 -0.65
C LYS A 25 -8.77 -14.05 -1.31
N GLY A 26 -7.79 -14.68 -1.95
CA GLY A 26 -8.02 -15.95 -2.61
C GLY A 26 -7.94 -17.12 -1.66
N ARG A 27 -9.00 -17.32 -0.88
CA ARG A 27 -9.05 -18.41 0.08
C ARG A 27 -7.72 -18.55 0.82
N SER A 28 -7.14 -17.41 1.19
CA SER A 28 -5.88 -17.39 1.91
C SER A 28 -5.56 -16.00 2.44
N GLY A 29 -4.78 -15.95 3.51
CA GLY A 29 -4.42 -14.68 4.10
C GLY A 29 -3.46 -13.88 3.24
N LEU A 30 -3.66 -12.56 3.19
CA LEU A 30 -2.81 -11.68 2.38
C LEU A 30 -1.34 -12.02 2.60
N GLY A 31 -0.56 -11.89 1.52
CA GLY A 31 0.86 -12.19 1.61
C GLY A 31 1.72 -10.94 1.48
N LEU A 32 1.72 -10.11 2.52
CA LEU A 32 2.50 -8.88 2.52
C LEU A 32 2.93 -8.51 3.94
N SER A 33 3.92 -7.62 4.04
CA SER A 33 4.43 -7.19 5.33
C SER A 33 4.47 -5.67 5.41
N ILE A 34 4.41 -5.14 6.62
CA ILE A 34 4.45 -3.69 6.84
C ILE A 34 5.46 -3.32 7.92
N VAL A 35 5.68 -2.03 8.09
CA VAL A 35 6.62 -1.54 9.10
C VAL A 35 6.31 -0.10 9.50
N GLY A 36 6.83 0.32 10.64
CA GLY A 36 6.58 1.66 11.12
C GLY A 36 5.48 1.72 12.15
N GLY A 37 4.95 2.93 12.38
CA GLY A 37 3.89 3.09 13.35
C GLY A 37 4.14 4.26 14.30
N LYS A 38 4.07 3.98 15.60
CA LYS A 38 4.29 5.01 16.61
C LYS A 38 5.64 4.80 17.31
N ASP A 39 5.92 3.56 17.68
CA ASP A 39 7.17 3.23 18.36
C ASP A 39 8.28 2.99 17.34
N THR A 40 8.12 3.56 16.15
CA THR A 40 9.11 3.40 15.09
C THR A 40 9.63 4.75 14.62
N PRO A 41 10.83 4.75 14.02
CA PRO A 41 11.46 5.98 13.52
C PRO A 41 10.76 6.53 12.29
N LEU A 42 9.68 5.87 11.89
CA LEU A 42 8.91 6.29 10.72
C LEU A 42 7.41 6.32 11.04
N ASN A 43 6.80 7.50 10.89
CA ASN A 43 5.38 7.66 11.16
C ASN A 43 4.56 7.36 9.90
N ALA A 44 5.13 6.58 9.00
CA ALA A 44 4.44 6.21 7.76
C ALA A 44 4.56 4.72 7.49
N ILE A 45 3.42 4.05 7.34
CA ILE A 45 3.40 2.62 7.08
C ILE A 45 3.90 2.31 5.67
N VAL A 46 4.80 1.34 5.56
CA VAL A 46 5.34 0.95 4.27
C VAL A 46 5.37 -0.56 4.11
N ILE A 47 5.23 -1.03 2.87
CA ILE A 47 5.23 -2.46 2.59
C ILE A 47 6.65 -3.02 2.63
N HIS A 48 6.98 -3.69 3.72
CA HIS A 48 8.31 -4.28 3.88
C HIS A 48 8.58 -5.30 2.78
N GLU A 49 7.68 -6.27 2.64
CA GLU A 49 7.84 -7.30 1.62
C GLU A 49 6.46 -7.76 1.10
N VAL A 50 6.44 -8.20 -0.16
CA VAL A 50 5.20 -8.66 -0.76
C VAL A 50 5.30 -10.12 -1.18
N TYR A 51 4.83 -11.01 -0.31
CA TYR A 51 4.86 -12.44 -0.59
C TYR A 51 4.16 -12.76 -1.91
N GLU A 52 4.76 -13.67 -2.68
CA GLU A 52 4.20 -14.06 -3.97
C GLU A 52 3.05 -15.06 -3.78
N GLU A 53 3.18 -15.91 -2.76
CA GLU A 53 2.16 -16.91 -2.47
C GLU A 53 1.02 -16.30 -1.67
N GLY A 54 0.60 -15.10 -2.06
CA GLY A 54 -0.48 -14.43 -1.37
C GLY A 54 -1.35 -13.60 -2.30
N ALA A 55 -2.41 -13.02 -1.76
CA ALA A 55 -3.32 -12.19 -2.55
C ALA A 55 -2.64 -10.89 -2.99
N ALA A 56 -1.93 -10.27 -2.05
CA ALA A 56 -1.24 -9.01 -2.34
C ALA A 56 -0.47 -9.10 -3.66
N ALA A 57 0.35 -10.14 -3.80
CA ALA A 57 1.13 -10.33 -5.01
C ALA A 57 0.24 -10.51 -6.23
N ARG A 58 -0.77 -11.38 -6.10
CA ARG A 58 -1.69 -11.63 -7.19
C ARG A 58 -2.14 -10.32 -7.86
N ASP A 59 -2.23 -9.27 -7.05
CA ASP A 59 -2.64 -7.97 -7.56
C ASP A 59 -1.46 -7.23 -8.20
N GLY A 60 -0.34 -7.19 -7.48
CA GLY A 60 0.84 -6.51 -7.98
C GLY A 60 0.78 -5.01 -7.80
N ARG A 61 -0.43 -4.50 -7.57
CA ARG A 61 -0.61 -3.06 -7.37
C ARG A 61 0.20 -2.57 -6.17
N LEU A 62 0.44 -3.46 -5.22
CA LEU A 62 1.20 -3.11 -4.03
C LEU A 62 2.65 -3.58 -4.15
N TRP A 63 3.57 -2.64 -4.12
CA TRP A 63 5.00 -2.96 -4.22
C TRP A 63 5.69 -2.83 -2.87
N ALA A 64 7.00 -3.01 -2.86
CA ALA A 64 7.78 -2.91 -1.62
C ALA A 64 8.25 -1.48 -1.39
N GLY A 65 7.51 -0.52 -1.95
CA GLY A 65 7.87 0.88 -1.79
C GLY A 65 6.65 1.78 -1.73
N ASP A 66 5.52 1.23 -1.29
CA ASP A 66 4.29 1.99 -1.19
C ASP A 66 4.08 2.49 0.24
N GLN A 67 3.27 3.54 0.38
CA GLN A 67 2.98 4.10 1.70
C GLN A 67 1.48 4.10 1.97
N ILE A 68 1.05 3.19 2.84
CA ILE A 68 -0.36 3.08 3.19
C ILE A 68 -0.75 4.15 4.20
N LEU A 69 -1.95 4.70 4.04
CA LEU A 69 -2.44 5.73 4.94
C LEU A 69 -3.66 5.23 5.72
N GLU A 70 -4.42 4.32 5.11
CA GLU A 70 -5.60 3.77 5.75
C GLU A 70 -5.85 2.34 5.27
N VAL A 71 -6.63 1.59 6.05
CA VAL A 71 -6.95 0.20 5.71
C VAL A 71 -8.36 -0.15 6.15
N ASN A 72 -9.16 -0.67 5.22
CA ASN A 72 -10.54 -1.05 5.51
C ASN A 72 -11.25 0.05 6.31
N GLY A 73 -10.84 1.29 6.08
CA GLY A 73 -11.46 2.40 6.78
C GLY A 73 -10.92 2.56 8.19
N VAL A 74 -9.61 2.35 8.35
CA VAL A 74 -8.98 2.48 9.66
C VAL A 74 -7.67 3.27 9.56
N ASP A 75 -7.73 4.54 9.91
CA ASP A 75 -6.56 5.41 9.86
C ASP A 75 -5.35 4.71 10.49
N LEU A 76 -4.24 4.69 9.75
CA LEU A 76 -3.03 4.05 10.24
C LEU A 76 -1.91 5.09 10.44
N ARG A 77 -2.03 6.21 9.76
CA ARG A 77 -1.04 7.28 9.86
C ARG A 77 -0.68 7.53 11.31
N ASN A 78 -1.56 7.14 12.23
CA ASN A 78 -1.33 7.32 13.65
C ASN A 78 -1.10 5.97 14.34
N SER A 79 -1.93 4.99 14.01
CA SER A 79 -1.83 3.66 14.60
C SER A 79 -0.37 3.21 14.66
N SER A 80 -0.09 2.26 15.55
CA SER A 80 1.26 1.74 15.71
C SER A 80 1.45 0.46 14.90
N HIS A 81 2.69 0.00 14.81
CA HIS A 81 3.01 -1.21 14.07
C HIS A 81 1.96 -2.28 14.31
N GLU A 82 2.02 -2.89 15.50
CA GLU A 82 1.08 -3.95 15.86
C GLU A 82 -0.32 -3.62 15.35
N GLU A 83 -0.86 -2.49 15.80
CA GLU A 83 -2.20 -2.08 15.39
C GLU A 83 -2.38 -2.22 13.88
N ALA A 84 -1.45 -1.66 13.11
CA ALA A 84 -1.50 -1.73 11.66
C ALA A 84 -1.54 -3.17 11.19
N ILE A 85 -0.94 -4.07 11.96
CA ILE A 85 -0.90 -5.49 11.63
C ILE A 85 -2.28 -6.13 11.83
N THR A 86 -2.85 -5.94 13.01
CA THR A 86 -4.15 -6.50 13.33
C THR A 86 -5.22 -5.96 12.39
N ALA A 87 -5.07 -4.70 11.98
CA ALA A 87 -6.03 -4.07 11.09
C ALA A 87 -6.04 -4.74 9.73
N LEU A 88 -5.01 -5.53 9.46
CA LEU A 88 -4.89 -6.24 8.19
C LEU A 88 -5.48 -7.65 8.30
N ARG A 89 -5.63 -8.13 9.53
CA ARG A 89 -6.17 -9.46 9.76
C ARG A 89 -7.69 -9.41 9.89
N GLN A 90 -8.21 -8.26 10.33
CA GLN A 90 -9.65 -8.09 10.49
C GLN A 90 -10.28 -7.58 9.20
N THR A 91 -9.52 -7.64 8.11
CA THR A 91 -10.01 -7.18 6.82
C THR A 91 -10.84 -8.26 6.12
N PRO A 92 -11.90 -7.82 5.41
CA PRO A 92 -12.78 -8.74 4.69
C PRO A 92 -12.11 -9.37 3.48
N GLN A 93 -12.92 -9.94 2.59
CA GLN A 93 -12.40 -10.59 1.40
C GLN A 93 -11.69 -9.57 0.50
N LYS A 94 -12.40 -8.50 0.15
CA LYS A 94 -11.85 -7.46 -0.70
C LYS A 94 -11.18 -6.37 0.13
N VAL A 95 -9.95 -6.62 0.55
CA VAL A 95 -9.19 -5.66 1.36
C VAL A 95 -9.00 -4.35 0.60
N ARG A 96 -9.60 -3.28 1.12
CA ARG A 96 -9.50 -1.97 0.50
C ARG A 96 -8.59 -1.05 1.31
N LEU A 97 -7.54 -0.55 0.67
CA LEU A 97 -6.59 0.33 1.33
C LEU A 97 -6.32 1.56 0.48
N VAL A 98 -5.67 2.57 1.08
CA VAL A 98 -5.34 3.80 0.38
C VAL A 98 -3.84 4.02 0.31
N VAL A 99 -3.27 3.89 -0.88
CA VAL A 99 -1.85 4.08 -1.08
C VAL A 99 -1.55 5.41 -1.74
N TYR A 100 -0.38 5.99 -1.43
CA TYR A 100 0.02 7.26 -1.98
C TYR A 100 1.45 7.20 -2.51
N ARG A 101 1.60 7.39 -3.82
CA ARG A 101 2.91 7.37 -4.45
C ARG A 101 3.27 8.72 -5.05
N ASP A 102 3.81 9.61 -4.22
CA ASP A 102 4.18 10.95 -4.67
C ASP A 102 5.00 10.87 -5.95
N GLU A 103 5.08 11.99 -6.66
CA GLU A 103 5.84 12.06 -7.90
C GLU A 103 6.99 13.06 -7.80
N ALA A 104 7.61 13.11 -6.62
CA ALA A 104 8.72 14.02 -6.38
C ALA A 104 10.06 13.32 -6.63
N HIS A 105 10.58 13.48 -7.85
CA HIS A 105 11.84 12.87 -8.21
C HIS A 105 11.82 11.36 -7.97
N TYR A 106 10.69 10.74 -8.27
CA TYR A 106 10.53 9.31 -8.08
C TYR A 106 11.70 8.54 -8.68
N ARG A 107 12.10 8.93 -9.89
CA ARG A 107 13.21 8.28 -10.57
C ARG A 107 14.50 8.40 -9.77
N ASP A 108 15.14 7.27 -9.51
CA ASP A 108 16.38 7.25 -8.74
C ASP A 108 17.53 7.81 -9.56
N GLU A 109 18.67 7.99 -8.91
CA GLU A 109 19.87 8.52 -9.58
C GLU A 109 20.21 7.69 -10.81
N GLU A 110 20.33 8.37 -11.95
CA GLU A 110 20.67 7.70 -13.20
C GLU A 110 19.72 6.54 -13.47
N SER A 111 18.42 6.79 -13.29
CA SER A 111 17.40 5.77 -13.51
C SER A 111 16.48 6.15 -14.67
N GLY A 112 16.87 5.75 -15.87
CA GLY A 112 16.06 6.06 -17.04
C GLY A 112 16.17 5.00 -18.12
N PRO A 113 15.07 4.79 -18.86
CA PRO A 113 15.01 3.79 -19.93
C PRO A 113 15.87 4.18 -21.13
N SER A 114 16.44 5.38 -21.08
CA SER A 114 17.28 5.88 -22.16
C SER A 114 18.74 5.53 -21.92
N SER A 115 19.40 5.02 -22.96
CA SER A 115 20.81 4.64 -22.85
C SER A 115 21.47 4.67 -24.23
N GLY A 116 22.80 4.83 -24.23
CA GLY A 116 23.54 4.88 -25.48
C GLY A 116 23.66 3.51 -26.12
N GLY A 1 -14.11 9.13 -20.72
CA GLY A 1 -14.90 9.40 -19.53
C GLY A 1 -14.46 10.68 -18.83
N SER A 2 -15.12 11.01 -17.72
CA SER A 2 -14.80 12.22 -16.97
C SER A 2 -13.86 11.90 -15.82
N SER A 3 -13.01 12.87 -15.47
CA SER A 3 -12.05 12.70 -14.39
C SER A 3 -12.75 12.25 -13.11
N GLY A 4 -12.30 11.13 -12.56
CA GLY A 4 -12.88 10.61 -11.34
C GLY A 4 -12.30 9.27 -10.94
N SER A 5 -11.73 9.21 -9.73
CA SER A 5 -11.13 7.99 -9.23
C SER A 5 -12.17 6.87 -9.13
N SER A 6 -12.43 6.21 -10.26
CA SER A 6 -13.40 5.13 -10.30
C SER A 6 -12.71 3.78 -10.49
N GLY A 7 -13.36 2.71 -10.03
CA GLY A 7 -12.80 1.38 -10.16
C GLY A 7 -11.31 1.36 -9.88
N PRO A 8 -10.95 1.29 -8.59
CA PRO A 8 -9.55 1.25 -8.16
C PRO A 8 -8.86 -0.06 -8.52
N ALA A 9 -9.60 -0.94 -9.22
CA ALA A 9 -9.06 -2.22 -9.62
C ALA A 9 -8.56 -2.17 -11.06
N THR A 10 -9.45 -1.85 -11.99
CA THR A 10 -9.11 -1.78 -13.40
C THR A 10 -7.97 -0.78 -13.63
N CYS A 11 -8.11 0.40 -13.03
CA CYS A 11 -7.09 1.44 -13.18
C CYS A 11 -5.94 1.21 -12.21
N PRO A 12 -4.71 1.47 -12.69
CA PRO A 12 -3.49 1.30 -11.89
C PRO A 12 -3.39 2.33 -10.77
N ILE A 13 -2.19 2.45 -10.19
CA ILE A 13 -1.96 3.39 -9.11
C ILE A 13 -1.46 4.74 -9.64
N VAL A 14 -2.31 5.75 -9.55
CA VAL A 14 -1.95 7.09 -10.02
C VAL A 14 -1.17 7.85 -8.96
N PRO A 15 0.10 8.14 -9.26
CA PRO A 15 0.99 8.87 -8.35
C PRO A 15 0.60 10.34 -8.21
N GLY A 16 1.41 11.10 -7.49
CA GLY A 16 1.12 12.51 -7.29
C GLY A 16 0.01 12.74 -6.29
N GLN A 17 -1.09 12.02 -6.45
CA GLN A 17 -2.23 12.15 -5.55
C GLN A 17 -2.57 10.81 -4.89
N GLU A 18 -2.99 10.87 -3.63
CA GLU A 18 -3.34 9.66 -2.89
C GLU A 18 -4.41 8.86 -3.63
N MET A 19 -4.21 7.55 -3.72
CA MET A 19 -5.15 6.67 -4.40
C MET A 19 -5.50 5.47 -3.52
N ILE A 20 -6.59 4.79 -3.87
CA ILE A 20 -7.04 3.62 -3.12
C ILE A 20 -7.04 2.37 -3.99
N ILE A 21 -6.74 1.23 -3.38
CA ILE A 21 -6.72 -0.03 -4.10
C ILE A 21 -7.69 -1.04 -3.50
N GLU A 22 -8.20 -1.94 -4.33
CA GLU A 22 -9.14 -2.96 -3.86
C GLU A 22 -8.69 -4.35 -4.30
N ILE A 23 -8.36 -5.19 -3.32
CA ILE A 23 -7.91 -6.55 -3.60
C ILE A 23 -8.82 -7.57 -2.94
N SER A 24 -9.25 -8.56 -3.72
CA SER A 24 -10.13 -9.61 -3.21
C SER A 24 -9.33 -10.82 -2.76
N LYS A 25 -9.47 -11.19 -1.49
CA LYS A 25 -8.76 -12.34 -0.94
C LYS A 25 -9.05 -13.60 -1.76
N GLY A 26 -7.99 -14.26 -2.22
CA GLY A 26 -8.15 -15.46 -3.01
C GLY A 26 -7.96 -16.72 -2.17
N ARG A 27 -7.31 -17.72 -2.76
CA ARG A 27 -7.07 -18.97 -2.08
C ARG A 27 -6.61 -18.73 -0.63
N SER A 28 -5.46 -18.09 -0.48
CA SER A 28 -4.92 -17.80 0.84
C SER A 28 -5.01 -16.30 1.15
N GLY A 29 -5.23 -15.99 2.42
CA GLY A 29 -5.34 -14.60 2.83
C GLY A 29 -4.16 -13.77 2.37
N LEU A 30 -4.25 -12.46 2.58
CA LEU A 30 -3.19 -11.54 2.18
C LEU A 30 -1.84 -11.98 2.77
N GLY A 31 -0.77 -11.79 2.00
CA GLY A 31 0.55 -12.17 2.46
C GLY A 31 1.58 -11.08 2.22
N LEU A 32 1.38 -9.92 2.84
CA LEU A 32 2.29 -8.80 2.67
C LEU A 32 2.96 -8.45 4.01
N SER A 33 3.74 -7.38 4.00
CA SER A 33 4.43 -6.93 5.21
C SER A 33 4.46 -5.41 5.29
N ILE A 34 4.68 -4.89 6.49
CA ILE A 34 4.73 -3.45 6.71
C ILE A 34 5.75 -3.09 7.78
N VAL A 35 5.98 -1.79 7.96
CA VAL A 35 6.94 -1.31 8.95
C VAL A 35 6.68 0.14 9.29
N GLY A 36 6.77 0.47 10.58
CA GLY A 36 6.55 1.84 11.02
C GLY A 36 5.49 1.93 12.11
N GLY A 37 4.73 3.02 12.10
CA GLY A 37 3.70 3.22 13.10
C GLY A 37 4.12 4.18 14.19
N LYS A 38 3.91 3.78 15.44
CA LYS A 38 4.26 4.62 16.58
C LYS A 38 5.65 4.25 17.10
N ASP A 39 6.14 5.05 18.05
CA ASP A 39 7.46 4.82 18.63
C ASP A 39 8.44 4.31 17.58
N THR A 40 8.26 4.77 16.34
CA THR A 40 9.12 4.36 15.25
C THR A 40 9.73 5.57 14.55
N PRO A 41 10.90 5.36 13.92
CA PRO A 41 11.62 6.43 13.21
C PRO A 41 10.89 6.87 11.94
N LEU A 42 9.81 6.18 11.62
CA LEU A 42 9.02 6.51 10.43
C LEU A 42 7.55 6.70 10.79
N ASN A 43 7.04 7.91 10.55
CA ASN A 43 5.65 8.22 10.85
C ASN A 43 4.75 7.91 9.65
N ALA A 44 5.13 6.87 8.89
CA ALA A 44 4.35 6.46 7.74
C ALA A 44 4.50 4.97 7.47
N ILE A 45 3.38 4.25 7.45
CA ILE A 45 3.38 2.82 7.22
C ILE A 45 3.93 2.49 5.83
N VAL A 46 5.03 1.75 5.78
CA VAL A 46 5.64 1.37 4.52
C VAL A 46 5.66 -0.14 4.35
N ILE A 47 5.41 -0.60 3.13
CA ILE A 47 5.40 -2.03 2.83
C ILE A 47 6.82 -2.59 2.77
N HIS A 48 7.19 -3.39 3.77
CA HIS A 48 8.51 -3.99 3.82
C HIS A 48 8.72 -4.95 2.65
N GLU A 49 7.75 -5.82 2.43
CA GLU A 49 7.83 -6.79 1.36
C GLU A 49 6.48 -7.48 1.12
N VAL A 50 6.16 -7.75 -0.14
CA VAL A 50 4.90 -8.39 -0.48
C VAL A 50 5.13 -9.85 -0.88
N TYR A 51 5.05 -10.74 0.10
CA TYR A 51 5.24 -12.16 -0.16
C TYR A 51 4.39 -12.63 -1.34
N GLU A 52 5.02 -13.35 -2.26
CA GLU A 52 4.32 -13.85 -3.44
C GLU A 52 3.08 -14.67 -3.04
N GLU A 53 3.29 -15.65 -2.17
CA GLU A 53 2.20 -16.50 -1.70
C GLU A 53 1.03 -15.66 -1.20
N GLY A 54 1.30 -14.38 -0.93
CA GLY A 54 0.26 -13.49 -0.44
C GLY A 54 -0.68 -13.04 -1.55
N ALA A 55 -1.94 -12.85 -1.20
CA ALA A 55 -2.95 -12.42 -2.17
C ALA A 55 -2.47 -11.18 -2.93
N ALA A 56 -2.35 -10.07 -2.21
CA ALA A 56 -1.90 -8.82 -2.81
C ALA A 56 -0.84 -9.07 -3.90
N ALA A 57 -0.09 -10.16 -3.73
CA ALA A 57 0.96 -10.51 -4.69
C ALA A 57 0.35 -10.95 -6.02
N ARG A 58 -0.62 -11.86 -5.94
CA ARG A 58 -1.28 -12.37 -7.14
C ARG A 58 -1.80 -11.22 -8.00
N ASP A 59 -2.32 -10.19 -7.36
CA ASP A 59 -2.85 -9.03 -8.07
C ASP A 59 -1.70 -8.16 -8.61
N GLY A 60 -0.73 -7.87 -7.77
CA GLY A 60 0.39 -7.05 -8.17
C GLY A 60 0.10 -5.57 -8.07
N ARG A 61 -0.75 -5.21 -7.12
CA ARG A 61 -1.12 -3.81 -6.92
C ARG A 61 -0.14 -3.11 -5.99
N LEU A 62 -0.03 -3.62 -4.77
CA LEU A 62 0.87 -3.05 -3.77
C LEU A 62 2.31 -3.46 -4.05
N TRP A 63 3.16 -2.47 -4.32
CA TRP A 63 4.56 -2.72 -4.60
C TRP A 63 5.44 -2.31 -3.43
N ALA A 64 6.48 -3.09 -3.17
CA ALA A 64 7.40 -2.80 -2.08
C ALA A 64 7.99 -1.40 -2.21
N GLY A 65 7.57 -0.50 -1.31
CA GLY A 65 8.08 0.86 -1.35
C GLY A 65 6.96 1.88 -1.38
N ASP A 66 5.76 1.47 -0.96
CA ASP A 66 4.61 2.36 -0.95
C ASP A 66 4.36 2.90 0.46
N GLN A 67 3.39 3.81 0.57
CA GLN A 67 3.06 4.41 1.85
C GLN A 67 1.55 4.33 2.11
N ILE A 68 1.16 3.50 3.07
CA ILE A 68 -0.24 3.34 3.41
C ILE A 68 -0.72 4.45 4.34
N LEU A 69 -1.99 4.79 4.24
CA LEU A 69 -2.57 5.84 5.08
C LEU A 69 -3.78 5.32 5.85
N GLU A 70 -4.47 4.34 5.26
CA GLU A 70 -5.65 3.75 5.89
C GLU A 70 -5.92 2.37 5.33
N VAL A 71 -6.62 1.55 6.11
CA VAL A 71 -6.95 0.18 5.69
C VAL A 71 -8.35 -0.20 6.15
N ASN A 72 -9.11 -0.85 5.27
CA ASN A 72 -10.46 -1.27 5.59
C ASN A 72 -11.18 -0.22 6.44
N GLY A 73 -10.85 1.05 6.19
CA GLY A 73 -11.47 2.13 6.93
C GLY A 73 -10.93 2.25 8.34
N VAL A 74 -9.61 2.05 8.49
CA VAL A 74 -8.97 2.14 9.78
C VAL A 74 -7.71 3.00 9.70
N ASP A 75 -7.80 4.22 10.22
CA ASP A 75 -6.67 5.14 10.22
C ASP A 75 -5.40 4.46 10.71
N LEU A 76 -4.35 4.52 9.90
CA LEU A 76 -3.07 3.91 10.25
C LEU A 76 -2.01 4.96 10.51
N ARG A 77 -2.20 6.14 9.95
CA ARG A 77 -1.26 7.24 10.12
C ARG A 77 -0.95 7.47 11.60
N ASN A 78 -1.89 7.08 12.46
CA ASN A 78 -1.72 7.23 13.89
C ASN A 78 -1.98 5.92 14.62
N SER A 79 -1.38 4.84 14.12
CA SER A 79 -1.55 3.53 14.71
C SER A 79 -0.20 2.89 15.02
N SER A 80 -0.21 1.88 15.89
CA SER A 80 1.01 1.20 16.27
C SER A 80 1.36 0.10 15.27
N HIS A 81 2.65 -0.18 15.13
CA HIS A 81 3.12 -1.21 14.20
C HIS A 81 2.22 -2.43 14.25
N GLU A 82 1.87 -2.86 15.46
CA GLU A 82 1.02 -4.02 15.63
C GLU A 82 -0.38 -3.76 15.09
N GLU A 83 -0.98 -2.65 15.51
CA GLU A 83 -2.32 -2.28 15.07
C GLU A 83 -2.44 -2.42 13.56
N ALA A 84 -1.40 -2.00 12.85
CA ALA A 84 -1.39 -2.07 11.39
C ALA A 84 -1.48 -3.52 10.91
N ILE A 85 -0.79 -4.40 11.63
CA ILE A 85 -0.78 -5.82 11.28
C ILE A 85 -2.15 -6.44 11.48
N THR A 86 -2.74 -6.19 12.65
CA THR A 86 -4.06 -6.73 12.99
C THR A 86 -5.12 -6.16 12.07
N ALA A 87 -4.98 -4.88 11.71
CA ALA A 87 -5.94 -4.22 10.84
C ALA A 87 -5.97 -4.88 9.47
N LEU A 88 -4.95 -5.68 9.16
CA LEU A 88 -4.87 -6.37 7.89
C LEU A 88 -5.47 -7.77 7.98
N ARG A 89 -5.49 -8.32 9.20
CA ARG A 89 -6.02 -9.65 9.42
C ARG A 89 -7.52 -9.57 9.75
N GLN A 90 -7.96 -8.40 10.17
CA GLN A 90 -9.37 -8.21 10.51
C GLN A 90 -10.17 -7.72 9.31
N THR A 91 -9.56 -7.79 8.13
CA THR A 91 -10.22 -7.36 6.91
C THR A 91 -11.05 -8.49 6.30
N PRO A 92 -12.22 -8.13 5.75
CA PRO A 92 -13.14 -9.09 5.13
C PRO A 92 -12.58 -9.65 3.82
N GLN A 93 -13.45 -10.28 3.04
CA GLN A 93 -13.05 -10.86 1.76
C GLN A 93 -12.49 -9.78 0.82
N LYS A 94 -13.10 -8.60 0.87
CA LYS A 94 -12.66 -7.49 0.04
C LYS A 94 -11.78 -6.52 0.83
N VAL A 95 -10.47 -6.62 0.61
CA VAL A 95 -9.52 -5.75 1.31
C VAL A 95 -9.25 -4.48 0.51
N ARG A 96 -9.35 -3.33 1.18
CA ARG A 96 -9.13 -2.04 0.53
C ARG A 96 -8.23 -1.16 1.40
N LEU A 97 -7.31 -0.46 0.75
CA LEU A 97 -6.39 0.43 1.46
C LEU A 97 -6.06 1.66 0.61
N VAL A 98 -5.67 2.74 1.28
CA VAL A 98 -5.33 3.98 0.60
C VAL A 98 -3.82 4.17 0.51
N VAL A 99 -3.28 4.03 -0.69
CA VAL A 99 -1.84 4.19 -0.91
C VAL A 99 -1.53 5.53 -1.56
N TYR A 100 -0.32 6.03 -1.32
CA TYR A 100 0.10 7.30 -1.88
C TYR A 100 1.54 7.22 -2.40
N ARG A 101 1.70 7.46 -3.70
CA ARG A 101 3.02 7.42 -4.32
C ARG A 101 3.33 8.73 -5.04
N ASP A 102 3.80 9.71 -4.29
CA ASP A 102 4.14 11.01 -4.86
C ASP A 102 5.02 10.85 -6.08
N GLU A 103 4.75 11.66 -7.12
CA GLU A 103 5.53 11.60 -8.34
C GLU A 103 6.73 12.53 -8.27
N ALA A 104 7.41 12.52 -7.13
CA ALA A 104 8.58 13.37 -6.93
C ALA A 104 9.87 12.58 -7.16
N HIS A 105 11.00 13.26 -7.01
CA HIS A 105 12.30 12.62 -7.20
C HIS A 105 12.30 11.21 -6.63
N TYR A 106 12.14 10.22 -7.52
CA TYR A 106 12.11 8.82 -7.11
C TYR A 106 13.50 8.35 -6.70
N ARG A 107 14.41 8.31 -7.67
CA ARG A 107 15.78 7.88 -7.41
C ARG A 107 16.45 8.77 -6.37
N ASP A 108 16.36 8.37 -5.11
CA ASP A 108 16.95 9.12 -4.02
C ASP A 108 18.29 9.74 -4.45
N GLU A 109 18.61 10.89 -3.87
CA GLU A 109 19.86 11.59 -4.19
C GLU A 109 20.91 11.34 -3.12
N GLU A 110 22.17 11.55 -3.48
CA GLU A 110 23.28 11.34 -2.56
C GLU A 110 23.54 12.61 -1.74
N SER A 111 24.45 12.51 -0.77
CA SER A 111 24.79 13.64 0.08
C SER A 111 25.11 14.87 -0.77
N GLY A 112 24.68 16.03 -0.30
CA GLY A 112 24.92 17.27 -1.03
C GLY A 112 24.14 18.43 -0.47
N PRO A 113 22.99 18.73 -1.09
CA PRO A 113 22.11 19.83 -0.68
C PRO A 113 21.43 19.55 0.65
N SER A 114 20.94 20.61 1.29
CA SER A 114 20.26 20.48 2.58
C SER A 114 19.04 19.58 2.46
N SER A 115 19.16 18.33 2.92
CA SER A 115 18.07 17.38 2.86
C SER A 115 17.39 17.25 4.22
N GLY A 116 16.06 17.26 4.21
CA GLY A 116 15.31 17.14 5.45
C GLY A 116 14.03 16.34 5.27
N GLY A 1 -11.13 16.17 -18.23
CA GLY A 1 -11.24 15.32 -17.06
C GLY A 1 -12.59 15.43 -16.38
N SER A 2 -13.52 14.56 -16.77
CA SER A 2 -14.86 14.56 -16.20
C SER A 2 -15.00 13.50 -15.13
N SER A 3 -14.84 13.90 -13.88
CA SER A 3 -14.95 12.97 -12.75
C SER A 3 -16.20 12.11 -12.88
N GLY A 4 -16.10 10.86 -12.44
CA GLY A 4 -17.23 9.95 -12.51
C GLY A 4 -16.97 8.64 -11.79
N SER A 5 -17.41 7.54 -12.40
CA SER A 5 -17.23 6.23 -11.81
C SER A 5 -15.90 5.61 -12.26
N SER A 6 -15.14 5.10 -11.29
CA SER A 6 -13.85 4.50 -11.58
C SER A 6 -13.57 3.34 -10.62
N GLY A 7 -12.74 2.40 -11.07
CA GLY A 7 -12.40 1.25 -10.24
C GLY A 7 -11.05 1.38 -9.59
N PRO A 8 -10.92 0.83 -8.37
CA PRO A 8 -9.66 0.88 -7.62
C PRO A 8 -8.57 0.01 -8.23
N ALA A 9 -8.99 -1.07 -8.89
CA ALA A 9 -8.04 -1.97 -9.53
C ALA A 9 -7.88 -1.64 -11.01
N THR A 10 -9.00 -1.41 -11.69
CA THR A 10 -8.98 -1.09 -13.12
C THR A 10 -7.75 -0.26 -13.47
N CYS A 11 -7.55 0.83 -12.74
CA CYS A 11 -6.41 1.70 -12.98
C CYS A 11 -5.31 1.46 -11.95
N PRO A 12 -4.05 1.56 -12.39
CA PRO A 12 -2.88 1.35 -11.51
C PRO A 12 -2.71 2.48 -10.52
N ILE A 13 -1.72 2.34 -9.63
CA ILE A 13 -1.45 3.35 -8.62
C ILE A 13 -0.81 4.60 -9.24
N VAL A 14 -1.48 5.73 -9.09
CA VAL A 14 -0.98 6.99 -9.63
C VAL A 14 -0.28 7.81 -8.55
N PRO A 15 1.01 8.09 -8.77
CA PRO A 15 1.83 8.88 -7.83
C PRO A 15 1.41 10.34 -7.79
N GLY A 16 1.74 11.01 -6.69
CA GLY A 16 1.40 12.41 -6.54
C GLY A 16 -0.08 12.61 -6.26
N GLN A 17 -0.79 11.52 -6.01
CA GLN A 17 -2.22 11.59 -5.73
C GLN A 17 -2.67 10.38 -4.91
N GLU A 18 -3.75 10.56 -4.15
CA GLU A 18 -4.28 9.48 -3.32
C GLU A 18 -5.17 8.55 -4.14
N MET A 19 -4.93 7.24 -4.02
CA MET A 19 -5.71 6.25 -4.74
C MET A 19 -6.13 5.11 -3.83
N ILE A 20 -7.14 4.36 -4.25
CA ILE A 20 -7.63 3.24 -3.46
C ILE A 20 -7.36 1.91 -4.18
N ILE A 21 -7.19 0.85 -3.39
CA ILE A 21 -6.93 -0.47 -3.94
C ILE A 21 -7.85 -1.51 -3.31
N GLU A 22 -8.30 -2.47 -4.14
CA GLU A 22 -9.18 -3.52 -3.66
C GLU A 22 -8.56 -4.90 -3.90
N ILE A 23 -8.20 -5.57 -2.81
CA ILE A 23 -7.59 -6.90 -2.89
C ILE A 23 -8.56 -7.97 -2.41
N SER A 24 -8.80 -8.97 -3.26
CA SER A 24 -9.70 -10.07 -2.91
C SER A 24 -8.92 -11.29 -2.43
N LYS A 25 -8.99 -11.54 -1.12
CA LYS A 25 -8.29 -12.67 -0.53
C LYS A 25 -8.65 -13.97 -1.24
N GLY A 26 -7.63 -14.75 -1.59
CA GLY A 26 -7.86 -16.01 -2.28
C GLY A 26 -7.52 -17.21 -1.41
N ARG A 27 -6.60 -18.04 -1.89
CA ARG A 27 -6.20 -19.24 -1.16
C ARG A 27 -5.84 -18.89 0.29
N SER A 28 -4.92 -17.93 0.44
CA SER A 28 -4.49 -17.51 1.77
C SER A 28 -4.91 -16.07 2.04
N GLY A 29 -4.67 -15.61 3.28
CA GLY A 29 -5.02 -14.26 3.65
C GLY A 29 -4.36 -13.21 2.77
N LEU A 30 -3.31 -12.59 3.29
CA LEU A 30 -2.58 -11.57 2.55
C LEU A 30 -1.08 -11.78 2.66
N GLY A 31 -0.43 -12.03 1.53
CA GLY A 31 1.00 -12.25 1.52
C GLY A 31 1.78 -10.95 1.37
N LEU A 32 1.76 -10.13 2.40
CA LEU A 32 2.46 -8.85 2.38
C LEU A 32 2.96 -8.49 3.77
N SER A 33 3.89 -7.53 3.82
CA SER A 33 4.46 -7.08 5.09
C SER A 33 4.52 -5.56 5.16
N ILE A 34 4.60 -5.03 6.36
CA ILE A 34 4.68 -3.59 6.56
C ILE A 34 5.72 -3.22 7.61
N VAL A 35 6.07 -1.94 7.67
CA VAL A 35 7.07 -1.47 8.63
C VAL A 35 6.74 -0.04 9.09
N GLY A 36 7.55 0.47 10.01
CA GLY A 36 7.34 1.81 10.52
C GLY A 36 6.18 1.89 11.48
N GLY A 37 5.73 3.11 11.77
CA GLY A 37 4.62 3.30 12.69
C GLY A 37 4.70 4.61 13.43
N LYS A 38 4.52 4.57 14.74
CA LYS A 38 4.57 5.76 15.57
C LYS A 38 5.91 5.87 16.29
N ASP A 39 6.16 4.94 17.21
CA ASP A 39 7.40 4.92 17.97
C ASP A 39 8.60 4.98 17.04
N THR A 40 8.41 4.55 15.79
CA THR A 40 9.48 4.54 14.80
C THR A 40 9.61 5.90 14.12
N PRO A 41 10.82 6.21 13.66
CA PRO A 41 11.10 7.48 12.98
C PRO A 41 10.45 7.56 11.60
N LEU A 42 9.72 6.51 11.24
CA LEU A 42 9.03 6.46 9.95
C LEU A 42 7.84 7.41 9.92
N ASN A 43 6.96 7.27 10.91
CA ASN A 43 5.77 8.11 11.00
C ASN A 43 4.83 7.86 9.83
N ALA A 44 4.86 6.64 9.30
CA ALA A 44 4.02 6.27 8.18
C ALA A 44 4.16 4.79 7.84
N ILE A 45 3.04 4.15 7.52
CA ILE A 45 3.04 2.74 7.19
C ILE A 45 3.54 2.51 5.76
N VAL A 46 4.47 1.57 5.62
CA VAL A 46 5.04 1.25 4.31
C VAL A 46 5.21 -0.25 4.13
N ILE A 47 5.06 -0.72 2.90
CA ILE A 47 5.20 -2.14 2.60
C ILE A 47 6.66 -2.53 2.45
N HIS A 48 7.07 -3.57 3.18
CA HIS A 48 8.45 -4.05 3.12
C HIS A 48 8.61 -5.10 2.03
N GLU A 49 7.76 -6.13 2.07
CA GLU A 49 7.83 -7.21 1.09
C GLU A 49 6.42 -7.72 0.76
N VAL A 50 6.24 -8.16 -0.47
CA VAL A 50 4.94 -8.67 -0.93
C VAL A 50 5.05 -10.12 -1.35
N TYR A 51 5.03 -11.03 -0.38
CA TYR A 51 5.12 -12.46 -0.66
C TYR A 51 4.38 -12.81 -1.94
N GLU A 52 5.13 -13.17 -2.97
CA GLU A 52 4.54 -13.53 -4.26
C GLU A 52 3.59 -14.73 -4.11
N GLU A 53 3.66 -15.38 -2.96
CA GLU A 53 2.81 -16.54 -2.69
C GLU A 53 1.63 -16.15 -1.81
N GLY A 54 0.93 -15.09 -2.21
CA GLY A 54 -0.22 -14.64 -1.45
C GLY A 54 -1.15 -13.75 -2.28
N ALA A 55 -2.35 -13.52 -1.77
CA ALA A 55 -3.33 -12.69 -2.46
C ALA A 55 -2.73 -11.35 -2.85
N ALA A 56 -2.30 -10.58 -1.86
CA ALA A 56 -1.69 -9.27 -2.10
C ALA A 56 -0.88 -9.28 -3.39
N ALA A 57 -0.10 -10.32 -3.59
CA ALA A 57 0.72 -10.45 -4.79
C ALA A 57 -0.11 -10.79 -6.01
N ARG A 58 -0.98 -11.79 -5.86
CA ARG A 58 -1.85 -12.23 -6.94
C ARG A 58 -2.41 -11.03 -7.70
N ASP A 59 -2.58 -9.92 -7.00
CA ASP A 59 -3.12 -8.70 -7.60
C ASP A 59 -2.00 -7.89 -8.24
N GLY A 60 -0.97 -7.57 -7.46
CA GLY A 60 0.14 -6.80 -7.98
C GLY A 60 -0.10 -5.30 -7.88
N ARG A 61 -1.03 -4.91 -7.02
CA ARG A 61 -1.35 -3.50 -6.84
C ARG A 61 -0.53 -2.89 -5.70
N LEU A 62 -0.02 -3.76 -4.82
CA LEU A 62 0.78 -3.30 -3.69
C LEU A 62 2.25 -3.69 -3.88
N TRP A 63 3.12 -2.68 -3.91
CA TRP A 63 4.55 -2.92 -4.08
C TRP A 63 5.27 -2.86 -2.74
N ALA A 64 6.58 -3.09 -2.76
CA ALA A 64 7.38 -3.06 -1.55
C ALA A 64 7.92 -1.66 -1.28
N GLY A 65 7.23 -0.65 -1.80
CA GLY A 65 7.66 0.72 -1.60
C GLY A 65 6.50 1.70 -1.63
N ASP A 66 5.31 1.21 -1.28
CA ASP A 66 4.11 2.05 -1.27
C ASP A 66 3.82 2.57 0.14
N GLN A 67 2.96 3.58 0.22
CA GLN A 67 2.60 4.17 1.51
C GLN A 67 1.10 4.03 1.77
N ILE A 68 0.76 3.33 2.84
CA ILE A 68 -0.64 3.13 3.20
C ILE A 68 -1.11 4.19 4.19
N LEU A 69 -2.31 4.72 3.97
CA LEU A 69 -2.88 5.73 4.84
C LEU A 69 -4.02 5.17 5.67
N GLU A 70 -4.85 4.34 5.04
CA GLU A 70 -5.98 3.73 5.73
C GLU A 70 -6.19 2.29 5.25
N VAL A 71 -6.97 1.52 6.02
CA VAL A 71 -7.24 0.14 5.68
C VAL A 71 -8.61 -0.29 6.20
N ASN A 72 -9.45 -0.80 5.29
CA ASN A 72 -10.79 -1.24 5.66
C ASN A 72 -11.48 -0.21 6.54
N GLY A 73 -11.14 1.06 6.34
CA GLY A 73 -11.74 2.12 7.13
C GLY A 73 -11.11 2.25 8.50
N VAL A 74 -9.81 2.02 8.57
CA VAL A 74 -9.09 2.11 9.84
C VAL A 74 -7.82 2.95 9.68
N ASP A 75 -7.91 4.22 10.06
CA ASP A 75 -6.78 5.12 9.96
C ASP A 75 -5.50 4.46 10.48
N LEU A 76 -4.47 4.44 9.65
CA LEU A 76 -3.20 3.83 10.01
C LEU A 76 -2.11 4.89 10.19
N ARG A 77 -2.11 5.88 9.31
CA ARG A 77 -1.14 6.97 9.37
C ARG A 77 -0.92 7.42 10.80
N ASN A 78 -1.92 7.19 11.65
CA ASN A 78 -1.84 7.59 13.05
C ASN A 78 -1.47 6.40 13.93
N SER A 79 -2.12 5.27 13.70
CA SER A 79 -1.86 4.06 14.47
C SER A 79 -0.38 3.69 14.41
N SER A 80 0.02 2.72 15.23
CA SER A 80 1.40 2.27 15.28
C SER A 80 1.59 1.02 14.43
N HIS A 81 2.82 0.49 14.43
CA HIS A 81 3.14 -0.70 13.66
C HIS A 81 2.12 -1.81 13.93
N GLU A 82 2.21 -2.42 15.10
CA GLU A 82 1.29 -3.49 15.47
C GLU A 82 -0.13 -3.16 15.04
N GLU A 83 -0.70 -2.11 15.64
CA GLU A 83 -2.06 -1.70 15.32
C GLU A 83 -2.36 -1.90 13.84
N ALA A 84 -1.40 -1.52 12.99
CA ALA A 84 -1.57 -1.66 11.55
C ALA A 84 -1.61 -3.13 11.14
N ILE A 85 -0.72 -3.93 11.72
CA ILE A 85 -0.66 -5.35 11.41
C ILE A 85 -1.99 -6.03 11.69
N THR A 86 -2.56 -5.76 12.86
CA THR A 86 -3.84 -6.34 13.25
C THR A 86 -4.96 -5.85 12.34
N ALA A 87 -4.92 -4.56 12.00
CA ALA A 87 -5.94 -3.99 11.12
C ALA A 87 -5.99 -4.70 9.78
N LEU A 88 -4.93 -5.45 9.47
CA LEU A 88 -4.86 -6.19 8.22
C LEU A 88 -5.44 -7.58 8.37
N ARG A 89 -5.40 -8.11 9.59
CA ARG A 89 -5.92 -9.44 9.87
C ARG A 89 -7.40 -9.37 10.27
N GLN A 90 -7.91 -8.15 10.41
CA GLN A 90 -9.30 -7.95 10.78
C GLN A 90 -10.14 -7.54 9.58
N THR A 91 -9.57 -7.71 8.38
CA THR A 91 -10.26 -7.35 7.15
C THR A 91 -10.99 -8.56 6.56
N PRO A 92 -12.18 -8.32 6.01
CA PRO A 92 -13.00 -9.37 5.39
C PRO A 92 -12.39 -9.90 4.10
N GLN A 93 -13.20 -10.62 3.34
CA GLN A 93 -12.73 -11.18 2.07
C GLN A 93 -12.13 -10.11 1.18
N LYS A 94 -12.77 -8.95 1.13
CA LYS A 94 -12.30 -7.83 0.33
C LYS A 94 -11.53 -6.83 1.18
N VAL A 95 -10.22 -6.72 0.94
CA VAL A 95 -9.38 -5.79 1.69
C VAL A 95 -9.11 -4.53 0.88
N ARG A 96 -9.75 -3.43 1.27
CA ARG A 96 -9.58 -2.16 0.59
C ARG A 96 -8.66 -1.23 1.39
N LEU A 97 -7.71 -0.62 0.71
CA LEU A 97 -6.77 0.29 1.35
C LEU A 97 -6.48 1.50 0.46
N VAL A 98 -5.99 2.57 1.07
CA VAL A 98 -5.66 3.78 0.33
C VAL A 98 -4.16 4.05 0.35
N VAL A 99 -3.51 3.88 -0.81
CA VAL A 99 -2.08 4.11 -0.92
C VAL A 99 -1.78 5.41 -1.65
N TYR A 100 -0.67 6.04 -1.30
CA TYR A 100 -0.28 7.30 -1.91
C TYR A 100 1.25 7.42 -1.98
N ARG A 101 1.76 7.73 -3.17
CA ARG A 101 3.19 7.87 -3.36
C ARG A 101 3.56 9.34 -3.59
N ASP A 102 4.85 9.59 -3.83
CA ASP A 102 5.33 10.94 -4.07
C ASP A 102 6.19 10.99 -5.32
N GLU A 103 5.80 11.83 -6.27
CA GLU A 103 6.55 11.97 -7.52
C GLU A 103 7.61 13.05 -7.40
N ALA A 104 7.76 13.59 -6.20
CA ALA A 104 8.75 14.64 -5.95
C ALA A 104 10.08 14.29 -6.59
N HIS A 105 10.45 15.03 -7.64
CA HIS A 105 11.70 14.80 -8.35
C HIS A 105 11.94 13.30 -8.55
N TYR A 106 10.96 12.62 -9.12
CA TYR A 106 11.06 11.19 -9.37
C TYR A 106 12.05 10.91 -10.48
N ARG A 107 12.06 11.75 -11.50
CA ARG A 107 12.97 11.60 -12.63
C ARG A 107 14.23 12.43 -12.44
N ASP A 108 15.31 11.78 -12.06
CA ASP A 108 16.58 12.47 -11.84
C ASP A 108 17.22 12.87 -13.17
N GLU A 109 18.11 13.85 -13.12
CA GLU A 109 18.79 14.33 -14.33
C GLU A 109 20.30 14.32 -14.14
N GLU A 110 20.96 13.37 -14.80
CA GLU A 110 22.42 13.25 -14.71
C GLU A 110 23.04 13.12 -16.09
N SER A 111 24.35 13.33 -16.16
CA SER A 111 25.08 13.24 -17.42
C SER A 111 26.26 12.29 -17.31
N GLY A 112 26.98 12.37 -16.19
CA GLY A 112 28.12 11.51 -15.98
C GLY A 112 28.12 10.86 -14.60
N PRO A 113 29.30 10.40 -14.16
CA PRO A 113 29.45 9.75 -12.85
C PRO A 113 29.30 10.74 -11.70
N SER A 114 29.11 12.01 -12.03
CA SER A 114 28.95 13.05 -11.02
C SER A 114 28.15 12.53 -9.83
N SER A 115 27.08 11.80 -10.11
CA SER A 115 26.23 11.25 -9.06
C SER A 115 27.06 10.52 -8.01
N GLY A 116 26.66 10.65 -6.76
CA GLY A 116 27.39 10.00 -5.67
C GLY A 116 28.56 10.82 -5.19
N GLY A 1 -11.42 20.32 -5.88
CA GLY A 1 -12.45 19.77 -6.74
C GLY A 1 -12.42 18.25 -6.78
N SER A 2 -12.86 17.63 -5.68
CA SER A 2 -12.88 16.17 -5.59
C SER A 2 -14.31 15.65 -5.60
N SER A 3 -14.53 14.58 -6.36
CA SER A 3 -15.86 13.98 -6.47
C SER A 3 -15.79 12.48 -6.21
N GLY A 4 -14.98 11.78 -6.99
CA GLY A 4 -14.84 10.34 -6.82
C GLY A 4 -14.33 9.66 -8.07
N SER A 5 -13.68 8.52 -7.89
CA SER A 5 -13.13 7.77 -9.02
C SER A 5 -14.07 6.63 -9.43
N SER A 6 -13.79 6.02 -10.57
CA SER A 6 -14.61 4.93 -11.08
C SER A 6 -14.37 3.65 -10.28
N GLY A 7 -13.10 3.27 -10.15
CA GLY A 7 -12.76 2.07 -9.40
C GLY A 7 -11.32 2.06 -8.95
N PRO A 8 -11.06 1.47 -7.77
CA PRO A 8 -9.71 1.38 -7.21
C PRO A 8 -8.82 0.42 -7.98
N ALA A 9 -9.43 -0.44 -8.78
CA ALA A 9 -8.70 -1.40 -9.58
C ALA A 9 -8.64 -0.98 -11.04
N THR A 10 -9.80 -0.77 -11.65
CA THR A 10 -9.87 -0.36 -13.04
C THR A 10 -8.74 0.59 -13.39
N CYS A 11 -8.48 1.55 -12.51
CA CYS A 11 -7.42 2.52 -12.73
C CYS A 11 -6.17 2.16 -11.93
N PRO A 12 -5.00 2.41 -12.53
CA PRO A 12 -3.71 2.11 -11.89
C PRO A 12 -3.42 3.04 -10.72
N ILE A 13 -2.22 2.92 -10.15
CA ILE A 13 -1.83 3.74 -9.02
C ILE A 13 -1.28 5.08 -9.48
N VAL A 14 -2.09 6.12 -9.38
CA VAL A 14 -1.69 7.46 -9.79
C VAL A 14 -0.75 8.09 -8.77
N PRO A 15 0.37 8.65 -9.26
CA PRO A 15 1.38 9.29 -8.40
C PRO A 15 0.87 10.59 -7.79
N GLY A 16 1.49 11.00 -6.69
CA GLY A 16 1.09 12.24 -6.03
C GLY A 16 -0.42 12.34 -5.87
N GLN A 17 -1.11 11.21 -5.96
CA GLN A 17 -2.55 11.18 -5.83
C GLN A 17 -3.00 10.00 -4.95
N GLU A 18 -3.59 10.32 -3.81
CA GLU A 18 -4.06 9.29 -2.89
C GLU A 18 -5.19 8.47 -3.51
N MET A 19 -4.83 7.30 -4.04
CA MET A 19 -5.81 6.42 -4.66
C MET A 19 -6.13 5.24 -3.77
N ILE A 20 -7.14 4.47 -4.15
CA ILE A 20 -7.55 3.30 -3.37
C ILE A 20 -7.39 2.01 -4.18
N ILE A 21 -7.05 0.93 -3.50
CA ILE A 21 -6.86 -0.36 -4.15
C ILE A 21 -7.64 -1.46 -3.43
N GLU A 22 -8.41 -2.23 -4.20
CA GLU A 22 -9.20 -3.32 -3.63
C GLU A 22 -8.66 -4.67 -4.08
N ILE A 23 -8.23 -5.49 -3.12
CA ILE A 23 -7.70 -6.80 -3.42
C ILE A 23 -8.54 -7.90 -2.77
N SER A 24 -8.68 -9.02 -3.48
CA SER A 24 -9.46 -10.14 -2.97
C SER A 24 -8.57 -11.15 -2.24
N LYS A 25 -9.03 -11.62 -1.09
CA LYS A 25 -8.29 -12.59 -0.30
C LYS A 25 -8.47 -13.99 -0.85
N GLY A 26 -9.47 -14.18 -1.69
CA GLY A 26 -9.74 -15.48 -2.28
C GLY A 26 -9.88 -16.56 -1.23
N ARG A 27 -9.07 -17.61 -1.35
CA ARG A 27 -9.12 -18.73 -0.40
C ARG A 27 -7.85 -18.78 0.43
N SER A 28 -7.38 -17.62 0.88
CA SER A 28 -6.17 -17.54 1.69
C SER A 28 -5.95 -16.12 2.20
N GLY A 29 -5.22 -16.00 3.30
CA GLY A 29 -4.94 -14.69 3.88
C GLY A 29 -3.89 -13.92 3.10
N LEU A 30 -3.87 -12.61 3.30
CA LEU A 30 -2.91 -11.76 2.61
C LEU A 30 -1.47 -12.14 2.98
N GLY A 31 -0.56 -12.00 2.04
CA GLY A 31 0.83 -12.34 2.28
C GLY A 31 1.76 -11.16 2.05
N LEU A 32 1.71 -10.19 2.94
CA LEU A 32 2.57 -9.01 2.83
C LEU A 32 3.17 -8.64 4.18
N SER A 33 4.08 -7.67 4.17
CA SER A 33 4.73 -7.22 5.39
C SER A 33 4.87 -5.71 5.42
N ILE A 34 4.67 -5.12 6.59
CA ILE A 34 4.76 -3.67 6.76
C ILE A 34 5.86 -3.31 7.75
N VAL A 35 6.19 -2.02 7.80
CA VAL A 35 7.23 -1.53 8.71
C VAL A 35 6.93 -0.10 9.16
N GLY A 36 7.60 0.33 10.23
CA GLY A 36 7.40 1.67 10.74
C GLY A 36 6.36 1.72 11.83
N GLY A 37 5.83 2.92 12.09
CA GLY A 37 4.82 3.07 13.13
C GLY A 37 4.89 4.43 13.81
N LYS A 38 4.58 4.46 15.09
CA LYS A 38 4.61 5.71 15.86
C LYS A 38 5.93 5.85 16.62
N ASP A 39 6.32 4.80 17.33
CA ASP A 39 7.56 4.81 18.10
C ASP A 39 8.77 4.82 17.17
N THR A 40 8.60 4.28 15.96
CA THR A 40 9.67 4.24 14.99
C THR A 40 9.83 5.58 14.28
N PRO A 41 11.05 5.84 13.80
CA PRO A 41 11.37 7.09 13.08
C PRO A 41 10.70 7.17 11.72
N LEU A 42 9.96 6.12 11.37
CA LEU A 42 9.27 6.07 10.09
C LEU A 42 8.03 6.95 10.10
N ASN A 43 7.34 6.97 11.24
CA ASN A 43 6.13 7.78 11.39
C ASN A 43 5.19 7.57 10.21
N ALA A 44 5.24 6.37 9.64
CA ALA A 44 4.38 6.03 8.51
C ALA A 44 4.53 4.55 8.14
N ILE A 45 3.40 3.93 7.80
CA ILE A 45 3.40 2.52 7.42
C ILE A 45 4.00 2.32 6.03
N VAL A 46 4.85 1.31 5.90
CA VAL A 46 5.49 1.01 4.62
C VAL A 46 5.59 -0.49 4.39
N ILE A 47 5.38 -0.91 3.15
CA ILE A 47 5.45 -2.32 2.80
C ILE A 47 6.89 -2.76 2.55
N HIS A 48 7.38 -3.69 3.36
CA HIS A 48 8.73 -4.20 3.23
C HIS A 48 8.82 -5.24 2.12
N GLU A 49 7.98 -6.27 2.21
CA GLU A 49 7.96 -7.34 1.21
C GLU A 49 6.53 -7.83 0.98
N VAL A 50 6.30 -8.41 -0.20
CA VAL A 50 4.99 -8.92 -0.55
C VAL A 50 5.06 -10.40 -0.92
N TYR A 51 4.95 -11.27 0.09
CA TYR A 51 5.00 -12.70 -0.14
C TYR A 51 4.22 -13.09 -1.39
N GLU A 52 4.91 -13.72 -2.34
CA GLU A 52 4.28 -14.15 -3.58
C GLU A 52 3.17 -15.17 -3.31
N GLU A 53 3.17 -15.71 -2.10
CA GLU A 53 2.18 -16.71 -1.70
C GLU A 53 1.01 -16.05 -0.96
N GLY A 54 0.59 -14.89 -1.45
CA GLY A 54 -0.51 -14.18 -0.82
C GLY A 54 -1.33 -13.39 -1.82
N ALA A 55 -2.56 -13.06 -1.44
CA ALA A 55 -3.44 -12.30 -2.31
C ALA A 55 -2.76 -11.04 -2.85
N ALA A 56 -2.21 -10.24 -1.95
CA ALA A 56 -1.52 -9.02 -2.33
C ALA A 56 -0.67 -9.23 -3.57
N ALA A 57 0.11 -10.31 -3.57
CA ALA A 57 0.97 -10.63 -4.70
C ALA A 57 0.15 -11.02 -5.92
N ARG A 58 -0.85 -11.88 -5.70
CA ARG A 58 -1.70 -12.33 -6.79
C ARG A 58 -2.12 -11.18 -7.69
N ASP A 59 -2.35 -10.02 -7.09
CA ASP A 59 -2.75 -8.83 -7.83
C ASP A 59 -1.53 -8.08 -8.34
N GLY A 60 -0.60 -7.80 -7.44
CA GLY A 60 0.61 -7.09 -7.82
C GLY A 60 0.43 -5.58 -7.77
N ARG A 61 -0.78 -5.14 -7.47
CA ARG A 61 -1.08 -3.72 -7.38
C ARG A 61 -0.23 -3.05 -6.30
N LEU A 62 0.13 -3.82 -5.29
CA LEU A 62 0.94 -3.29 -4.19
C LEU A 62 2.39 -3.72 -4.33
N TRP A 63 3.29 -2.74 -4.40
CA TRP A 63 4.71 -3.01 -4.55
C TRP A 63 5.45 -2.76 -3.24
N ALA A 64 6.64 -3.33 -3.11
CA ALA A 64 7.45 -3.17 -1.91
C ALA A 64 8.09 -1.79 -1.86
N GLY A 65 7.58 -0.92 -1.00
CA GLY A 65 8.13 0.42 -0.88
C GLY A 65 7.05 1.49 -0.97
N ASP A 66 5.82 1.11 -0.65
CA ASP A 66 4.70 2.05 -0.70
C ASP A 66 4.30 2.48 0.71
N GLN A 67 3.64 3.63 0.79
CA GLN A 67 3.19 4.15 2.08
C GLN A 67 1.67 4.10 2.20
N ILE A 68 1.18 3.29 3.13
CA ILE A 68 -0.25 3.15 3.34
C ILE A 68 -0.80 4.31 4.16
N LEU A 69 -2.10 4.57 4.01
CA LEU A 69 -2.75 5.66 4.73
C LEU A 69 -4.01 5.16 5.44
N GLU A 70 -4.69 4.20 4.83
CA GLU A 70 -5.90 3.65 5.40
C GLU A 70 -6.16 2.23 4.89
N VAL A 71 -6.70 1.38 5.76
CA VAL A 71 -6.98 0.00 5.39
C VAL A 71 -8.34 -0.44 5.90
N ASN A 72 -9.20 -0.92 5.00
CA ASN A 72 -10.53 -1.37 5.36
C ASN A 72 -11.29 -0.28 6.11
N GLY A 73 -10.96 0.98 5.81
CA GLY A 73 -11.61 2.09 6.47
C GLY A 73 -11.06 2.36 7.85
N VAL A 74 -9.76 2.06 8.03
CA VAL A 74 -9.11 2.28 9.32
C VAL A 74 -7.81 3.06 9.15
N ASP A 75 -7.86 4.36 9.42
CA ASP A 75 -6.69 5.21 9.30
C ASP A 75 -5.48 4.57 9.97
N LEU A 76 -4.34 4.59 9.29
CA LEU A 76 -3.12 4.00 9.81
C LEU A 76 -2.08 5.09 10.10
N ARG A 77 -2.26 6.25 9.47
CA ARG A 77 -1.34 7.37 9.66
C ARG A 77 -1.18 7.69 11.15
N ASN A 78 -2.15 7.27 11.95
CA ASN A 78 -2.11 7.52 13.39
C ASN A 78 -1.96 6.21 14.16
N SER A 79 -2.19 5.10 13.47
CA SER A 79 -2.10 3.79 14.10
C SER A 79 -0.63 3.35 14.22
N SER A 80 -0.33 2.62 15.29
CA SER A 80 1.03 2.14 15.53
C SER A 80 1.33 0.90 14.71
N HIS A 81 2.56 0.42 14.80
CA HIS A 81 2.98 -0.77 14.06
C HIS A 81 2.00 -1.92 14.28
N GLU A 82 1.89 -2.35 15.54
CA GLU A 82 0.99 -3.45 15.89
C GLU A 82 -0.40 -3.23 15.32
N GLU A 83 -1.05 -2.14 15.75
CA GLU A 83 -2.38 -1.81 15.28
C GLU A 83 -2.52 -2.09 13.78
N ALA A 84 -1.60 -1.55 13.00
CA ALA A 84 -1.62 -1.75 11.55
C ALA A 84 -1.66 -3.23 11.20
N ILE A 85 -0.82 -4.02 11.87
CA ILE A 85 -0.76 -5.46 11.62
C ILE A 85 -2.12 -6.10 11.83
N THR A 86 -2.74 -5.80 12.98
CA THR A 86 -4.05 -6.35 13.31
C THR A 86 -5.10 -5.90 12.31
N ALA A 87 -5.01 -4.64 11.88
CA ALA A 87 -5.95 -4.09 10.92
C ALA A 87 -5.92 -4.86 9.61
N LEU A 88 -4.86 -5.63 9.41
CA LEU A 88 -4.70 -6.42 8.19
C LEU A 88 -5.29 -7.81 8.37
N ARG A 89 -5.39 -8.26 9.62
CA ARG A 89 -5.94 -9.57 9.92
C ARG A 89 -7.44 -9.49 10.15
N GLN A 90 -7.93 -8.31 10.52
CA GLN A 90 -9.34 -8.11 10.77
C GLN A 90 -10.06 -7.66 9.50
N THR A 91 -9.39 -7.80 8.37
CA THR A 91 -9.96 -7.41 7.09
C THR A 91 -10.70 -8.58 6.44
N PRO A 92 -11.88 -8.29 5.86
CA PRO A 92 -12.70 -9.29 5.19
C PRO A 92 -12.07 -9.79 3.89
N GLN A 93 -12.86 -10.47 3.06
CA GLN A 93 -12.39 -10.98 1.79
C GLN A 93 -11.80 -9.87 0.94
N LYS A 94 -12.57 -8.82 0.73
CA LYS A 94 -12.11 -7.68 -0.07
C LYS A 94 -11.33 -6.69 0.79
N VAL A 95 -10.01 -6.82 0.77
CA VAL A 95 -9.14 -5.93 1.55
C VAL A 95 -8.77 -4.69 0.74
N ARG A 96 -9.39 -3.57 1.06
CA ARG A 96 -9.12 -2.31 0.37
C ARG A 96 -8.20 -1.43 1.20
N LEU A 97 -7.31 -0.72 0.52
CA LEU A 97 -6.37 0.18 1.19
C LEU A 97 -6.08 1.41 0.34
N VAL A 98 -5.48 2.42 0.95
CA VAL A 98 -5.14 3.66 0.25
C VAL A 98 -3.63 3.88 0.22
N VAL A 99 -3.06 3.85 -0.98
CA VAL A 99 -1.62 4.06 -1.14
C VAL A 99 -1.33 5.45 -1.68
N TYR A 100 -0.09 5.89 -1.53
CA TYR A 100 0.33 7.21 -1.99
C TYR A 100 1.75 7.16 -2.55
N ARG A 101 1.88 7.35 -3.85
CA ARG A 101 3.18 7.34 -4.50
C ARG A 101 3.55 8.73 -5.01
N ASP A 102 4.12 9.55 -4.13
CA ASP A 102 4.51 10.90 -4.50
C ASP A 102 5.32 10.91 -5.80
N GLU A 103 5.30 12.03 -6.49
CA GLU A 103 6.02 12.16 -7.76
C GLU A 103 7.13 13.20 -7.64
N ALA A 104 6.95 14.16 -6.74
CA ALA A 104 7.93 15.22 -6.53
C ALA A 104 9.33 14.63 -6.41
N HIS A 105 9.58 13.91 -5.32
CA HIS A 105 10.88 13.30 -5.10
C HIS A 105 10.89 11.84 -5.53
N TYR A 106 12.08 11.30 -5.78
CA TYR A 106 12.21 9.91 -6.20
C TYR A 106 13.21 9.17 -5.31
N ARG A 107 13.47 9.71 -4.14
CA ARG A 107 14.41 9.10 -3.20
C ARG A 107 13.74 8.00 -2.39
N ASP A 108 12.59 7.54 -2.88
CA ASP A 108 11.85 6.47 -2.21
C ASP A 108 12.72 5.23 -2.03
N GLU A 109 13.70 5.07 -2.91
CA GLU A 109 14.60 3.93 -2.86
C GLU A 109 16.06 4.37 -2.87
N GLU A 110 16.98 3.40 -2.85
CA GLU A 110 18.39 3.70 -2.86
C GLU A 110 19.15 2.70 -3.74
N SER A 111 20.22 3.18 -4.39
CA SER A 111 21.02 2.33 -5.26
C SER A 111 20.16 1.71 -6.36
N GLY A 112 19.32 2.53 -6.98
CA GLY A 112 18.46 2.04 -8.03
C GLY A 112 16.99 2.27 -7.73
N PRO A 113 16.14 2.05 -8.75
CA PRO A 113 14.69 2.22 -8.60
C PRO A 113 14.06 1.15 -7.72
N SER A 114 14.87 0.19 -7.30
CA SER A 114 14.39 -0.89 -6.45
C SER A 114 15.21 -0.99 -5.17
N SER A 115 14.60 -1.48 -4.11
CA SER A 115 15.27 -1.63 -2.82
C SER A 115 15.05 -3.01 -2.24
N GLY A 116 15.68 -3.28 -1.10
CA GLY A 116 15.54 -4.57 -0.45
C GLY A 116 15.47 -4.47 1.06
N GLY A 1 -19.64 13.37 -21.53
CA GLY A 1 -19.82 12.71 -20.25
C GLY A 1 -18.71 13.04 -19.26
N SER A 2 -18.32 12.06 -18.46
CA SER A 2 -17.28 12.25 -17.46
C SER A 2 -16.45 10.98 -17.29
N SER A 3 -15.13 11.15 -17.31
CA SER A 3 -14.22 10.01 -17.17
C SER A 3 -13.30 10.20 -15.96
N GLY A 4 -12.80 9.09 -15.43
CA GLY A 4 -11.91 9.16 -14.27
C GLY A 4 -11.43 7.79 -13.85
N SER A 5 -11.32 7.59 -12.54
CA SER A 5 -10.86 6.31 -12.00
C SER A 5 -12.02 5.31 -11.89
N SER A 6 -11.88 4.19 -12.58
CA SER A 6 -12.91 3.15 -12.56
C SER A 6 -12.30 1.79 -12.25
N GLY A 7 -12.83 1.14 -11.22
CA GLY A 7 -12.33 -0.16 -10.84
C GLY A 7 -10.98 -0.10 -10.15
N PRO A 8 -11.00 0.14 -8.83
CA PRO A 8 -9.77 0.24 -8.03
C PRO A 8 -9.07 -1.10 -7.88
N ALA A 9 -9.68 -2.15 -8.40
CA ALA A 9 -9.11 -3.48 -8.33
C ALA A 9 -7.98 -3.65 -9.34
N THR A 10 -8.29 -3.46 -10.61
CA THR A 10 -7.31 -3.59 -11.67
C THR A 10 -6.84 -2.22 -12.16
N CYS A 11 -7.07 -1.21 -11.35
CA CYS A 11 -6.67 0.16 -11.71
C CYS A 11 -5.27 0.47 -11.20
N PRO A 12 -4.51 1.24 -11.99
CA PRO A 12 -3.14 1.62 -11.63
C PRO A 12 -3.10 2.60 -10.47
N ILE A 13 -1.89 3.01 -10.09
CA ILE A 13 -1.71 3.94 -8.99
C ILE A 13 -1.23 5.30 -9.49
N VAL A 14 -2.12 6.27 -9.50
CA VAL A 14 -1.79 7.62 -9.95
C VAL A 14 -0.93 8.35 -8.93
N PRO A 15 0.28 8.74 -9.35
CA PRO A 15 1.23 9.45 -8.48
C PRO A 15 0.77 10.87 -8.17
N GLY A 16 1.22 11.39 -7.03
CA GLY A 16 0.85 12.74 -6.63
C GLY A 16 -0.54 12.80 -6.04
N GLN A 17 -1.46 12.03 -6.62
CA GLN A 17 -2.85 12.00 -6.14
C GLN A 17 -3.14 10.70 -5.40
N GLU A 18 -3.66 10.83 -4.18
CA GLU A 18 -3.99 9.66 -3.37
C GLU A 18 -5.03 8.78 -4.08
N MET A 19 -4.74 7.48 -4.13
CA MET A 19 -5.65 6.54 -4.78
C MET A 19 -5.93 5.35 -3.86
N ILE A 20 -7.00 4.62 -4.15
CA ILE A 20 -7.37 3.45 -3.36
C ILE A 20 -7.28 2.18 -4.18
N ILE A 21 -7.01 1.06 -3.51
CA ILE A 21 -6.89 -0.22 -4.17
C ILE A 21 -7.67 -1.30 -3.43
N GLU A 22 -8.39 -2.12 -4.19
CA GLU A 22 -9.19 -3.20 -3.61
C GLU A 22 -8.69 -4.56 -4.07
N ILE A 23 -8.38 -5.42 -3.11
CA ILE A 23 -7.89 -6.77 -3.41
C ILE A 23 -8.82 -7.84 -2.84
N SER A 24 -9.22 -8.78 -3.68
CA SER A 24 -10.10 -9.86 -3.25
C SER A 24 -9.30 -11.06 -2.75
N LYS A 25 -9.28 -11.23 -1.44
CA LYS A 25 -8.56 -12.34 -0.83
C LYS A 25 -8.88 -13.65 -1.53
N GLY A 26 -8.23 -14.73 -1.10
CA GLY A 26 -8.46 -16.04 -1.69
C GLY A 26 -8.81 -17.08 -0.66
N ARG A 27 -8.25 -18.28 -0.82
CA ARG A 27 -8.53 -19.38 0.10
C ARG A 27 -7.67 -19.25 1.36
N SER A 28 -6.71 -18.33 1.33
CA SER A 28 -5.82 -18.12 2.47
C SER A 28 -5.93 -16.68 2.97
N GLY A 29 -5.73 -15.73 2.06
CA GLY A 29 -5.80 -14.33 2.43
C GLY A 29 -4.66 -13.52 1.87
N LEU A 30 -4.29 -12.44 2.57
CA LEU A 30 -3.20 -11.57 2.13
C LEU A 30 -1.86 -12.09 2.66
N GLY A 31 -0.80 -11.86 1.89
CA GLY A 31 0.52 -12.29 2.30
C GLY A 31 1.59 -11.23 2.07
N LEU A 32 1.47 -10.12 2.79
CA LEU A 32 2.42 -9.02 2.67
C LEU A 32 2.99 -8.64 4.03
N SER A 33 3.81 -7.59 4.04
CA SER A 33 4.43 -7.12 5.28
C SER A 33 4.52 -5.60 5.30
N ILE A 34 4.53 -5.03 6.49
CA ILE A 34 4.61 -3.58 6.65
C ILE A 34 5.68 -3.19 7.66
N VAL A 35 5.87 -1.89 7.85
CA VAL A 35 6.86 -1.40 8.80
C VAL A 35 6.52 0.02 9.27
N GLY A 36 7.04 0.39 10.43
CA GLY A 36 6.78 1.73 10.96
C GLY A 36 5.61 1.74 11.93
N GLY A 37 5.09 2.93 12.21
CA GLY A 37 3.97 3.06 13.12
C GLY A 37 4.10 4.26 14.03
N LYS A 38 4.43 4.00 15.30
CA LYS A 38 4.58 5.09 16.27
C LYS A 38 6.00 5.09 16.85
N ASP A 39 6.28 4.12 17.72
CA ASP A 39 7.59 4.01 18.35
C ASP A 39 8.69 3.88 17.29
N THR A 40 8.28 3.57 16.07
CA THR A 40 9.23 3.40 14.96
C THR A 40 9.79 4.75 14.52
N PRO A 41 10.97 4.71 13.87
CA PRO A 41 11.63 5.92 13.38
C PRO A 41 10.89 6.55 12.20
N LEU A 42 9.75 5.96 11.84
CA LEU A 42 8.94 6.48 10.74
C LEU A 42 7.47 6.48 11.10
N ASN A 43 6.86 7.66 11.07
CA ASN A 43 5.44 7.81 11.38
C ASN A 43 4.57 7.52 10.17
N ALA A 44 5.11 6.75 9.23
CA ALA A 44 4.38 6.39 8.01
C ALA A 44 4.56 4.92 7.67
N ILE A 45 3.44 4.20 7.59
CA ILE A 45 3.48 2.78 7.26
C ILE A 45 4.05 2.55 5.87
N VAL A 46 4.86 1.50 5.74
CA VAL A 46 5.46 1.17 4.46
C VAL A 46 5.44 -0.34 4.21
N ILE A 47 5.11 -0.73 2.99
CA ILE A 47 5.06 -2.14 2.62
C ILE A 47 6.45 -2.73 2.49
N HIS A 48 6.94 -3.36 3.55
CA HIS A 48 8.26 -3.97 3.55
C HIS A 48 8.41 -4.92 2.37
N GLU A 49 7.70 -6.05 2.43
CA GLU A 49 7.76 -7.05 1.37
C GLU A 49 6.38 -7.63 1.10
N VAL A 50 6.11 -7.92 -0.17
CA VAL A 50 4.82 -8.48 -0.57
C VAL A 50 4.98 -9.93 -1.05
N TYR A 51 5.03 -10.85 -0.10
CA TYR A 51 5.18 -12.27 -0.44
C TYR A 51 4.28 -12.65 -1.60
N GLU A 52 4.88 -13.18 -2.66
CA GLU A 52 4.14 -13.60 -3.84
C GLU A 52 2.93 -14.46 -3.45
N GLU A 53 3.16 -15.42 -2.57
CA GLU A 53 2.09 -16.31 -2.13
C GLU A 53 0.90 -15.51 -1.61
N GLY A 54 1.17 -14.28 -1.17
CA GLY A 54 0.11 -13.43 -0.66
C GLY A 54 -0.85 -12.97 -1.75
N ALA A 55 -2.14 -13.01 -1.45
CA ALA A 55 -3.15 -12.58 -2.41
C ALA A 55 -2.84 -11.19 -2.96
N ALA A 56 -2.35 -10.31 -2.09
CA ALA A 56 -2.01 -8.95 -2.49
C ALA A 56 -1.02 -8.95 -3.64
N ALA A 57 -0.20 -9.99 -3.71
CA ALA A 57 0.80 -10.11 -4.77
C ALA A 57 0.15 -10.46 -6.11
N ARG A 58 -0.66 -11.52 -6.11
CA ARG A 58 -1.34 -11.95 -7.32
C ARG A 58 -1.85 -10.76 -8.12
N ASP A 59 -2.51 -9.83 -7.44
CA ASP A 59 -3.04 -8.64 -8.08
C ASP A 59 -1.93 -7.83 -8.75
N GLY A 60 -0.83 -7.64 -8.02
CA GLY A 60 0.29 -6.88 -8.55
C GLY A 60 0.04 -5.39 -8.56
N ARG A 61 -0.63 -4.90 -7.52
CA ARG A 61 -0.94 -3.48 -7.41
C ARG A 61 -0.10 -2.82 -6.33
N LEU A 62 0.27 -3.59 -5.32
CA LEU A 62 1.08 -3.09 -4.22
C LEU A 62 2.54 -3.53 -4.36
N TRP A 63 3.43 -2.56 -4.50
CA TRP A 63 4.86 -2.85 -4.65
C TRP A 63 5.61 -2.51 -3.36
N ALA A 64 6.52 -3.40 -2.98
CA ALA A 64 7.31 -3.19 -1.77
C ALA A 64 7.94 -1.80 -1.75
N GLY A 65 7.42 -0.93 -0.90
CA GLY A 65 7.95 0.42 -0.81
C GLY A 65 6.85 1.47 -0.75
N ASP A 66 5.63 1.07 -1.08
CA ASP A 66 4.49 1.97 -1.07
C ASP A 66 4.20 2.45 0.35
N GLN A 67 3.44 3.54 0.45
CA GLN A 67 3.09 4.10 1.75
C GLN A 67 1.57 4.09 1.95
N ILE A 68 1.12 3.35 2.95
CA ILE A 68 -0.31 3.25 3.25
C ILE A 68 -0.76 4.41 4.13
N LEU A 69 -2.04 4.76 4.03
CA LEU A 69 -2.60 5.85 4.81
C LEU A 69 -3.80 5.37 5.63
N GLU A 70 -4.52 4.38 5.09
CA GLU A 70 -5.69 3.85 5.76
C GLU A 70 -5.99 2.42 5.27
N VAL A 71 -6.75 1.69 6.05
CA VAL A 71 -7.12 0.31 5.70
C VAL A 71 -8.53 -0.01 6.17
N ASN A 72 -9.36 -0.48 5.24
CA ASN A 72 -10.74 -0.83 5.55
C ASN A 72 -11.41 0.27 6.38
N GLY A 73 -10.98 1.51 6.15
CA GLY A 73 -11.55 2.63 6.88
C GLY A 73 -10.93 2.82 8.24
N VAL A 74 -9.70 2.34 8.39
CA VAL A 74 -8.99 2.46 9.66
C VAL A 74 -7.63 3.15 9.47
N ASP A 75 -7.56 4.40 9.89
CA ASP A 75 -6.32 5.18 9.77
C ASP A 75 -5.15 4.43 10.39
N LEU A 76 -4.05 4.33 9.65
CA LEU A 76 -2.86 3.64 10.13
C LEU A 76 -1.74 4.63 10.42
N ARG A 77 -1.70 5.71 9.66
CA ARG A 77 -0.67 6.74 9.84
C ARG A 77 -0.39 6.97 11.32
N ASN A 78 -1.41 6.76 12.15
CA ASN A 78 -1.27 6.94 13.59
C ASN A 78 -1.04 5.61 14.28
N SER A 79 -1.83 4.61 13.91
CA SER A 79 -1.71 3.28 14.51
C SER A 79 -0.25 2.83 14.58
N SER A 80 0.07 2.03 15.59
CA SER A 80 1.43 1.54 15.77
C SER A 80 1.75 0.44 14.76
N HIS A 81 2.95 -0.12 14.86
CA HIS A 81 3.37 -1.18 13.96
C HIS A 81 2.45 -2.38 14.05
N GLU A 82 2.30 -2.93 15.25
CA GLU A 82 1.44 -4.08 15.46
C GLU A 82 0.00 -3.77 15.06
N GLU A 83 -0.55 -2.71 15.62
CA GLU A 83 -1.92 -2.30 15.32
C GLU A 83 -2.20 -2.43 13.83
N ALA A 84 -1.29 -1.92 13.01
CA ALA A 84 -1.45 -1.98 11.56
C ALA A 84 -1.62 -3.42 11.08
N ILE A 85 -0.94 -4.34 11.75
CA ILE A 85 -1.02 -5.75 11.40
C ILE A 85 -2.42 -6.30 11.66
N THR A 86 -2.96 -6.01 12.84
CA THR A 86 -4.29 -6.47 13.22
C THR A 86 -5.34 -5.91 12.27
N ALA A 87 -5.15 -4.67 11.85
CA ALA A 87 -6.10 -4.01 10.95
C ALA A 87 -6.17 -4.74 9.61
N LEU A 88 -5.20 -5.61 9.36
CA LEU A 88 -5.16 -6.37 8.12
C LEU A 88 -5.83 -7.73 8.29
N ARG A 89 -5.86 -8.21 9.52
CA ARG A 89 -6.47 -9.50 9.82
C ARG A 89 -7.99 -9.36 9.98
N GLN A 90 -8.42 -8.17 10.38
CA GLN A 90 -9.84 -7.90 10.57
C GLN A 90 -10.47 -7.38 9.29
N THR A 91 -9.76 -7.53 8.17
CA THR A 91 -10.26 -7.07 6.89
C THR A 91 -11.16 -8.12 6.25
N PRO A 92 -12.19 -7.65 5.52
CA PRO A 92 -13.14 -8.54 4.83
C PRO A 92 -12.51 -9.27 3.65
N GLN A 93 -13.35 -9.82 2.79
CA GLN A 93 -12.88 -10.55 1.62
C GLN A 93 -12.10 -9.64 0.69
N LYS A 94 -12.70 -8.52 0.31
CA LYS A 94 -12.06 -7.56 -0.58
C LYS A 94 -11.39 -6.44 0.22
N VAL A 95 -10.19 -6.72 0.72
CA VAL A 95 -9.45 -5.74 1.51
C VAL A 95 -9.25 -4.45 0.72
N ARG A 96 -9.50 -3.32 1.36
CA ARG A 96 -9.34 -2.02 0.72
C ARG A 96 -8.37 -1.14 1.49
N LEU A 97 -7.51 -0.43 0.77
CA LEU A 97 -6.52 0.44 1.39
C LEU A 97 -6.27 1.68 0.54
N VAL A 98 -5.64 2.69 1.13
CA VAL A 98 -5.34 3.92 0.43
C VAL A 98 -3.84 4.20 0.40
N VAL A 99 -3.25 4.13 -0.79
CA VAL A 99 -1.82 4.37 -0.95
C VAL A 99 -1.56 5.75 -1.56
N TYR A 100 -0.32 6.22 -1.44
CA TYR A 100 0.05 7.52 -1.97
C TYR A 100 1.49 7.50 -2.48
N ARG A 101 1.65 7.62 -3.80
CA ARG A 101 2.95 7.61 -4.43
C ARG A 101 3.29 8.99 -4.99
N ASP A 102 3.83 9.85 -4.14
CA ASP A 102 4.21 11.20 -4.56
C ASP A 102 5.02 11.16 -5.85
N GLU A 103 5.14 12.31 -6.50
CA GLU A 103 5.89 12.41 -7.75
C GLU A 103 7.00 13.46 -7.64
N ALA A 104 7.62 13.52 -6.47
CA ALA A 104 8.70 14.47 -6.23
C ALA A 104 10.05 13.76 -6.15
N HIS A 105 10.90 14.01 -7.14
CA HIS A 105 12.22 13.40 -7.18
C HIS A 105 12.11 11.88 -7.30
N TYR A 106 11.06 11.41 -7.96
CA TYR A 106 10.84 9.98 -8.14
C TYR A 106 12.11 9.29 -8.60
N ARG A 107 12.64 9.73 -9.73
CA ARG A 107 13.85 9.15 -10.28
C ARG A 107 15.02 10.13 -10.19
N ASP A 108 16.23 9.60 -10.00
CA ASP A 108 17.42 10.43 -9.89
C ASP A 108 18.05 10.65 -11.26
N GLU A 109 19.03 11.55 -11.32
CA GLU A 109 19.71 11.86 -12.57
C GLU A 109 20.28 10.59 -13.20
N GLU A 110 19.56 10.06 -14.19
CA GLU A 110 20.00 8.85 -14.88
C GLU A 110 21.31 9.08 -15.62
N SER A 111 22.05 8.00 -15.84
CA SER A 111 23.33 8.10 -16.55
C SER A 111 23.37 7.14 -17.74
N GLY A 112 23.00 7.66 -18.91
CA GLY A 112 23.00 6.85 -20.11
C GLY A 112 23.86 7.43 -21.21
N PRO A 113 23.83 6.80 -22.39
CA PRO A 113 24.61 7.25 -23.55
C PRO A 113 24.11 8.56 -24.12
N SER A 114 24.96 9.58 -24.10
CA SER A 114 24.60 10.90 -24.62
C SER A 114 25.28 11.16 -25.97
N SER A 115 24.57 11.86 -26.85
CA SER A 115 25.09 12.18 -28.16
C SER A 115 25.63 10.93 -28.86
N GLY A 116 24.89 9.82 -28.72
CA GLY A 116 25.31 8.57 -29.34
C GLY A 116 24.13 7.71 -29.75
N GLY A 1 -15.34 14.91 -18.69
CA GLY A 1 -15.96 14.61 -19.97
C GLY A 1 -16.79 13.33 -19.92
N SER A 2 -16.12 12.19 -20.06
CA SER A 2 -16.80 10.90 -20.05
C SER A 2 -16.85 10.34 -18.63
N SER A 3 -18.06 10.20 -18.10
CA SER A 3 -18.25 9.67 -16.76
C SER A 3 -18.49 8.16 -16.79
N GLY A 4 -17.44 7.40 -16.49
CA GLY A 4 -17.56 5.96 -16.48
C GLY A 4 -17.14 5.34 -15.16
N SER A 5 -17.36 4.04 -15.03
CA SER A 5 -17.00 3.33 -13.80
C SER A 5 -15.56 2.82 -13.87
N SER A 6 -14.75 3.21 -12.89
CA SER A 6 -13.36 2.81 -12.84
C SER A 6 -13.01 2.21 -11.48
N GLY A 7 -13.27 0.91 -11.32
CA GLY A 7 -12.98 0.25 -10.06
C GLY A 7 -11.54 0.45 -9.62
N PRO A 8 -11.32 0.51 -8.30
CA PRO A 8 -9.99 0.70 -7.72
C PRO A 8 -9.10 -0.54 -7.89
N ALA A 9 -9.69 -1.60 -8.44
CA ALA A 9 -8.95 -2.84 -8.67
C ALA A 9 -8.45 -2.93 -10.11
N THR A 10 -9.25 -2.42 -11.04
CA THR A 10 -8.89 -2.44 -12.45
C THR A 10 -8.35 -1.09 -12.90
N CYS A 11 -7.54 -0.47 -12.05
CA CYS A 11 -6.95 0.83 -12.36
C CYS A 11 -5.55 0.95 -11.78
N PRO A 12 -4.65 1.61 -12.52
CA PRO A 12 -3.26 1.81 -12.11
C PRO A 12 -3.15 2.77 -10.93
N ILE A 13 -1.93 2.88 -10.38
CA ILE A 13 -1.68 3.77 -9.25
C ILE A 13 -1.09 5.09 -9.71
N VAL A 14 -1.91 6.14 -9.69
CA VAL A 14 -1.45 7.46 -10.11
C VAL A 14 -0.70 8.17 -8.98
N PRO A 15 0.54 8.57 -9.27
CA PRO A 15 1.40 9.27 -8.29
C PRO A 15 0.90 10.68 -7.98
N GLY A 16 1.21 11.16 -6.79
CA GLY A 16 0.79 12.48 -6.39
C GLY A 16 -0.66 12.53 -5.96
N GLN A 17 -1.51 11.80 -6.68
CA GLN A 17 -2.93 11.76 -6.37
C GLN A 17 -3.29 10.49 -5.58
N GLU A 18 -3.67 10.68 -4.32
CA GLU A 18 -4.03 9.56 -3.47
C GLU A 18 -5.08 8.68 -4.13
N MET A 19 -4.78 7.39 -4.25
CA MET A 19 -5.70 6.44 -4.87
C MET A 19 -5.99 5.27 -3.93
N ILE A 20 -7.11 4.60 -4.17
CA ILE A 20 -7.50 3.47 -3.34
C ILE A 20 -7.33 2.15 -4.10
N ILE A 21 -6.99 1.09 -3.37
CA ILE A 21 -6.80 -0.22 -3.97
C ILE A 21 -7.65 -1.28 -3.26
N GLU A 22 -8.29 -2.13 -4.06
CA GLU A 22 -9.13 -3.20 -3.51
C GLU A 22 -8.66 -4.57 -3.98
N ILE A 23 -8.13 -5.35 -3.04
CA ILE A 23 -7.64 -6.69 -3.35
C ILE A 23 -8.50 -7.76 -2.70
N SER A 24 -8.94 -8.73 -3.49
CA SER A 24 -9.78 -9.81 -2.98
C SER A 24 -8.92 -10.99 -2.53
N LYS A 25 -8.87 -11.22 -1.22
CA LYS A 25 -8.09 -12.32 -0.66
C LYS A 25 -8.41 -13.63 -1.37
N GLY A 26 -7.39 -14.22 -2.01
CA GLY A 26 -7.59 -15.47 -2.71
C GLY A 26 -7.34 -16.68 -1.83
N ARG A 27 -6.94 -17.78 -2.46
CA ARG A 27 -6.67 -19.02 -1.71
C ARG A 27 -6.03 -18.71 -0.37
N SER A 28 -4.98 -17.89 -0.39
CA SER A 28 -4.28 -17.52 0.84
C SER A 28 -4.46 -16.04 1.14
N GLY A 29 -4.38 -15.69 2.42
CA GLY A 29 -4.53 -14.30 2.83
C GLY A 29 -3.68 -13.36 1.99
N LEU A 30 -3.88 -12.06 2.19
CA LEU A 30 -3.12 -11.05 1.45
C LEU A 30 -1.66 -11.45 1.34
N GLY A 31 -1.07 -11.86 2.46
CA GLY A 31 0.32 -12.26 2.47
C GLY A 31 1.26 -11.11 2.15
N LEU A 32 1.23 -10.07 2.99
CA LEU A 32 2.09 -8.91 2.79
C LEU A 32 2.77 -8.52 4.10
N SER A 33 3.60 -7.48 4.03
CA SER A 33 4.32 -7.00 5.21
C SER A 33 4.36 -5.48 5.23
N ILE A 34 4.65 -4.92 6.41
CA ILE A 34 4.71 -3.47 6.56
C ILE A 34 5.76 -3.08 7.61
N VAL A 35 6.01 -1.79 7.74
CA VAL A 35 6.98 -1.28 8.70
C VAL A 35 6.56 0.07 9.25
N GLY A 36 7.40 0.65 10.10
CA GLY A 36 7.10 1.95 10.69
C GLY A 36 6.11 1.85 11.84
N GLY A 37 5.34 2.91 12.06
CA GLY A 37 4.38 2.92 13.13
C GLY A 37 4.31 4.26 13.83
N LYS A 38 4.79 4.30 15.06
CA LYS A 38 4.79 5.53 15.85
C LYS A 38 6.19 5.86 16.36
N ASP A 39 6.83 4.88 16.99
CA ASP A 39 8.18 5.07 17.52
C ASP A 39 9.21 5.07 16.39
N THR A 40 8.83 4.52 15.25
CA THR A 40 9.72 4.45 14.09
C THR A 40 10.03 5.84 13.56
N PRO A 41 11.23 5.99 12.97
CA PRO A 41 11.68 7.28 12.41
C PRO A 41 10.90 7.65 11.15
N LEU A 42 10.11 6.71 10.65
CA LEU A 42 9.31 6.95 9.45
C LEU A 42 7.89 7.34 9.81
N ASN A 43 7.42 6.88 10.96
CA ASN A 43 6.08 7.17 11.42
C ASN A 43 5.06 7.05 10.28
N ALA A 44 5.37 6.17 9.33
CA ALA A 44 4.49 5.97 8.18
C ALA A 44 4.44 4.49 7.80
N ILE A 45 3.23 3.97 7.63
CA ILE A 45 3.05 2.57 7.25
C ILE A 45 3.52 2.31 5.83
N VAL A 46 4.67 1.64 5.70
CA VAL A 46 5.24 1.33 4.40
C VAL A 46 5.34 -0.18 4.19
N ILE A 47 5.03 -0.62 2.97
CA ILE A 47 5.08 -2.04 2.64
C ILE A 47 6.52 -2.52 2.52
N HIS A 48 6.98 -3.24 3.54
CA HIS A 48 8.35 -3.76 3.55
C HIS A 48 8.52 -4.84 2.49
N GLU A 49 7.68 -5.87 2.55
CA GLU A 49 7.74 -6.97 1.59
C GLU A 49 6.35 -7.52 1.30
N VAL A 50 6.20 -8.17 0.16
CA VAL A 50 4.92 -8.74 -0.24
C VAL A 50 5.08 -10.21 -0.65
N TYR A 51 4.89 -11.11 0.30
CA TYR A 51 5.01 -12.54 0.02
C TYR A 51 4.27 -12.92 -1.25
N GLU A 52 5.03 -13.23 -2.30
CA GLU A 52 4.46 -13.62 -3.57
C GLU A 52 3.41 -14.71 -3.40
N GLU A 53 3.48 -15.42 -2.28
CA GLU A 53 2.54 -16.49 -1.98
C GLU A 53 1.28 -15.94 -1.32
N GLY A 54 0.85 -14.77 -1.78
CA GLY A 54 -0.35 -14.15 -1.23
C GLY A 54 -1.16 -13.40 -2.27
N ALA A 55 -2.42 -13.15 -1.96
CA ALA A 55 -3.30 -12.44 -2.88
C ALA A 55 -2.65 -11.14 -3.36
N ALA A 56 -2.31 -10.27 -2.43
CA ALA A 56 -1.69 -8.99 -2.75
C ALA A 56 -0.78 -9.14 -3.97
N ALA A 57 0.07 -10.15 -3.95
CA ALA A 57 1.00 -10.40 -5.06
C ALA A 57 0.25 -10.75 -6.33
N ARG A 58 -0.59 -11.78 -6.25
CA ARG A 58 -1.37 -12.23 -7.40
C ARG A 58 -1.89 -11.03 -8.21
N ASP A 59 -2.21 -9.95 -7.50
CA ASP A 59 -2.71 -8.74 -8.15
C ASP A 59 -1.56 -7.91 -8.71
N GLY A 60 -0.61 -7.56 -7.87
CA GLY A 60 0.53 -6.76 -8.30
C GLY A 60 0.25 -5.28 -8.25
N ARG A 61 -0.68 -4.89 -7.40
CA ARG A 61 -1.05 -3.47 -7.26
C ARG A 61 -0.30 -2.83 -6.10
N LEU A 62 0.37 -3.66 -5.30
CA LEU A 62 1.12 -3.18 -4.16
C LEU A 62 2.59 -3.58 -4.26
N TRP A 63 3.47 -2.59 -4.36
CA TRP A 63 4.90 -2.84 -4.45
C TRP A 63 5.61 -2.48 -3.16
N ALA A 64 6.70 -3.19 -2.87
CA ALA A 64 7.47 -2.95 -1.65
C ALA A 64 8.04 -1.54 -1.65
N GLY A 65 7.46 -0.67 -0.81
CA GLY A 65 7.92 0.70 -0.72
C GLY A 65 6.78 1.70 -0.67
N ASP A 66 5.58 1.24 -1.04
CA ASP A 66 4.40 2.10 -1.05
C ASP A 66 4.15 2.68 0.34
N GLN A 67 3.19 3.59 0.43
CA GLN A 67 2.85 4.22 1.71
C GLN A 67 1.36 4.14 1.97
N ILE A 68 0.98 3.40 3.01
CA ILE A 68 -0.42 3.25 3.37
C ILE A 68 -0.86 4.32 4.36
N LEU A 69 -2.07 4.83 4.18
CA LEU A 69 -2.61 5.86 5.05
C LEU A 69 -3.81 5.34 5.83
N GLU A 70 -4.54 4.41 5.22
CA GLU A 70 -5.72 3.83 5.87
C GLU A 70 -5.97 2.41 5.36
N VAL A 71 -6.73 1.64 6.13
CA VAL A 71 -7.06 0.27 5.77
C VAL A 71 -8.42 -0.15 6.30
N ASN A 72 -9.25 -0.67 5.42
CA ASN A 72 -10.60 -1.11 5.79
C ASN A 72 -11.32 -0.01 6.55
N GLY A 73 -10.95 1.24 6.28
CA GLY A 73 -11.59 2.37 6.94
C GLY A 73 -11.03 2.60 8.33
N VAL A 74 -9.74 2.37 8.50
CA VAL A 74 -9.09 2.56 9.79
C VAL A 74 -7.78 3.33 9.64
N ASP A 75 -7.76 4.57 10.11
CA ASP A 75 -6.57 5.39 10.04
C ASP A 75 -5.37 4.70 10.67
N LEU A 76 -4.31 4.53 9.89
CA LEU A 76 -3.10 3.87 10.38
C LEU A 76 -1.98 4.89 10.60
N ARG A 77 -2.01 5.97 9.84
CA ARG A 77 -1.01 7.03 9.95
C ARG A 77 -0.73 7.36 11.42
N ASN A 78 -1.69 7.03 12.28
CA ASN A 78 -1.55 7.31 13.71
C ASN A 78 -1.28 6.02 14.48
N SER A 79 -1.90 4.92 14.03
CA SER A 79 -1.72 3.63 14.68
C SER A 79 -0.25 3.23 14.72
N SER A 80 0.05 2.12 15.38
CA SER A 80 1.42 1.64 15.49
C SER A 80 1.64 0.44 14.57
N HIS A 81 2.83 -0.16 14.65
CA HIS A 81 3.17 -1.31 13.83
C HIS A 81 2.21 -2.46 14.08
N GLU A 82 2.29 -3.04 15.28
CA GLU A 82 1.43 -4.16 15.66
C GLU A 82 -0.03 -3.87 15.30
N GLU A 83 -0.49 -2.67 15.64
CA GLU A 83 -1.86 -2.26 15.35
C GLU A 83 -2.17 -2.43 13.87
N ALA A 84 -1.30 -1.89 13.02
CA ALA A 84 -1.48 -1.98 11.58
C ALA A 84 -1.59 -3.43 11.12
N ILE A 85 -0.76 -4.29 11.70
CA ILE A 85 -0.75 -5.70 11.35
C ILE A 85 -2.14 -6.33 11.59
N THR A 86 -2.71 -6.06 12.75
CA THR A 86 -4.02 -6.59 13.10
C THR A 86 -5.10 -5.99 12.21
N ALA A 87 -4.98 -4.70 11.92
CA ALA A 87 -5.96 -4.00 11.09
C ALA A 87 -6.03 -4.64 9.70
N LEU A 88 -5.00 -5.40 9.35
CA LEU A 88 -4.95 -6.07 8.05
C LEU A 88 -5.56 -7.46 8.12
N ARG A 89 -5.53 -8.05 9.31
CA ARG A 89 -6.07 -9.38 9.52
C ARG A 89 -7.56 -9.31 9.86
N GLN A 90 -8.02 -8.12 10.18
CA GLN A 90 -9.42 -7.91 10.54
C GLN A 90 -10.24 -7.47 9.33
N THR A 91 -9.64 -7.57 8.15
CA THR A 91 -10.31 -7.18 6.92
C THR A 91 -10.90 -8.39 6.20
N PRO A 92 -12.09 -8.20 5.61
CA PRO A 92 -12.77 -9.27 4.87
C PRO A 92 -12.07 -9.63 3.57
N GLN A 93 -12.77 -10.38 2.71
CA GLN A 93 -12.21 -10.80 1.43
C GLN A 93 -11.72 -9.59 0.63
N LYS A 94 -12.59 -8.60 0.48
CA LYS A 94 -12.26 -7.39 -0.27
C LYS A 94 -11.61 -6.35 0.65
N VAL A 95 -10.27 -6.35 0.66
CA VAL A 95 -9.53 -5.41 1.48
C VAL A 95 -9.29 -4.09 0.75
N ARG A 96 -9.85 -3.02 1.29
CA ARG A 96 -9.70 -1.70 0.68
C ARG A 96 -8.71 -0.84 1.46
N LEU A 97 -7.68 -0.36 0.77
CA LEU A 97 -6.66 0.47 1.40
C LEU A 97 -6.32 1.67 0.53
N VAL A 98 -5.81 2.73 1.15
CA VAL A 98 -5.44 3.94 0.42
C VAL A 98 -3.92 4.11 0.38
N VAL A 99 -3.35 4.00 -0.82
CA VAL A 99 -1.90 4.14 -0.99
C VAL A 99 -1.56 5.49 -1.59
N TYR A 100 -0.31 5.92 -1.39
CA TYR A 100 0.14 7.20 -1.91
C TYR A 100 1.58 7.11 -2.41
N ARG A 101 1.77 7.35 -3.71
CA ARG A 101 3.10 7.28 -4.30
C ARG A 101 3.47 8.63 -4.93
N ASP A 102 3.88 9.57 -4.10
CA ASP A 102 4.26 10.89 -4.58
C ASP A 102 5.17 10.79 -5.79
N GLU A 103 5.26 11.87 -6.56
CA GLU A 103 6.10 11.90 -7.75
C GLU A 103 7.29 12.83 -7.56
N ALA A 104 7.91 12.76 -6.38
CA ALA A 104 9.06 13.58 -6.07
C ALA A 104 10.35 12.77 -6.09
N HIS A 105 10.35 11.65 -5.38
CA HIS A 105 11.52 10.78 -5.31
C HIS A 105 11.14 9.34 -5.67
N TYR A 106 11.87 8.77 -6.61
CA TYR A 106 11.61 7.40 -7.05
C TYR A 106 12.70 6.45 -6.55
N ARG A 107 13.95 6.79 -6.85
CA ARG A 107 15.08 5.98 -6.43
C ARG A 107 15.62 6.45 -5.08
N ASP A 108 16.49 5.63 -4.48
CA ASP A 108 17.07 5.96 -3.19
C ASP A 108 18.40 6.68 -3.36
N GLU A 109 18.97 7.15 -2.26
CA GLU A 109 20.24 7.87 -2.28
C GLU A 109 21.38 6.92 -2.65
N GLU A 110 22.04 7.21 -3.77
CA GLU A 110 23.15 6.38 -4.23
C GLU A 110 24.16 7.22 -5.02
N SER A 111 25.41 6.77 -5.03
CA SER A 111 26.46 7.48 -5.76
C SER A 111 26.04 7.77 -7.19
N GLY A 112 26.51 8.88 -7.74
CA GLY A 112 26.17 9.25 -9.09
C GLY A 112 26.94 8.44 -10.12
N PRO A 113 26.29 8.17 -11.27
CA PRO A 113 26.90 7.40 -12.36
C PRO A 113 28.02 8.16 -13.05
N SER A 114 27.88 9.48 -13.11
CA SER A 114 28.89 10.33 -13.76
C SER A 114 30.30 9.82 -13.46
N SER A 115 30.97 9.31 -14.48
CA SER A 115 32.32 8.79 -14.33
C SER A 115 33.26 9.86 -13.76
N GLY A 116 33.90 9.55 -12.64
CA GLY A 116 34.81 10.49 -12.01
C GLY A 116 35.96 9.80 -11.32
N GLY A 1 -18.68 18.82 -10.53
CA GLY A 1 -17.65 18.95 -9.51
C GLY A 1 -16.37 18.23 -9.88
N SER A 2 -16.48 16.94 -10.18
CA SER A 2 -15.32 16.14 -10.55
C SER A 2 -15.72 14.99 -11.46
N SER A 3 -14.82 14.60 -12.36
CA SER A 3 -15.07 13.51 -13.28
C SER A 3 -15.35 12.21 -12.54
N GLY A 4 -16.07 11.30 -13.19
CA GLY A 4 -16.40 10.03 -12.58
C GLY A 4 -15.49 8.91 -13.03
N SER A 5 -16.06 7.89 -13.65
CA SER A 5 -15.28 6.75 -14.13
C SER A 5 -14.45 6.15 -13.00
N SER A 6 -15.06 6.02 -11.83
CA SER A 6 -14.39 5.47 -10.66
C SER A 6 -13.85 4.07 -10.97
N GLY A 7 -12.66 3.77 -10.46
CA GLY A 7 -12.06 2.47 -10.68
C GLY A 7 -10.74 2.30 -9.95
N PRO A 8 -10.81 1.88 -8.67
CA PRO A 8 -9.63 1.68 -7.84
C PRO A 8 -8.80 0.48 -8.29
N ALA A 9 -9.48 -0.52 -8.84
CA ALA A 9 -8.80 -1.73 -9.31
C ALA A 9 -8.53 -1.65 -10.81
N THR A 10 -9.57 -1.33 -11.58
CA THR A 10 -9.45 -1.23 -13.02
C THR A 10 -8.31 -0.30 -13.42
N CYS A 11 -8.23 0.85 -12.76
CA CYS A 11 -7.19 1.82 -13.04
C CYS A 11 -5.97 1.57 -12.16
N PRO A 12 -4.77 1.85 -12.70
CA PRO A 12 -3.51 1.67 -11.97
C PRO A 12 -3.33 2.68 -10.85
N ILE A 13 -2.34 2.45 -10.00
CA ILE A 13 -2.07 3.33 -8.88
C ILE A 13 -1.42 4.63 -9.36
N VAL A 14 -2.22 5.69 -9.44
CA VAL A 14 -1.72 6.99 -9.87
C VAL A 14 -0.91 7.66 -8.78
N PRO A 15 0.35 7.99 -9.11
CA PRO A 15 1.26 8.65 -8.16
C PRO A 15 0.85 10.08 -7.86
N GLY A 16 1.49 10.67 -6.85
CA GLY A 16 1.17 12.04 -6.46
C GLY A 16 -0.30 12.23 -6.15
N GLN A 17 -0.94 11.18 -5.65
CA GLN A 17 -2.36 11.23 -5.31
C GLN A 17 -2.76 10.04 -4.45
N GLU A 18 -3.72 10.25 -3.57
CA GLU A 18 -4.20 9.19 -2.68
C GLU A 18 -5.30 8.37 -3.37
N MET A 19 -4.93 7.20 -3.86
CA MET A 19 -5.88 6.32 -4.53
C MET A 19 -6.19 5.10 -3.68
N ILE A 20 -7.36 4.52 -3.89
CA ILE A 20 -7.78 3.34 -3.13
C ILE A 20 -7.60 2.07 -3.95
N ILE A 21 -7.24 0.98 -3.27
CA ILE A 21 -7.04 -0.30 -3.94
C ILE A 21 -7.89 -1.39 -3.30
N GLU A 22 -8.57 -2.15 -4.15
CA GLU A 22 -9.43 -3.23 -3.67
C GLU A 22 -8.91 -4.59 -4.14
N ILE A 23 -8.39 -5.38 -3.20
CA ILE A 23 -7.86 -6.70 -3.52
C ILE A 23 -8.69 -7.80 -2.86
N SER A 24 -9.17 -8.73 -3.67
CA SER A 24 -9.98 -9.84 -3.17
C SER A 24 -9.09 -10.96 -2.65
N LYS A 25 -9.14 -11.17 -1.33
CA LYS A 25 -8.33 -12.21 -0.70
C LYS A 25 -8.47 -13.53 -1.45
N GLY A 26 -7.65 -14.50 -1.07
CA GLY A 26 -7.69 -15.80 -1.72
C GLY A 26 -7.80 -16.94 -0.73
N ARG A 27 -6.81 -17.82 -0.72
CA ARG A 27 -6.80 -18.96 0.18
C ARG A 27 -5.83 -18.74 1.33
N SER A 28 -4.56 -18.52 0.99
CA SER A 28 -3.53 -18.30 2.00
C SER A 28 -3.70 -16.93 2.66
N GLY A 29 -3.95 -15.91 1.84
CA GLY A 29 -4.13 -14.57 2.37
C GLY A 29 -3.24 -13.56 1.67
N LEU A 30 -3.52 -12.28 1.91
CA LEU A 30 -2.73 -11.21 1.30
C LEU A 30 -1.27 -11.61 1.18
N GLY A 31 -0.67 -12.00 2.29
CA GLY A 31 0.72 -12.41 2.29
C GLY A 31 1.66 -11.24 2.06
N LEU A 32 1.52 -10.20 2.87
CA LEU A 32 2.37 -9.01 2.75
C LEU A 32 2.99 -8.66 4.11
N SER A 33 3.77 -7.57 4.11
CA SER A 33 4.43 -7.12 5.34
C SER A 33 4.56 -5.60 5.35
N ILE A 34 4.62 -5.03 6.55
CA ILE A 34 4.74 -3.59 6.71
C ILE A 34 5.75 -3.24 7.80
N VAL A 35 6.22 -2.00 7.79
CA VAL A 35 7.19 -1.54 8.78
C VAL A 35 6.84 -0.13 9.26
N GLY A 36 7.53 0.31 10.31
CA GLY A 36 7.28 1.63 10.86
C GLY A 36 6.21 1.63 11.92
N GLY A 37 5.69 2.82 12.23
CA GLY A 37 4.66 2.93 13.24
C GLY A 37 4.64 4.30 13.90
N LYS A 38 4.23 4.34 15.17
CA LYS A 38 4.17 5.59 15.91
C LYS A 38 5.41 5.77 16.77
N ASP A 39 5.83 4.69 17.44
CA ASP A 39 7.01 4.73 18.29
C ASP A 39 8.28 4.67 17.46
N THR A 40 8.15 4.34 16.18
CA THR A 40 9.29 4.25 15.29
C THR A 40 9.54 5.58 14.59
N PRO A 41 10.79 5.77 14.13
CA PRO A 41 11.19 7.00 13.44
C PRO A 41 10.57 7.10 12.04
N LEU A 42 9.87 6.04 11.63
CA LEU A 42 9.23 6.01 10.32
C LEU A 42 8.03 6.95 10.29
N ASN A 43 7.20 6.89 11.34
CA ASN A 43 6.02 7.73 11.42
C ASN A 43 5.15 7.59 10.18
N ALA A 44 5.21 6.41 9.57
CA ALA A 44 4.43 6.13 8.37
C ALA A 44 4.49 4.65 7.99
N ILE A 45 3.33 4.05 7.75
CA ILE A 45 3.27 2.65 7.38
C ILE A 45 3.83 2.42 5.98
N VAL A 46 4.78 1.49 5.87
CA VAL A 46 5.39 1.18 4.58
C VAL A 46 5.51 -0.33 4.39
N ILE A 47 5.23 -0.79 3.18
CA ILE A 47 5.31 -2.21 2.86
C ILE A 47 6.76 -2.66 2.70
N HIS A 48 7.24 -3.44 3.66
CA HIS A 48 8.62 -3.93 3.62
C HIS A 48 8.81 -4.92 2.46
N GLU A 49 8.08 -6.02 2.50
CA GLU A 49 8.17 -7.03 1.46
C GLU A 49 6.80 -7.63 1.14
N VAL A 50 6.56 -7.93 -0.12
CA VAL A 50 5.29 -8.50 -0.55
C VAL A 50 5.47 -9.94 -1.03
N TYR A 51 5.12 -10.88 -0.16
CA TYR A 51 5.25 -12.30 -0.49
C TYR A 51 4.65 -12.60 -1.86
N GLU A 52 5.51 -12.97 -2.80
CA GLU A 52 5.07 -13.29 -4.16
C GLU A 52 3.93 -14.31 -4.14
N GLU A 53 3.96 -15.20 -3.15
CA GLU A 53 2.93 -16.22 -3.02
C GLU A 53 1.75 -15.72 -2.20
N GLY A 54 1.64 -14.40 -2.10
CA GLY A 54 0.55 -13.80 -1.34
C GLY A 54 -0.49 -13.16 -2.23
N ALA A 55 -1.74 -13.10 -1.75
CA ALA A 55 -2.83 -12.52 -2.51
C ALA A 55 -2.43 -11.15 -3.06
N ALA A 56 -1.97 -10.27 -2.19
CA ALA A 56 -1.55 -8.93 -2.60
C ALA A 56 -0.69 -8.99 -3.85
N ALA A 57 0.25 -9.92 -3.87
CA ALA A 57 1.15 -10.07 -5.01
C ALA A 57 0.41 -10.66 -6.20
N ARG A 58 -0.31 -11.74 -5.99
CA ARG A 58 -1.06 -12.40 -7.05
C ARG A 58 -1.69 -11.36 -7.99
N ASP A 59 -2.31 -10.34 -7.40
CA ASP A 59 -2.95 -9.29 -8.18
C ASP A 59 -1.91 -8.46 -8.93
N GLY A 60 -0.93 -7.93 -8.19
CA GLY A 60 0.10 -7.13 -8.81
C GLY A 60 -0.19 -5.64 -8.72
N ARG A 61 -0.76 -5.22 -7.60
CA ARG A 61 -1.09 -3.81 -7.39
C ARG A 61 -0.15 -3.17 -6.38
N LEU A 62 -0.17 -3.69 -5.16
CA LEU A 62 0.68 -3.16 -4.10
C LEU A 62 2.14 -3.53 -4.34
N TRP A 63 2.97 -2.52 -4.53
CA TRP A 63 4.40 -2.74 -4.76
C TRP A 63 5.23 -2.28 -3.57
N ALA A 64 6.25 -3.06 -3.23
CA ALA A 64 7.12 -2.72 -2.11
C ALA A 64 7.64 -1.30 -2.22
N GLY A 65 7.52 -0.54 -1.13
CA GLY A 65 7.98 0.84 -1.14
C GLY A 65 6.83 1.84 -1.12
N ASP A 66 5.64 1.35 -0.82
CA ASP A 66 4.45 2.21 -0.78
C ASP A 66 4.17 2.65 0.65
N GLN A 67 3.27 3.62 0.79
CA GLN A 67 2.90 4.14 2.10
C GLN A 67 1.38 4.14 2.30
N ILE A 68 0.90 3.25 3.15
CA ILE A 68 -0.52 3.13 3.42
C ILE A 68 -0.97 4.18 4.43
N LEU A 69 -2.08 4.84 4.13
CA LEU A 69 -2.63 5.87 5.02
C LEU A 69 -3.83 5.35 5.80
N GLU A 70 -4.54 4.39 5.20
CA GLU A 70 -5.71 3.80 5.84
C GLU A 70 -5.96 2.39 5.33
N VAL A 71 -6.78 1.64 6.06
CA VAL A 71 -7.10 0.27 5.67
C VAL A 71 -8.47 -0.14 6.20
N ASN A 72 -9.32 -0.62 5.30
CA ASN A 72 -10.66 -1.05 5.67
C ASN A 72 -11.36 0.01 6.51
N GLY A 73 -11.05 1.28 6.24
CA GLY A 73 -11.66 2.37 6.97
C GLY A 73 -11.09 2.50 8.37
N VAL A 74 -9.79 2.35 8.50
CA VAL A 74 -9.12 2.46 9.79
C VAL A 74 -7.88 3.35 9.70
N ASP A 75 -8.04 4.61 10.08
CA ASP A 75 -6.94 5.56 10.06
C ASP A 75 -5.65 4.92 10.57
N LEU A 76 -4.65 4.82 9.69
CA LEU A 76 -3.38 4.23 10.06
C LEU A 76 -2.32 5.31 10.30
N ARG A 77 -2.43 6.40 9.54
CA ARG A 77 -1.48 7.51 9.67
C ARG A 77 -1.16 7.78 11.13
N ASN A 78 -2.07 7.40 12.02
CA ASN A 78 -1.89 7.60 13.45
C ASN A 78 -2.12 6.31 14.23
N SER A 79 -1.56 5.22 13.72
CA SER A 79 -1.71 3.91 14.36
C SER A 79 -0.34 3.30 14.69
N SER A 80 -0.32 2.43 15.68
CA SER A 80 0.92 1.77 16.10
C SER A 80 1.25 0.60 15.17
N HIS A 81 2.53 0.37 14.95
CA HIS A 81 2.99 -0.71 14.09
C HIS A 81 2.05 -1.92 14.20
N GLU A 82 1.91 -2.43 15.42
CA GLU A 82 1.04 -3.58 15.67
C GLU A 82 -0.36 -3.33 15.15
N GLU A 83 -1.00 -2.28 15.67
CA GLU A 83 -2.35 -1.93 15.25
C GLU A 83 -2.54 -2.15 13.74
N ALA A 84 -1.58 -1.66 12.96
CA ALA A 84 -1.64 -1.81 11.52
C ALA A 84 -1.74 -3.28 11.11
N ILE A 85 -0.92 -4.12 11.74
CA ILE A 85 -0.91 -5.55 11.45
C ILE A 85 -2.28 -6.16 11.70
N THR A 86 -2.84 -5.90 12.88
CA THR A 86 -4.15 -6.43 13.24
C THR A 86 -5.22 -5.93 12.29
N ALA A 87 -5.07 -4.69 11.81
CA ALA A 87 -6.03 -4.11 10.89
C ALA A 87 -6.06 -4.87 9.57
N LEU A 88 -4.95 -5.53 9.25
CA LEU A 88 -4.84 -6.29 8.01
C LEU A 88 -5.35 -7.72 8.21
N ARG A 89 -5.51 -8.11 9.47
CA ARG A 89 -5.99 -9.45 9.79
C ARG A 89 -7.49 -9.44 10.09
N GLN A 90 -8.01 -8.27 10.44
CA GLN A 90 -9.42 -8.12 10.74
C GLN A 90 -10.21 -7.68 9.51
N THR A 91 -9.56 -7.76 8.35
CA THR A 91 -10.20 -7.36 7.09
C THR A 91 -11.02 -8.51 6.51
N PRO A 92 -12.19 -8.17 5.96
CA PRO A 92 -13.09 -9.16 5.34
C PRO A 92 -12.53 -9.74 4.06
N GLN A 93 -13.36 -10.47 3.33
CA GLN A 93 -12.95 -11.08 2.07
C GLN A 93 -12.34 -10.04 1.13
N LYS A 94 -12.96 -8.86 1.08
CA LYS A 94 -12.47 -7.78 0.23
C LYS A 94 -11.67 -6.77 1.03
N VAL A 95 -10.35 -6.80 0.85
CA VAL A 95 -9.46 -5.89 1.56
C VAL A 95 -9.20 -4.63 0.74
N ARG A 96 -9.53 -3.48 1.32
CA ARG A 96 -9.34 -2.20 0.66
C ARG A 96 -8.43 -1.29 1.47
N LEU A 97 -7.47 -0.65 0.80
CA LEU A 97 -6.53 0.24 1.46
C LEU A 97 -6.25 1.47 0.60
N VAL A 98 -5.70 2.51 1.22
CA VAL A 98 -5.38 3.75 0.51
C VAL A 98 -3.87 3.98 0.47
N VAL A 99 -3.30 3.88 -0.71
CA VAL A 99 -1.86 4.08 -0.89
C VAL A 99 -1.57 5.44 -1.52
N TYR A 100 -0.33 5.90 -1.39
CA TYR A 100 0.08 7.18 -1.95
C TYR A 100 1.56 7.17 -2.31
N ARG A 101 1.83 7.32 -3.61
CA ARG A 101 3.21 7.34 -4.09
C ARG A 101 3.68 8.75 -4.37
N ASP A 102 4.97 9.00 -4.17
CA ASP A 102 5.54 10.33 -4.41
C ASP A 102 6.29 10.36 -5.73
N GLU A 103 5.76 11.12 -6.69
CA GLU A 103 6.39 11.24 -8.00
C GLU A 103 7.40 12.37 -8.03
N ALA A 104 8.25 12.42 -7.01
CA ALA A 104 9.27 13.46 -6.91
C ALA A 104 10.61 12.97 -7.45
N HIS A 105 11.24 12.06 -6.71
CA HIS A 105 12.53 11.50 -7.11
C HIS A 105 12.39 10.04 -7.53
N TYR A 106 12.68 9.76 -8.80
CA TYR A 106 12.57 8.40 -9.31
C TYR A 106 13.55 7.47 -8.59
N ARG A 107 14.83 7.83 -8.61
CA ARG A 107 15.86 7.03 -7.96
C ARG A 107 16.00 7.43 -6.49
N ASP A 108 16.18 6.42 -5.63
CA ASP A 108 16.33 6.66 -4.21
C ASP A 108 17.69 6.18 -3.72
N GLU A 109 18.27 5.22 -4.44
CA GLU A 109 19.58 4.68 -4.08
C GLU A 109 19.67 4.45 -2.58
N GLU A 110 18.59 3.92 -2.00
CA GLU A 110 18.55 3.65 -0.56
C GLU A 110 18.40 2.16 -0.30
N SER A 111 19.44 1.54 0.25
CA SER A 111 19.41 0.12 0.55
C SER A 111 18.60 -0.65 -0.49
N GLY A 112 18.80 -0.31 -1.75
CA GLY A 112 18.09 -0.96 -2.83
C GLY A 112 18.94 -2.00 -3.55
N PRO A 113 19.53 -1.60 -4.68
CA PRO A 113 20.38 -2.50 -5.49
C PRO A 113 21.70 -2.81 -4.80
N SER A 114 22.17 -4.05 -4.97
CA SER A 114 23.41 -4.48 -4.37
C SER A 114 24.42 -4.90 -5.43
N SER A 115 24.00 -5.80 -6.32
CA SER A 115 24.86 -6.28 -7.38
C SER A 115 24.83 -5.33 -8.59
N GLY A 116 23.63 -4.95 -8.99
CA GLY A 116 23.48 -4.05 -10.12
C GLY A 116 24.07 -2.67 -9.84
N GLY A 1 -18.42 13.55 -17.59
CA GLY A 1 -18.64 12.17 -18.00
C GLY A 1 -17.65 11.21 -17.36
N SER A 2 -16.63 10.81 -18.14
CA SER A 2 -15.62 9.89 -17.65
C SER A 2 -15.17 10.27 -16.24
N SER A 3 -15.19 9.29 -15.34
CA SER A 3 -14.78 9.52 -13.96
C SER A 3 -13.59 8.64 -13.58
N GLY A 4 -12.46 9.29 -13.30
CA GLY A 4 -11.26 8.55 -12.93
C GLY A 4 -11.40 7.85 -11.60
N SER A 5 -11.78 8.60 -10.58
CA SER A 5 -11.94 8.06 -9.24
C SER A 5 -12.59 6.67 -9.29
N SER A 6 -13.52 6.50 -10.23
CA SER A 6 -14.22 5.23 -10.39
C SER A 6 -13.27 4.16 -10.92
N GLY A 7 -13.01 3.14 -10.10
CA GLY A 7 -12.12 2.07 -10.50
C GLY A 7 -10.83 2.05 -9.71
N PRO A 8 -10.92 1.58 -8.46
CA PRO A 8 -9.75 1.50 -7.56
C PRO A 8 -8.76 0.43 -8.00
N ALA A 9 -9.28 -0.66 -8.57
CA ALA A 9 -8.44 -1.75 -9.03
C ALA A 9 -8.18 -1.65 -10.54
N THR A 10 -9.26 -1.54 -11.30
CA THR A 10 -9.15 -1.43 -12.75
C THR A 10 -8.06 -0.45 -13.16
N CYS A 11 -7.99 0.67 -12.45
CA CYS A 11 -6.99 1.69 -12.73
C CYS A 11 -5.76 1.50 -11.86
N PRO A 12 -4.58 1.82 -12.42
CA PRO A 12 -3.30 1.69 -11.70
C PRO A 12 -3.16 2.73 -10.59
N ILE A 13 -1.98 2.78 -9.98
CA ILE A 13 -1.71 3.72 -8.90
C ILE A 13 -1.13 5.02 -9.44
N VAL A 14 -1.97 6.05 -9.50
CA VAL A 14 -1.52 7.36 -9.99
C VAL A 14 -0.70 8.10 -8.94
N PRO A 15 0.52 8.47 -9.32
CA PRO A 15 1.44 9.20 -8.43
C PRO A 15 0.97 10.62 -8.15
N GLY A 16 1.37 11.16 -7.00
CA GLY A 16 0.98 12.52 -6.64
C GLY A 16 -0.43 12.60 -6.12
N GLN A 17 -1.33 11.82 -6.71
CA GLN A 17 -2.73 11.81 -6.30
C GLN A 17 -3.06 10.53 -5.54
N GLU A 18 -3.59 10.69 -4.34
CA GLU A 18 -3.95 9.54 -3.51
C GLU A 18 -5.01 8.68 -4.20
N MET A 19 -4.76 7.37 -4.23
CA MET A 19 -5.68 6.43 -4.87
C MET A 19 -6.04 5.30 -3.90
N ILE A 20 -7.02 4.50 -4.30
CA ILE A 20 -7.47 3.37 -3.48
C ILE A 20 -7.28 2.05 -4.22
N ILE A 21 -7.20 0.96 -3.45
CA ILE A 21 -7.03 -0.36 -4.04
C ILE A 21 -7.86 -1.40 -3.29
N GLU A 22 -8.57 -2.24 -4.04
CA GLU A 22 -9.40 -3.28 -3.44
C GLU A 22 -8.94 -4.67 -3.89
N ILE A 23 -8.50 -5.48 -2.94
CA ILE A 23 -8.05 -6.83 -3.24
C ILE A 23 -8.92 -7.88 -2.55
N SER A 24 -9.40 -8.85 -3.33
CA SER A 24 -10.24 -9.90 -2.78
C SER A 24 -9.40 -11.10 -2.33
N LYS A 25 -9.59 -11.49 -1.07
CA LYS A 25 -8.84 -12.62 -0.50
C LYS A 25 -9.21 -13.91 -1.20
N GLY A 26 -8.22 -14.58 -1.79
CA GLY A 26 -8.46 -15.83 -2.48
C GLY A 26 -7.98 -17.03 -1.69
N ARG A 27 -8.85 -17.57 -0.84
CA ARG A 27 -8.51 -18.72 -0.02
C ARG A 27 -7.04 -18.69 0.37
N SER A 28 -6.56 -17.52 0.78
CA SER A 28 -5.17 -17.36 1.18
C SER A 28 -4.94 -15.99 1.83
N GLY A 29 -4.69 -16.00 3.14
CA GLY A 29 -4.47 -14.76 3.85
C GLY A 29 -3.54 -13.81 3.10
N LEU A 30 -3.92 -12.55 3.03
CA LEU A 30 -3.12 -11.55 2.33
C LEU A 30 -1.63 -11.83 2.50
N GLY A 31 -0.85 -11.48 1.48
CA GLY A 31 0.59 -11.70 1.54
C GLY A 31 1.38 -10.42 1.40
N LEU A 32 1.42 -9.63 2.46
CA LEU A 32 2.14 -8.36 2.44
C LEU A 32 2.80 -8.09 3.81
N SER A 33 3.84 -7.27 3.80
CA SER A 33 4.55 -6.93 5.03
C SER A 33 4.64 -5.41 5.20
N ILE A 34 4.38 -4.95 6.42
CA ILE A 34 4.43 -3.51 6.71
C ILE A 34 5.56 -3.20 7.69
N VAL A 35 5.89 -1.93 7.82
CA VAL A 35 6.94 -1.49 8.72
C VAL A 35 6.76 -0.04 9.14
N GLY A 36 6.93 0.22 10.43
CA GLY A 36 6.77 1.57 10.95
C GLY A 36 5.58 1.70 11.88
N GLY A 37 5.09 2.93 12.04
CA GLY A 37 3.95 3.16 12.91
C GLY A 37 4.28 4.12 14.04
N LYS A 38 3.87 3.75 15.26
CA LYS A 38 4.12 4.58 16.42
C LYS A 38 5.48 4.25 17.05
N ASP A 39 5.93 5.11 17.96
CA ASP A 39 7.21 4.91 18.62
C ASP A 39 8.27 4.43 17.64
N THR A 40 8.13 4.84 16.38
CA THR A 40 9.07 4.45 15.34
C THR A 40 9.62 5.67 14.61
N PRO A 41 10.80 5.51 14.00
CA PRO A 41 11.45 6.59 13.25
C PRO A 41 10.72 6.93 11.96
N LEU A 42 9.61 6.25 11.71
CA LEU A 42 8.81 6.48 10.51
C LEU A 42 7.33 6.54 10.85
N ASN A 43 6.75 7.75 10.78
CA ASN A 43 5.34 7.94 11.08
C ASN A 43 4.48 7.65 9.84
N ALA A 44 4.98 6.76 8.98
CA ALA A 44 4.26 6.39 7.78
C ALA A 44 4.39 4.90 7.48
N ILE A 45 3.27 4.21 7.37
CA ILE A 45 3.27 2.78 7.10
C ILE A 45 3.80 2.49 5.70
N VAL A 46 4.84 1.67 5.63
CA VAL A 46 5.45 1.31 4.36
C VAL A 46 5.42 -0.20 4.15
N ILE A 47 5.27 -0.62 2.90
CA ILE A 47 5.23 -2.03 2.56
C ILE A 47 6.63 -2.61 2.44
N HIS A 48 7.15 -3.15 3.53
CA HIS A 48 8.48 -3.73 3.54
C HIS A 48 8.64 -4.74 2.41
N GLU A 49 7.72 -5.70 2.33
CA GLU A 49 7.75 -6.72 1.29
C GLU A 49 6.34 -7.19 0.94
N VAL A 50 6.24 -7.95 -0.15
CA VAL A 50 4.95 -8.46 -0.60
C VAL A 50 5.01 -9.96 -0.85
N TYR A 51 4.75 -10.74 0.21
CA TYR A 51 4.78 -12.19 0.10
C TYR A 51 4.29 -12.65 -1.27
N GLU A 52 5.06 -13.53 -1.89
CA GLU A 52 4.71 -14.05 -3.22
C GLU A 52 3.73 -15.21 -3.09
N GLU A 53 3.38 -15.57 -1.87
CA GLU A 53 2.45 -16.66 -1.61
C GLU A 53 1.18 -16.14 -0.94
N GLY A 54 0.61 -15.09 -1.50
CA GLY A 54 -0.61 -14.51 -0.94
C GLY A 54 -1.41 -13.76 -1.97
N ALA A 55 -2.45 -13.07 -1.52
CA ALA A 55 -3.32 -12.30 -2.40
C ALA A 55 -2.63 -11.01 -2.86
N ALA A 56 -2.06 -10.29 -1.90
CA ALA A 56 -1.36 -9.05 -2.20
C ALA A 56 -0.48 -9.20 -3.44
N ALA A 57 0.20 -10.33 -3.54
CA ALA A 57 1.08 -10.60 -4.67
C ALA A 57 0.29 -10.78 -5.95
N ARG A 58 -0.65 -11.73 -5.93
CA ARG A 58 -1.48 -12.01 -7.09
C ARG A 58 -1.92 -10.72 -7.78
N ASP A 59 -2.03 -9.65 -7.00
CA ASP A 59 -2.43 -8.35 -7.54
C ASP A 59 -1.23 -7.58 -8.05
N GLY A 60 -0.23 -7.42 -7.19
CA GLY A 60 0.97 -6.70 -7.56
C GLY A 60 0.85 -5.20 -7.33
N ARG A 61 -0.37 -4.68 -7.46
CA ARG A 61 -0.61 -3.26 -7.27
C ARG A 61 0.26 -2.71 -6.13
N LEU A 62 0.26 -3.40 -5.01
CA LEU A 62 1.05 -2.99 -3.85
C LEU A 62 2.52 -3.34 -4.04
N TRP A 63 3.38 -2.34 -3.92
CA TRP A 63 4.81 -2.54 -4.07
C TRP A 63 5.51 -2.58 -2.72
N ALA A 64 6.79 -2.91 -2.72
CA ALA A 64 7.57 -2.99 -1.49
C ALA A 64 8.16 -1.63 -1.14
N GLY A 65 7.53 -0.57 -1.63
CA GLY A 65 8.02 0.78 -1.37
C GLY A 65 6.89 1.80 -1.33
N ASP A 66 5.66 1.32 -1.26
CA ASP A 66 4.50 2.20 -1.21
C ASP A 66 4.25 2.71 0.19
N GLN A 67 3.25 3.56 0.34
CA GLN A 67 2.90 4.14 1.63
C GLN A 67 1.40 4.13 1.86
N ILE A 68 0.96 3.30 2.81
CA ILE A 68 -0.46 3.19 3.12
C ILE A 68 -0.90 4.30 4.08
N LEU A 69 -2.18 4.65 4.02
CA LEU A 69 -2.73 5.70 4.87
C LEU A 69 -3.94 5.19 5.66
N GLU A 70 -4.73 4.33 5.02
CA GLU A 70 -5.91 3.77 5.65
C GLU A 70 -6.20 2.37 5.13
N VAL A 71 -6.75 1.51 5.99
CA VAL A 71 -7.07 0.15 5.61
C VAL A 71 -8.45 -0.25 6.12
N ASN A 72 -9.23 -0.90 5.27
CA ASN A 72 -10.58 -1.33 5.63
C ASN A 72 -11.28 -0.27 6.47
N GLY A 73 -11.08 1.00 6.12
CA GLY A 73 -11.69 2.08 6.85
C GLY A 73 -11.11 2.25 8.24
N VAL A 74 -9.79 2.17 8.34
CA VAL A 74 -9.10 2.31 9.61
C VAL A 74 -7.80 3.10 9.45
N ASP A 75 -7.80 4.35 9.91
CA ASP A 75 -6.63 5.20 9.82
C ASP A 75 -5.38 4.46 10.28
N LEU A 76 -4.31 4.57 9.50
CA LEU A 76 -3.05 3.91 9.83
C LEU A 76 -1.92 4.92 9.96
N ARG A 77 -2.13 6.12 9.43
CA ARG A 77 -1.14 7.18 9.49
C ARG A 77 -0.45 7.20 10.86
N ASN A 78 -1.26 7.12 11.92
CA ASN A 78 -0.73 7.13 13.28
C ASN A 78 -1.14 5.86 14.03
N SER A 79 -0.87 4.71 13.42
CA SER A 79 -1.20 3.42 14.02
C SER A 79 0.06 2.70 14.48
N SER A 80 -0.06 1.92 15.54
CA SER A 80 1.07 1.16 16.09
C SER A 80 1.50 0.06 15.12
N HIS A 81 2.81 -0.06 14.92
CA HIS A 81 3.35 -1.07 14.01
C HIS A 81 2.52 -2.34 14.05
N GLU A 82 2.06 -2.70 15.26
CA GLU A 82 1.25 -3.90 15.42
C GLU A 82 -0.20 -3.65 15.00
N GLU A 83 -0.76 -2.55 15.47
CA GLU A 83 -2.14 -2.20 15.14
C GLU A 83 -2.40 -2.38 13.65
N ALA A 84 -1.52 -1.83 12.83
CA ALA A 84 -1.64 -1.93 11.38
C ALA A 84 -1.70 -3.39 10.94
N ILE A 85 -0.93 -4.23 11.61
CA ILE A 85 -0.89 -5.66 11.27
C ILE A 85 -2.24 -6.31 11.51
N THR A 86 -2.83 -6.04 12.68
CA THR A 86 -4.12 -6.60 13.03
C THR A 86 -5.21 -6.14 12.06
N ALA A 87 -5.13 -4.87 11.65
CA ALA A 87 -6.10 -4.30 10.72
C ALA A 87 -6.10 -5.06 9.40
N LEU A 88 -5.00 -5.76 9.13
CA LEU A 88 -4.87 -6.53 7.89
C LEU A 88 -5.41 -7.94 8.06
N ARG A 89 -5.43 -8.41 9.30
CA ARG A 89 -5.93 -9.74 9.61
C ARG A 89 -7.42 -9.71 9.94
N GLN A 90 -7.89 -8.55 10.40
CA GLN A 90 -9.30 -8.39 10.76
C GLN A 90 -10.11 -7.90 9.56
N THR A 91 -9.51 -7.97 8.38
CA THR A 91 -10.17 -7.53 7.15
C THR A 91 -11.03 -8.65 6.57
N PRO A 92 -12.23 -8.29 6.08
CA PRO A 92 -13.15 -9.24 5.48
C PRO A 92 -12.66 -9.77 4.13
N GLN A 93 -13.54 -10.43 3.40
CA GLN A 93 -13.19 -10.98 2.09
C GLN A 93 -12.59 -9.91 1.20
N LYS A 94 -13.15 -8.71 1.24
CA LYS A 94 -12.66 -7.60 0.43
C LYS A 94 -11.81 -6.66 1.26
N VAL A 95 -10.52 -6.58 0.92
CA VAL A 95 -9.60 -5.72 1.64
C VAL A 95 -9.27 -4.47 0.83
N ARG A 96 -9.84 -3.34 1.24
CA ARG A 96 -9.61 -2.07 0.54
C ARG A 96 -8.66 -1.18 1.34
N LEU A 97 -7.76 -0.51 0.64
CA LEU A 97 -6.79 0.37 1.28
C LEU A 97 -6.46 1.56 0.37
N VAL A 98 -5.80 2.57 0.95
CA VAL A 98 -5.42 3.75 0.19
C VAL A 98 -3.90 3.92 0.16
N VAL A 99 -3.33 3.90 -1.04
CA VAL A 99 -1.89 4.05 -1.21
C VAL A 99 -1.55 5.42 -1.78
N TYR A 100 -0.33 5.88 -1.52
CA TYR A 100 0.13 7.17 -2.02
C TYR A 100 1.57 7.09 -2.51
N ARG A 101 1.75 7.22 -3.82
CA ARG A 101 3.08 7.16 -4.40
C ARG A 101 3.47 8.51 -5.02
N ASP A 102 3.91 9.43 -4.17
CA ASP A 102 4.31 10.75 -4.61
C ASP A 102 5.37 10.65 -5.71
N GLU A 103 5.32 11.59 -6.66
CA GLU A 103 6.26 11.61 -7.76
C GLU A 103 7.31 12.72 -7.57
N ALA A 104 7.49 13.14 -6.32
CA ALA A 104 8.44 14.18 -6.00
C ALA A 104 9.88 13.68 -6.12
N HIS A 105 10.60 14.15 -7.13
CA HIS A 105 11.98 13.74 -7.36
C HIS A 105 12.11 12.23 -7.31
N TYR A 106 11.14 11.54 -7.90
CA TYR A 106 11.15 10.08 -7.92
C TYR A 106 12.14 9.56 -8.96
N ARG A 107 12.02 10.02 -10.19
CA ARG A 107 12.91 9.61 -11.26
C ARG A 107 13.91 10.71 -11.60
N ASP A 108 15.18 10.45 -11.33
CA ASP A 108 16.23 11.42 -11.60
C ASP A 108 16.89 11.14 -12.94
N GLU A 109 17.51 12.17 -13.53
CA GLU A 109 18.17 12.04 -14.81
C GLU A 109 19.62 12.51 -14.73
N GLU A 110 20.51 11.79 -15.40
CA GLU A 110 21.93 12.14 -15.40
C GLU A 110 22.52 11.99 -16.80
N SER A 111 23.28 12.99 -17.22
CA SER A 111 23.91 12.98 -18.54
C SER A 111 25.25 12.25 -18.50
N GLY A 112 25.28 11.05 -19.09
CA GLY A 112 26.50 10.27 -19.11
C GLY A 112 26.90 9.85 -20.52
N PRO A 113 27.74 8.82 -20.61
CA PRO A 113 28.22 8.30 -21.91
C PRO A 113 27.12 7.62 -22.70
N SER A 114 26.15 7.04 -21.99
CA SER A 114 25.04 6.35 -22.64
C SER A 114 24.54 7.13 -23.85
N SER A 115 23.92 6.42 -24.78
CA SER A 115 23.41 7.04 -26.00
C SER A 115 24.40 8.06 -26.56
N GLY A 116 25.68 7.70 -26.54
CA GLY A 116 26.70 8.59 -27.05
C GLY A 116 26.69 8.69 -28.56
N GLY A 1 -22.77 2.27 -0.72
CA GLY A 1 -22.67 3.30 -1.73
C GLY A 1 -21.46 3.09 -2.64
N SER A 2 -21.70 2.97 -3.94
CA SER A 2 -20.63 2.76 -4.91
C SER A 2 -20.21 4.08 -5.53
N SER A 3 -18.90 4.32 -5.59
CA SER A 3 -18.36 5.54 -6.15
C SER A 3 -17.99 5.34 -7.62
N GLY A 4 -17.28 4.26 -7.90
CA GLY A 4 -16.87 3.97 -9.27
C GLY A 4 -17.77 2.96 -9.94
N SER A 5 -17.39 2.54 -11.15
CA SER A 5 -18.18 1.57 -11.90
C SER A 5 -17.59 0.17 -11.77
N SER A 6 -16.28 0.07 -11.96
CA SER A 6 -15.59 -1.22 -11.86
C SER A 6 -14.66 -1.25 -10.66
N GLY A 7 -15.03 -2.03 -9.64
CA GLY A 7 -14.20 -2.14 -8.46
C GLY A 7 -13.90 -0.78 -7.85
N PRO A 8 -12.81 -0.72 -7.06
CA PRO A 8 -12.39 0.51 -6.40
C PRO A 8 -11.87 1.55 -7.39
N ALA A 9 -10.93 1.13 -8.23
CA ALA A 9 -10.34 2.03 -9.23
C ALA A 9 -10.30 1.36 -10.60
N THR A 10 -10.07 2.17 -11.64
CA THR A 10 -10.02 1.66 -13.00
C THR A 10 -8.59 1.67 -13.53
N CYS A 11 -7.81 2.63 -13.07
CA CYS A 11 -6.40 2.74 -13.49
C CYS A 11 -5.46 2.34 -12.37
N PRO A 12 -4.21 2.04 -12.74
CA PRO A 12 -3.18 1.64 -11.77
C PRO A 12 -2.75 2.78 -10.86
N ILE A 13 -2.21 2.43 -9.69
CA ILE A 13 -1.77 3.44 -8.73
C ILE A 13 -1.23 4.67 -9.45
N VAL A 14 -1.99 5.77 -9.36
CA VAL A 14 -1.60 7.03 -9.99
C VAL A 14 -0.77 7.88 -9.04
N PRO A 15 0.45 8.22 -9.46
CA PRO A 15 1.36 9.05 -8.66
C PRO A 15 0.89 10.49 -8.55
N GLY A 16 1.37 11.19 -7.52
CA GLY A 16 0.99 12.58 -7.32
C GLY A 16 -0.28 12.72 -6.50
N GLN A 17 -1.23 11.81 -6.73
CA GLN A 17 -2.49 11.84 -6.00
C GLN A 17 -2.79 10.48 -5.37
N GLU A 18 -3.42 10.50 -4.19
CA GLU A 18 -3.76 9.28 -3.50
C GLU A 18 -4.80 8.47 -4.27
N MET A 19 -4.86 7.17 -4.00
CA MET A 19 -5.81 6.30 -4.68
C MET A 19 -6.17 5.10 -3.80
N ILE A 20 -7.23 4.39 -4.18
CA ILE A 20 -7.67 3.23 -3.42
C ILE A 20 -7.45 1.94 -4.21
N ILE A 21 -7.20 0.85 -3.49
CA ILE A 21 -6.97 -0.45 -4.12
C ILE A 21 -7.62 -1.56 -3.32
N GLU A 22 -8.39 -2.40 -4.00
CA GLU A 22 -9.07 -3.52 -3.35
C GLU A 22 -8.56 -4.85 -3.89
N ILE A 23 -8.33 -5.80 -2.99
CA ILE A 23 -7.84 -7.12 -3.38
C ILE A 23 -8.71 -8.22 -2.78
N SER A 24 -8.93 -9.28 -3.56
CA SER A 24 -9.75 -10.40 -3.11
C SER A 24 -8.88 -11.48 -2.48
N LYS A 25 -9.09 -11.71 -1.18
CA LYS A 25 -8.33 -12.72 -0.46
C LYS A 25 -8.49 -14.09 -1.09
N GLY A 26 -7.40 -14.63 -1.62
CA GLY A 26 -7.45 -15.94 -2.25
C GLY A 26 -7.69 -17.05 -1.25
N ARG A 27 -7.22 -18.25 -1.59
CA ARG A 27 -7.41 -19.40 -0.71
C ARG A 27 -6.81 -19.14 0.67
N SER A 28 -5.81 -18.27 0.72
CA SER A 28 -5.14 -17.94 1.97
C SER A 28 -5.07 -16.43 2.16
N GLY A 29 -4.95 -16.01 3.42
CA GLY A 29 -4.87 -14.59 3.71
C GLY A 29 -3.74 -13.90 2.98
N LEU A 30 -3.70 -12.58 3.06
CA LEU A 30 -2.66 -11.80 2.40
C LEU A 30 -1.27 -12.25 2.84
N GLY A 31 -0.26 -11.97 2.02
CA GLY A 31 1.09 -12.35 2.36
C GLY A 31 2.07 -11.21 2.20
N LEU A 32 1.87 -10.15 2.98
CA LEU A 32 2.74 -8.98 2.93
C LEU A 32 3.15 -8.55 4.33
N SER A 33 4.04 -7.56 4.40
CA SER A 33 4.52 -7.06 5.68
C SER A 33 4.60 -5.53 5.67
N ILE A 34 4.60 -4.93 6.85
CA ILE A 34 4.68 -3.48 6.99
C ILE A 34 5.75 -3.07 7.98
N VAL A 35 5.97 -1.76 8.10
CA VAL A 35 6.97 -1.24 9.02
C VAL A 35 6.71 0.23 9.34
N GLY A 36 6.94 0.61 10.58
CA GLY A 36 6.73 1.99 11.00
C GLY A 36 5.55 2.13 11.95
N GLY A 37 5.10 3.37 12.14
CA GLY A 37 3.99 3.63 13.03
C GLY A 37 4.38 4.48 14.22
N LYS A 38 3.89 4.10 15.40
CA LYS A 38 4.19 4.84 16.62
C LYS A 38 5.51 4.38 17.22
N ASP A 39 6.09 5.22 18.07
CA ASP A 39 7.36 4.89 18.72
C ASP A 39 8.38 4.40 17.70
N THR A 40 8.24 4.85 16.46
CA THR A 40 9.15 4.46 15.40
C THR A 40 9.76 5.67 14.71
N PRO A 41 10.91 5.46 14.05
CA PRO A 41 11.62 6.53 13.33
C PRO A 41 10.87 7.01 12.10
N LEU A 42 9.68 6.45 11.88
CA LEU A 42 8.86 6.81 10.74
C LEU A 42 7.38 6.83 11.10
N ASN A 43 6.71 7.92 10.77
CA ASN A 43 5.28 8.05 11.07
C ASN A 43 4.44 7.69 9.86
N ALA A 44 5.03 6.95 8.93
CA ALA A 44 4.34 6.54 7.72
C ALA A 44 4.48 5.04 7.48
N ILE A 45 3.35 4.34 7.40
CA ILE A 45 3.36 2.90 7.18
C ILE A 45 3.90 2.56 5.80
N VAL A 46 4.89 1.68 5.76
CA VAL A 46 5.50 1.26 4.50
C VAL A 46 5.50 -0.25 4.36
N ILE A 47 5.32 -0.74 3.14
CA ILE A 47 5.31 -2.17 2.87
C ILE A 47 6.72 -2.74 2.85
N HIS A 48 7.07 -3.48 3.90
CA HIS A 48 8.39 -4.09 4.01
C HIS A 48 8.63 -5.06 2.87
N GLU A 49 7.80 -6.11 2.82
CA GLU A 49 7.93 -7.13 1.77
C GLU A 49 6.56 -7.74 1.45
N VAL A 50 6.43 -8.23 0.22
CA VAL A 50 5.18 -8.84 -0.22
C VAL A 50 5.40 -10.28 -0.67
N TYR A 51 5.19 -11.22 0.25
CA TYR A 51 5.36 -12.63 -0.06
C TYR A 51 4.68 -13.00 -1.37
N GLU A 52 5.48 -13.12 -2.43
CA GLU A 52 4.96 -13.47 -3.74
C GLU A 52 3.88 -14.55 -3.63
N GLU A 53 3.97 -15.36 -2.59
CA GLU A 53 3.00 -16.43 -2.36
C GLU A 53 1.83 -15.94 -1.53
N GLY A 54 1.37 -14.73 -1.82
CA GLY A 54 0.25 -14.16 -1.09
C GLY A 54 -0.76 -13.49 -2.01
N ALA A 55 -1.98 -13.33 -1.51
CA ALA A 55 -3.04 -12.70 -2.30
C ALA A 55 -2.63 -11.32 -2.77
N ALA A 56 -1.97 -10.56 -1.89
CA ALA A 56 -1.51 -9.22 -2.23
C ALA A 56 -0.66 -9.23 -3.48
N ALA A 57 0.35 -10.08 -3.51
CA ALA A 57 1.24 -10.19 -4.65
C ALA A 57 0.48 -10.61 -5.91
N ARG A 58 -0.35 -11.64 -5.77
CA ARG A 58 -1.14 -12.14 -6.88
C ARG A 58 -1.66 -10.99 -7.74
N ASP A 59 -2.39 -10.08 -7.12
CA ASP A 59 -2.95 -8.93 -7.83
C ASP A 59 -1.86 -8.18 -8.57
N GLY A 60 -0.74 -7.92 -7.89
CA GLY A 60 0.36 -7.20 -8.50
C GLY A 60 0.13 -5.70 -8.54
N ARG A 61 -0.60 -5.20 -7.56
CA ARG A 61 -0.90 -3.77 -7.47
C ARG A 61 -0.07 -3.09 -6.38
N LEU A 62 0.32 -3.87 -5.38
CA LEU A 62 1.12 -3.36 -4.28
C LEU A 62 2.57 -3.82 -4.40
N TRP A 63 3.47 -2.85 -4.58
CA TRP A 63 4.89 -3.16 -4.71
C TRP A 63 5.65 -2.73 -3.46
N ALA A 64 6.56 -3.58 -3.00
CA ALA A 64 7.36 -3.29 -1.81
C ALA A 64 7.99 -1.91 -1.91
N GLY A 65 7.54 -0.99 -1.06
CA GLY A 65 8.07 0.36 -1.06
C GLY A 65 6.99 1.42 -1.19
N ASP A 66 5.76 1.05 -0.84
CA ASP A 66 4.63 1.96 -0.92
C ASP A 66 4.30 2.53 0.46
N GLN A 67 3.46 3.56 0.48
CA GLN A 67 3.05 4.17 1.74
C GLN A 67 1.53 4.14 1.90
N ILE A 68 1.07 3.33 2.85
CA ILE A 68 -0.37 3.21 3.11
C ILE A 68 -0.85 4.30 4.05
N LEU A 69 -2.09 4.73 3.87
CA LEU A 69 -2.67 5.77 4.71
C LEU A 69 -3.90 5.24 5.45
N GLU A 70 -4.56 4.24 4.87
CA GLU A 70 -5.75 3.65 5.48
C GLU A 70 -5.93 2.20 5.02
N VAL A 71 -6.69 1.44 5.78
CA VAL A 71 -6.94 0.03 5.45
C VAL A 71 -8.30 -0.41 5.97
N ASN A 72 -9.13 -0.94 5.07
CA ASN A 72 -10.46 -1.41 5.45
C ASN A 72 -11.18 -0.38 6.30
N GLY A 73 -10.92 0.90 6.03
CA GLY A 73 -11.55 1.96 6.78
C GLY A 73 -10.93 2.16 8.15
N VAL A 74 -9.63 1.88 8.25
CA VAL A 74 -8.91 2.02 9.51
C VAL A 74 -7.67 2.90 9.34
N ASP A 75 -7.79 4.16 9.76
CA ASP A 75 -6.68 5.11 9.65
C ASP A 75 -5.42 4.54 10.30
N LEU A 76 -4.37 4.41 9.51
CA LEU A 76 -3.10 3.88 10.00
C LEU A 76 -2.07 4.99 10.15
N ARG A 77 -2.33 6.12 9.50
CA ARG A 77 -1.42 7.26 9.56
C ARG A 77 -0.94 7.51 10.98
N ASN A 78 -1.80 7.19 11.95
CA ASN A 78 -1.46 7.38 13.35
C ASN A 78 -1.75 6.10 14.16
N SER A 79 -1.42 4.96 13.57
CA SER A 79 -1.64 3.67 14.23
C SER A 79 -0.31 3.03 14.63
N SER A 80 -0.34 2.25 15.70
CA SER A 80 0.87 1.58 16.18
C SER A 80 1.28 0.45 15.24
N HIS A 81 2.58 0.31 15.04
CA HIS A 81 3.11 -0.73 14.16
C HIS A 81 2.25 -1.99 14.23
N GLU A 82 1.83 -2.35 15.44
CA GLU A 82 1.00 -3.53 15.65
C GLU A 82 -0.43 -3.27 15.19
N GLU A 83 -1.00 -2.15 15.63
CA GLU A 83 -2.36 -1.80 15.26
C GLU A 83 -2.60 -2.00 13.77
N ALA A 84 -1.65 -1.58 12.96
CA ALA A 84 -1.75 -1.71 11.51
C ALA A 84 -1.77 -3.18 11.10
N ILE A 85 -1.11 -4.02 11.89
CA ILE A 85 -1.06 -5.44 11.60
C ILE A 85 -2.42 -6.10 11.81
N THR A 86 -2.98 -5.92 13.01
CA THR A 86 -4.28 -6.49 13.34
C THR A 86 -5.34 -6.04 12.34
N ALA A 87 -5.22 -4.80 11.88
CA ALA A 87 -6.17 -4.24 10.92
C ALA A 87 -6.12 -4.99 9.60
N LEU A 88 -5.04 -5.73 9.37
CA LEU A 88 -4.87 -6.49 8.15
C LEU A 88 -5.41 -7.91 8.32
N ARG A 89 -5.60 -8.33 9.57
CA ARG A 89 -6.10 -9.66 9.87
C ARG A 89 -7.61 -9.62 10.12
N GLN A 90 -8.10 -8.48 10.56
CA GLN A 90 -9.52 -8.31 10.84
C GLN A 90 -10.28 -7.89 9.58
N THR A 91 -9.63 -8.02 8.43
CA THR A 91 -10.24 -7.65 7.16
C THR A 91 -11.03 -8.82 6.58
N PRO A 92 -12.18 -8.51 5.97
CA PRO A 92 -13.05 -9.52 5.35
C PRO A 92 -12.43 -10.13 4.10
N GLN A 93 -13.25 -10.82 3.32
CA GLN A 93 -12.78 -11.46 2.09
C GLN A 93 -12.07 -10.45 1.19
N LYS A 94 -12.48 -9.19 1.29
CA LYS A 94 -11.88 -8.13 0.49
C LYS A 94 -11.07 -7.18 1.37
N VAL A 95 -9.90 -6.77 0.87
CA VAL A 95 -9.03 -5.86 1.61
C VAL A 95 -8.73 -4.61 0.79
N ARG A 96 -9.42 -3.51 1.12
CA ARG A 96 -9.22 -2.26 0.41
C ARG A 96 -8.27 -1.34 1.20
N LEU A 97 -7.30 -0.77 0.49
CA LEU A 97 -6.33 0.11 1.11
C LEU A 97 -6.06 1.33 0.22
N VAL A 98 -5.57 2.40 0.82
CA VAL A 98 -5.25 3.62 0.09
C VAL A 98 -3.75 3.90 0.08
N VAL A 99 -3.14 3.75 -1.09
CA VAL A 99 -1.71 3.98 -1.22
C VAL A 99 -1.43 5.33 -1.89
N TYR A 100 -0.22 5.85 -1.68
CA TYR A 100 0.17 7.13 -2.26
C TYR A 100 1.61 7.10 -2.73
N ARG A 101 1.81 7.13 -4.04
CA ARG A 101 3.16 7.11 -4.61
C ARG A 101 3.53 8.48 -5.17
N ASP A 102 4.16 9.30 -4.33
CA ASP A 102 4.57 10.64 -4.73
C ASP A 102 5.55 10.56 -5.90
N GLU A 103 5.44 11.52 -6.82
CA GLU A 103 6.32 11.56 -7.98
C GLU A 103 7.44 12.58 -7.78
N ALA A 104 7.72 12.89 -6.51
CA ALA A 104 8.78 13.84 -6.18
C ALA A 104 10.16 13.19 -6.29
N HIS A 105 10.30 12.02 -5.68
CA HIS A 105 11.56 11.30 -5.70
C HIS A 105 11.42 9.95 -6.41
N TYR A 106 10.50 9.90 -7.38
CA TYR A 106 10.25 8.67 -8.12
C TYR A 106 11.56 8.02 -8.55
N ARG A 107 12.32 8.71 -9.40
CA ARG A 107 13.59 8.20 -9.89
C ARG A 107 14.43 7.63 -8.74
N ASP A 108 15.10 6.53 -9.00
CA ASP A 108 15.94 5.89 -7.99
C ASP A 108 16.90 6.90 -7.35
N GLU A 109 17.61 6.47 -6.33
CA GLU A 109 18.55 7.33 -5.63
C GLU A 109 19.88 7.40 -6.37
N GLU A 110 20.65 8.45 -6.12
CA GLU A 110 21.94 8.63 -6.77
C GLU A 110 23.07 8.03 -5.92
N SER A 111 23.98 7.32 -6.56
CA SER A 111 25.10 6.70 -5.86
C SER A 111 26.43 7.30 -6.31
N GLY A 112 26.63 7.35 -7.63
CA GLY A 112 27.86 7.90 -8.17
C GLY A 112 28.04 7.58 -9.63
N PRO A 113 29.29 7.65 -10.12
CA PRO A 113 29.61 7.36 -11.51
C PRO A 113 29.45 5.90 -11.87
N SER A 114 29.22 5.07 -10.85
CA SER A 114 29.05 3.64 -11.05
C SER A 114 27.61 3.31 -11.46
N SER A 115 27.44 2.25 -12.23
CA SER A 115 26.12 1.84 -12.69
C SER A 115 25.61 0.65 -11.88
N GLY A 116 24.39 0.79 -11.35
CA GLY A 116 23.81 -0.28 -10.56
C GLY A 116 23.80 0.04 -9.07
N GLY A 1 -15.97 10.06 -20.70
CA GLY A 1 -15.08 10.92 -19.93
C GLY A 1 -15.09 10.59 -18.46
N SER A 2 -15.12 11.62 -17.63
CA SER A 2 -15.13 11.45 -16.17
C SER A 2 -16.54 11.60 -15.61
N SER A 3 -17.35 10.56 -15.78
CA SER A 3 -18.72 10.58 -15.29
C SER A 3 -18.94 9.52 -14.23
N GLY A 4 -18.04 8.54 -14.18
CA GLY A 4 -18.14 7.47 -13.20
C GLY A 4 -16.94 7.40 -12.30
N SER A 5 -17.06 6.63 -11.22
CA SER A 5 -15.95 6.47 -10.26
C SER A 5 -14.81 5.68 -10.88
N SER A 6 -13.59 5.99 -10.45
CA SER A 6 -12.41 5.30 -10.96
C SER A 6 -12.50 3.79 -10.70
N GLY A 7 -11.64 3.03 -11.36
CA GLY A 7 -11.63 1.58 -11.17
C GLY A 7 -10.40 1.10 -10.42
N PRO A 8 -10.46 1.16 -9.09
CA PRO A 8 -9.36 0.73 -8.23
C PRO A 8 -9.16 -0.78 -8.25
N ALA A 9 -9.95 -1.46 -9.06
CA ALA A 9 -9.87 -2.91 -9.17
C ALA A 9 -9.12 -3.32 -10.43
N THR A 10 -8.96 -2.38 -11.35
CA THR A 10 -8.26 -2.64 -12.61
C THR A 10 -7.23 -1.55 -12.90
N CYS A 11 -7.68 -0.30 -12.85
CA CYS A 11 -6.79 0.83 -13.11
C CYS A 11 -5.60 0.82 -12.17
N PRO A 12 -4.42 1.20 -12.69
CA PRO A 12 -3.18 1.24 -11.91
C PRO A 12 -3.19 2.36 -10.87
N ILE A 13 -2.11 2.46 -10.11
CA ILE A 13 -1.99 3.49 -9.08
C ILE A 13 -1.46 4.79 -9.67
N VAL A 14 -2.30 5.82 -9.67
CA VAL A 14 -1.91 7.12 -10.21
C VAL A 14 -1.04 7.88 -9.20
N PRO A 15 0.20 8.19 -9.61
CA PRO A 15 1.15 8.92 -8.77
C PRO A 15 0.75 10.38 -8.57
N GLY A 16 1.46 11.06 -7.68
CA GLY A 16 1.16 12.46 -7.41
C GLY A 16 -0.03 12.63 -6.49
N GLN A 17 -1.06 11.84 -6.71
CA GLN A 17 -2.27 11.90 -5.89
C GLN A 17 -2.53 10.58 -5.18
N GLU A 18 -3.28 10.63 -4.09
CA GLU A 18 -3.60 9.44 -3.31
C GLU A 18 -4.80 8.70 -3.92
N MET A 19 -4.66 7.38 -4.04
CA MET A 19 -5.74 6.56 -4.61
C MET A 19 -6.06 5.40 -3.68
N ILE A 20 -7.13 4.68 -4.01
CA ILE A 20 -7.55 3.53 -3.21
C ILE A 20 -7.44 2.24 -4.00
N ILE A 21 -7.11 1.15 -3.31
CA ILE A 21 -6.96 -0.15 -3.95
C ILE A 21 -7.90 -1.18 -3.32
N GLU A 22 -8.33 -2.14 -4.12
CA GLU A 22 -9.23 -3.19 -3.64
C GLU A 22 -8.78 -4.56 -4.12
N ILE A 23 -8.34 -5.39 -3.19
CA ILE A 23 -7.87 -6.74 -3.51
C ILE A 23 -8.82 -7.80 -2.95
N SER A 24 -9.09 -8.82 -3.76
CA SER A 24 -9.97 -9.91 -3.34
C SER A 24 -9.18 -11.08 -2.77
N LYS A 25 -9.16 -11.18 -1.44
CA LYS A 25 -8.44 -12.26 -0.77
C LYS A 25 -8.81 -13.61 -1.35
N GLY A 26 -8.05 -14.64 -0.97
CA GLY A 26 -8.32 -15.98 -1.47
C GLY A 26 -8.26 -17.03 -0.38
N ARG A 27 -7.09 -17.64 -0.22
CA ARG A 27 -6.91 -18.67 0.80
C ARG A 27 -5.88 -18.23 1.84
N SER A 28 -4.69 -17.86 1.38
CA SER A 28 -3.62 -17.42 2.27
C SER A 28 -3.75 -15.93 2.57
N GLY A 29 -4.91 -15.53 3.08
CA GLY A 29 -5.14 -14.14 3.40
C GLY A 29 -4.56 -13.19 2.36
N LEU A 30 -3.47 -12.53 2.71
CA LEU A 30 -2.81 -11.60 1.81
C LEU A 30 -1.35 -11.97 1.60
N GLY A 31 -0.56 -11.86 2.66
CA GLY A 31 0.85 -12.20 2.58
C GLY A 31 1.72 -10.98 2.34
N LEU A 32 1.59 -9.99 3.21
CA LEU A 32 2.37 -8.75 3.08
C LEU A 32 2.94 -8.33 4.44
N SER A 33 3.92 -7.44 4.41
CA SER A 33 4.55 -6.96 5.63
C SER A 33 4.54 -5.43 5.67
N ILE A 34 4.63 -4.87 6.88
CA ILE A 34 4.64 -3.43 7.05
C ILE A 34 5.71 -3.01 8.05
N VAL A 35 5.93 -1.69 8.16
CA VAL A 35 6.93 -1.17 9.08
C VAL A 35 6.64 0.30 9.40
N GLY A 36 7.01 0.72 10.60
CA GLY A 36 6.80 2.10 11.02
C GLY A 36 5.80 2.21 12.16
N GLY A 37 5.22 3.39 12.31
CA GLY A 37 4.25 3.59 13.38
C GLY A 37 4.43 4.93 14.07
N LYS A 38 4.68 4.89 15.37
CA LYS A 38 4.88 6.11 16.15
C LYS A 38 6.28 6.15 16.75
N ASP A 39 6.78 4.99 17.15
CA ASP A 39 8.11 4.89 17.74
C ASP A 39 9.13 4.42 16.71
N THR A 40 8.80 4.59 15.44
CA THR A 40 9.69 4.17 14.36
C THR A 40 10.37 5.37 13.71
N PRO A 41 11.57 5.13 13.14
CA PRO A 41 12.34 6.18 12.48
C PRO A 41 11.70 6.65 11.17
N LEU A 42 10.54 6.10 10.87
CA LEU A 42 9.82 6.47 9.66
C LEU A 42 8.48 7.13 9.99
N ASN A 43 7.87 6.69 11.08
CA ASN A 43 6.59 7.24 11.51
C ASN A 43 5.57 7.17 10.39
N ALA A 44 5.66 6.13 9.57
CA ALA A 44 4.74 5.94 8.45
C ALA A 44 4.67 4.47 8.04
N ILE A 45 3.46 3.94 8.00
CA ILE A 45 3.25 2.55 7.62
C ILE A 45 3.71 2.29 6.19
N VAL A 46 4.82 1.58 6.05
CA VAL A 46 5.36 1.26 4.73
C VAL A 46 5.46 -0.25 4.53
N ILE A 47 5.24 -0.69 3.30
CA ILE A 47 5.31 -2.11 2.97
C ILE A 47 6.76 -2.59 2.91
N HIS A 48 7.14 -3.40 3.89
CA HIS A 48 8.50 -3.93 3.94
C HIS A 48 8.73 -4.97 2.84
N GLU A 49 7.85 -5.96 2.77
CA GLU A 49 7.96 -7.01 1.76
C GLU A 49 6.60 -7.62 1.48
N VAL A 50 6.32 -7.87 0.20
CA VAL A 50 5.05 -8.46 -0.21
C VAL A 50 5.25 -9.88 -0.72
N TYR A 51 4.98 -10.86 0.15
CA TYR A 51 5.13 -12.26 -0.22
C TYR A 51 4.37 -12.58 -1.50
N GLU A 52 5.09 -12.56 -2.62
CA GLU A 52 4.48 -12.84 -3.92
C GLU A 52 3.65 -14.13 -3.86
N GLU A 53 3.93 -14.95 -2.86
CA GLU A 53 3.23 -16.22 -2.70
C GLU A 53 1.91 -16.02 -1.94
N GLY A 54 1.24 -14.90 -2.22
CA GLY A 54 -0.02 -14.61 -1.55
C GLY A 54 -1.05 -14.04 -2.51
N ALA A 55 -1.93 -13.18 -1.99
CA ALA A 55 -2.97 -12.57 -2.80
C ALA A 55 -2.56 -11.17 -3.26
N ALA A 56 -2.26 -10.30 -2.29
CA ALA A 56 -1.85 -8.94 -2.60
C ALA A 56 -0.96 -8.89 -3.83
N ALA A 57 -0.24 -9.99 -4.09
CA ALA A 57 0.64 -10.08 -5.23
C ALA A 57 -0.12 -10.47 -6.49
N ARG A 58 -0.96 -11.50 -6.37
CA ARG A 58 -1.75 -11.98 -7.50
C ARG A 58 -2.29 -10.81 -8.32
N ASP A 59 -2.64 -9.72 -7.63
CA ASP A 59 -3.17 -8.54 -8.29
C ASP A 59 -2.05 -7.60 -8.73
N GLY A 60 -1.06 -7.42 -7.85
CA GLY A 60 0.05 -6.55 -8.16
C GLY A 60 -0.29 -5.09 -8.02
N ARG A 61 -1.09 -4.77 -7.00
CA ARG A 61 -1.49 -3.39 -6.75
C ARG A 61 -0.57 -2.72 -5.73
N LEU A 62 -0.09 -3.51 -4.77
CA LEU A 62 0.80 -3.00 -3.74
C LEU A 62 2.24 -3.47 -3.99
N TRP A 63 3.13 -2.51 -4.20
CA TRP A 63 4.53 -2.83 -4.44
C TRP A 63 5.39 -2.45 -3.24
N ALA A 64 6.32 -3.33 -2.88
CA ALA A 64 7.20 -3.09 -1.75
C ALA A 64 7.86 -1.73 -1.85
N GLY A 65 7.24 -0.72 -1.23
CA GLY A 65 7.79 0.62 -1.27
C GLY A 65 6.71 1.68 -1.34
N ASP A 66 5.57 1.40 -0.71
CA ASP A 66 4.45 2.34 -0.70
C ASP A 66 4.12 2.77 0.72
N GLN A 67 3.51 3.94 0.85
CA GLN A 67 3.13 4.46 2.16
C GLN A 67 1.62 4.41 2.35
N ILE A 68 1.18 3.57 3.28
CA ILE A 68 -0.25 3.42 3.56
C ILE A 68 -0.74 4.53 4.49
N LEU A 69 -2.01 4.89 4.35
CA LEU A 69 -2.60 5.94 5.18
C LEU A 69 -3.82 5.41 5.95
N GLU A 70 -4.54 4.48 5.32
CA GLU A 70 -5.72 3.89 5.94
C GLU A 70 -5.95 2.46 5.44
N VAL A 71 -6.73 1.70 6.19
CA VAL A 71 -7.02 0.32 5.83
C VAL A 71 -8.43 -0.08 6.24
N ASN A 72 -9.18 -0.66 5.32
CA ASN A 72 -10.55 -1.08 5.60
C ASN A 72 -11.28 -0.04 6.44
N GLY A 73 -10.89 1.22 6.29
CA GLY A 73 -11.52 2.29 7.03
C GLY A 73 -10.93 2.45 8.42
N VAL A 74 -9.64 2.16 8.54
CA VAL A 74 -8.95 2.27 9.84
C VAL A 74 -7.65 3.06 9.69
N ASP A 75 -7.70 4.34 10.05
CA ASP A 75 -6.52 5.19 9.97
C ASP A 75 -5.30 4.51 10.57
N LEU A 76 -4.22 4.43 9.79
CA LEU A 76 -2.99 3.80 10.25
C LEU A 76 -1.91 4.83 10.50
N ARG A 77 -2.08 6.02 9.94
CA ARG A 77 -1.12 7.11 10.11
C ARG A 77 -0.75 7.28 11.58
N ASN A 78 -1.64 6.85 12.46
CA ASN A 78 -1.41 6.97 13.90
C ASN A 78 -1.24 5.59 14.53
N SER A 79 -1.87 4.58 13.93
CA SER A 79 -1.79 3.22 14.44
C SER A 79 -0.33 2.75 14.50
N SER A 80 -0.02 1.98 15.55
CA SER A 80 1.34 1.48 15.73
C SER A 80 1.60 0.29 14.80
N HIS A 81 2.77 -0.32 14.95
CA HIS A 81 3.15 -1.46 14.13
C HIS A 81 2.11 -2.59 14.25
N GLU A 82 2.06 -3.20 15.43
CA GLU A 82 1.12 -4.28 15.69
C GLU A 82 -0.29 -3.90 15.25
N GLU A 83 -0.75 -2.74 15.70
CA GLU A 83 -2.09 -2.26 15.35
C GLU A 83 -2.33 -2.38 13.85
N ALA A 84 -1.34 -1.98 13.06
CA ALA A 84 -1.45 -2.05 11.61
C ALA A 84 -1.55 -3.49 11.13
N ILE A 85 -0.91 -4.40 11.85
CA ILE A 85 -0.93 -5.81 11.50
C ILE A 85 -2.33 -6.41 11.68
N THR A 86 -2.92 -6.17 12.85
CA THR A 86 -4.24 -6.68 13.15
C THR A 86 -5.29 -6.10 12.19
N ALA A 87 -5.19 -4.80 11.92
CA ALA A 87 -6.11 -4.14 11.01
C ALA A 87 -6.10 -4.79 9.63
N LEU A 88 -5.03 -5.54 9.35
CA LEU A 88 -4.90 -6.22 8.07
C LEU A 88 -5.51 -7.62 8.12
N ARG A 89 -5.53 -8.20 9.32
CA ARG A 89 -6.08 -9.54 9.51
C ARG A 89 -7.60 -9.48 9.68
N GLN A 90 -8.08 -8.39 10.28
CA GLN A 90 -9.51 -8.21 10.51
C GLN A 90 -10.19 -7.64 9.27
N THR A 91 -9.49 -7.69 8.15
CA THR A 91 -10.02 -7.19 6.88
C THR A 91 -10.84 -8.26 6.17
N PRO A 92 -12.01 -7.85 5.63
CA PRO A 92 -12.90 -8.76 4.91
C PRO A 92 -12.33 -9.20 3.57
N GLN A 93 -12.96 -10.20 2.96
CA GLN A 93 -12.51 -10.71 1.68
C GLN A 93 -12.00 -9.59 0.78
N LYS A 94 -12.73 -8.47 0.78
CA LYS A 94 -12.36 -7.33 -0.03
C LYS A 94 -11.60 -6.29 0.79
N VAL A 95 -10.27 -6.42 0.81
CA VAL A 95 -9.43 -5.49 1.56
C VAL A 95 -9.18 -4.21 0.79
N ARG A 96 -9.73 -3.10 1.29
CA ARG A 96 -9.58 -1.81 0.64
C ARG A 96 -8.67 -0.90 1.45
N LEU A 97 -7.62 -0.39 0.82
CA LEU A 97 -6.67 0.49 1.49
C LEU A 97 -6.36 1.72 0.62
N VAL A 98 -5.67 2.68 1.21
CA VAL A 98 -5.30 3.89 0.48
C VAL A 98 -3.79 4.08 0.44
N VAL A 99 -3.23 4.13 -0.77
CA VAL A 99 -1.80 4.30 -0.94
C VAL A 99 -1.47 5.67 -1.51
N TYR A 100 -0.22 6.09 -1.39
CA TYR A 100 0.22 7.38 -1.89
C TYR A 100 1.61 7.28 -2.52
N ARG A 101 1.67 7.44 -3.83
CA ARG A 101 2.93 7.37 -4.56
C ARG A 101 3.28 8.72 -5.19
N ASP A 102 4.14 9.48 -4.51
CA ASP A 102 4.55 10.78 -4.99
C ASP A 102 5.30 10.65 -6.32
N GLU A 103 5.34 11.75 -7.08
CA GLU A 103 6.02 11.76 -8.37
C GLU A 103 7.15 12.79 -8.38
N ALA A 104 7.83 12.91 -7.25
CA ALA A 104 8.94 13.86 -7.13
C ALA A 104 10.27 13.14 -6.93
N HIS A 105 10.20 11.92 -6.44
CA HIS A 105 11.40 11.12 -6.21
C HIS A 105 11.22 9.70 -6.74
N TYR A 106 10.24 9.52 -7.62
CA TYR A 106 9.96 8.21 -8.21
C TYR A 106 11.27 7.48 -8.53
N ARG A 107 12.07 8.08 -9.42
CA ARG A 107 13.34 7.48 -9.82
C ARG A 107 14.48 8.04 -8.99
N ASP A 108 15.14 7.17 -8.23
CA ASP A 108 16.26 7.59 -7.39
C ASP A 108 17.44 8.02 -8.24
N GLU A 109 18.54 8.37 -7.58
CA GLU A 109 19.74 8.82 -8.28
C GLU A 109 20.94 7.95 -7.90
N GLU A 110 21.39 7.15 -8.86
CA GLU A 110 22.54 6.27 -8.63
C GLU A 110 23.80 7.08 -8.34
N SER A 111 24.64 6.55 -7.46
CA SER A 111 25.89 7.22 -7.10
C SER A 111 26.53 7.86 -8.32
N GLY A 112 26.63 9.19 -8.30
CA GLY A 112 27.23 9.91 -9.41
C GLY A 112 26.48 11.18 -9.76
N PRO A 113 25.64 11.11 -10.80
CA PRO A 113 24.84 12.26 -11.24
C PRO A 113 23.75 12.63 -10.25
N SER A 114 23.51 13.94 -10.11
CA SER A 114 22.49 14.43 -9.18
C SER A 114 21.13 14.51 -9.87
N SER A 115 20.07 14.40 -9.07
CA SER A 115 18.71 14.46 -9.60
C SER A 115 17.99 15.71 -9.11
N GLY A 116 17.88 15.83 -7.78
CA GLY A 116 17.20 16.98 -7.20
C GLY A 116 16.57 16.67 -5.86
N GLY A 1 -19.99 13.72 -20.32
CA GLY A 1 -18.99 12.80 -20.81
C GLY A 1 -18.18 12.16 -19.69
N SER A 2 -16.89 11.97 -19.93
CA SER A 2 -16.01 11.36 -18.93
C SER A 2 -15.70 12.35 -17.81
N SER A 3 -16.02 11.97 -16.58
CA SER A 3 -15.77 12.82 -15.42
C SER A 3 -14.87 12.12 -14.41
N GLY A 4 -15.25 10.92 -14.02
CA GLY A 4 -14.46 10.17 -13.05
C GLY A 4 -15.17 8.92 -12.58
N SER A 5 -15.45 8.01 -13.50
CA SER A 5 -16.13 6.76 -13.17
C SER A 5 -15.30 5.56 -13.60
N SER A 6 -14.72 4.85 -12.63
CA SER A 6 -13.90 3.69 -12.91
C SER A 6 -13.65 2.89 -11.64
N GLY A 7 -13.02 1.73 -11.79
CA GLY A 7 -12.72 0.88 -10.65
C GLY A 7 -11.35 1.15 -10.08
N PRO A 8 -11.21 1.02 -8.75
CA PRO A 8 -9.94 1.24 -8.05
C PRO A 8 -8.92 0.15 -8.35
N ALA A 9 -9.39 -1.07 -8.49
CA ALA A 9 -8.52 -2.21 -8.78
C ALA A 9 -8.13 -2.23 -10.26
N THR A 10 -9.14 -2.27 -11.13
CA THR A 10 -8.90 -2.29 -12.57
C THR A 10 -7.87 -1.25 -12.98
N CYS A 11 -8.03 -0.03 -12.47
CA CYS A 11 -7.11 1.05 -12.79
C CYS A 11 -5.87 0.98 -11.91
N PRO A 12 -4.70 1.29 -12.50
CA PRO A 12 -3.42 1.27 -11.80
C PRO A 12 -3.31 2.40 -10.78
N ILE A 13 -2.24 2.36 -9.99
CA ILE A 13 -2.01 3.38 -8.97
C ILE A 13 -1.52 4.68 -9.59
N VAL A 14 -2.03 5.80 -9.09
CA VAL A 14 -1.64 7.12 -9.59
C VAL A 14 -0.77 7.85 -8.57
N PRO A 15 0.49 8.12 -8.97
CA PRO A 15 1.44 8.83 -8.11
C PRO A 15 1.08 10.29 -7.92
N GLY A 16 1.60 10.90 -6.86
CA GLY A 16 1.32 12.29 -6.58
C GLY A 16 0.00 12.49 -5.88
N GLN A 17 -1.00 11.70 -6.28
CA GLN A 17 -2.33 11.80 -5.68
C GLN A 17 -2.68 10.52 -4.92
N GLU A 18 -3.65 10.63 -4.01
CA GLU A 18 -4.07 9.48 -3.22
C GLU A 18 -5.09 8.65 -3.98
N MET A 19 -4.99 7.32 -3.83
CA MET A 19 -5.92 6.41 -4.49
C MET A 19 -6.31 5.26 -3.57
N ILE A 20 -7.21 4.40 -4.05
CA ILE A 20 -7.66 3.26 -3.27
C ILE A 20 -7.57 1.97 -4.08
N ILE A 21 -7.20 0.89 -3.40
CA ILE A 21 -7.08 -0.41 -4.04
C ILE A 21 -7.97 -1.45 -3.38
N GLU A 22 -8.71 -2.20 -4.19
CA GLU A 22 -9.61 -3.23 -3.68
C GLU A 22 -9.16 -4.61 -4.13
N ILE A 23 -8.60 -5.38 -3.19
CA ILE A 23 -8.13 -6.73 -3.50
C ILE A 23 -8.99 -7.78 -2.82
N SER A 24 -9.50 -8.72 -3.60
CA SER A 24 -10.34 -9.78 -3.07
C SER A 24 -9.51 -10.98 -2.64
N LYS A 25 -9.58 -11.31 -1.36
CA LYS A 25 -8.82 -12.44 -0.81
C LYS A 25 -9.17 -13.72 -1.55
N GLY A 26 -8.37 -14.76 -1.31
CA GLY A 26 -8.61 -16.04 -1.97
C GLY A 26 -8.36 -17.21 -1.04
N ARG A 27 -9.41 -17.70 -0.40
CA ARG A 27 -9.29 -18.83 0.52
C ARG A 27 -7.98 -18.76 1.29
N SER A 28 -7.50 -17.55 1.54
CA SER A 28 -6.25 -17.35 2.26
C SER A 28 -6.14 -15.93 2.79
N GLY A 29 -5.07 -15.65 3.52
CA GLY A 29 -4.86 -14.32 4.07
C GLY A 29 -3.77 -13.56 3.36
N LEU A 30 -4.02 -12.28 3.08
CA LEU A 30 -3.04 -11.44 2.39
C LEU A 30 -1.63 -11.81 2.80
N GLY A 31 -0.74 -11.93 1.82
CA GLY A 31 0.64 -12.26 2.10
C GLY A 31 1.59 -11.11 1.85
N LEU A 32 1.58 -10.14 2.76
CA LEU A 32 2.46 -8.97 2.64
C LEU A 32 3.01 -8.57 3.99
N SER A 33 3.82 -7.50 4.01
CA SER A 33 4.42 -7.02 5.24
C SER A 33 4.44 -5.48 5.26
N ILE A 34 4.54 -4.92 6.46
CA ILE A 34 4.57 -3.47 6.62
C ILE A 34 5.61 -3.06 7.66
N VAL A 35 5.96 -1.78 7.65
CA VAL A 35 6.94 -1.25 8.59
C VAL A 35 6.63 0.20 8.95
N GLY A 36 6.79 0.52 10.24
CA GLY A 36 6.52 1.87 10.69
C GLY A 36 5.50 1.92 11.81
N GLY A 37 4.84 3.07 11.96
CA GLY A 37 3.83 3.22 12.99
C GLY A 37 4.13 4.37 13.93
N LYS A 38 4.10 4.11 15.23
CA LYS A 38 4.37 5.13 16.23
C LYS A 38 5.80 5.02 16.75
N ASP A 39 6.05 4.00 17.57
CA ASP A 39 7.38 3.80 18.14
C ASP A 39 8.46 3.99 17.07
N THR A 40 8.12 3.66 15.84
CA THR A 40 9.07 3.80 14.72
C THR A 40 9.26 5.26 14.35
N PRO A 41 10.43 5.58 13.79
CA PRO A 41 10.77 6.94 13.36
C PRO A 41 9.95 7.40 12.17
N LEU A 42 9.05 6.54 11.71
CA LEU A 42 8.21 6.85 10.55
C LEU A 42 6.73 6.70 10.92
N ASN A 43 5.99 7.81 10.86
CA ASN A 43 4.57 7.80 11.18
C ASN A 43 3.75 7.45 9.94
N ALA A 44 4.32 6.64 9.06
CA ALA A 44 3.64 6.23 7.85
C ALA A 44 3.91 4.76 7.53
N ILE A 45 2.84 3.97 7.38
CA ILE A 45 2.97 2.56 7.08
C ILE A 45 3.50 2.34 5.67
N VAL A 46 4.52 1.48 5.55
CA VAL A 46 5.11 1.18 4.25
C VAL A 46 5.25 -0.33 4.05
N ILE A 47 5.01 -0.78 2.82
CA ILE A 47 5.11 -2.19 2.50
C ILE A 47 6.56 -2.61 2.29
N HIS A 48 7.16 -3.16 3.34
CA HIS A 48 8.55 -3.60 3.29
C HIS A 48 8.74 -4.65 2.20
N GLU A 49 8.07 -5.78 2.36
CA GLU A 49 8.16 -6.87 1.38
C GLU A 49 6.77 -7.38 1.00
N VAL A 50 6.66 -7.90 -0.23
CA VAL A 50 5.38 -8.41 -0.72
C VAL A 50 5.49 -9.90 -1.05
N TYR A 51 5.24 -10.74 -0.06
CA TYR A 51 5.31 -12.19 -0.26
C TYR A 51 4.52 -12.61 -1.49
N GLU A 52 5.19 -13.35 -2.38
CA GLU A 52 4.55 -13.81 -3.61
C GLU A 52 3.44 -14.81 -3.31
N GLU A 53 3.41 -15.29 -2.06
CA GLU A 53 2.40 -16.26 -1.64
C GLU A 53 1.22 -15.55 -0.97
N GLY A 54 0.72 -14.50 -1.62
CA GLY A 54 -0.40 -13.76 -1.07
C GLY A 54 -1.16 -12.99 -2.14
N ALA A 55 -2.38 -12.57 -1.81
CA ALA A 55 -3.21 -11.81 -2.74
C ALA A 55 -2.53 -10.51 -3.14
N ALA A 56 -1.84 -9.88 -2.20
CA ALA A 56 -1.16 -8.62 -2.45
C ALA A 56 -0.15 -8.78 -3.59
N ALA A 57 0.35 -9.98 -3.77
CA ALA A 57 1.33 -10.26 -4.82
C ALA A 57 0.62 -10.61 -6.13
N ARG A 58 -0.21 -11.64 -6.09
CA ARG A 58 -0.95 -12.08 -7.28
C ARG A 58 -1.52 -10.89 -8.04
N ASP A 59 -1.72 -9.78 -7.32
CA ASP A 59 -2.27 -8.58 -7.92
C ASP A 59 -1.16 -7.70 -8.49
N GLY A 60 -0.07 -7.58 -7.74
CA GLY A 60 1.05 -6.77 -8.18
C GLY A 60 0.85 -5.30 -7.87
N ARG A 61 -0.40 -4.87 -7.84
CA ARG A 61 -0.73 -3.47 -7.56
C ARG A 61 0.12 -2.94 -6.39
N LEU A 62 -0.01 -3.59 -5.24
CA LEU A 62 0.73 -3.18 -4.06
C LEU A 62 2.23 -3.45 -4.23
N TRP A 63 3.02 -2.39 -4.21
CA TRP A 63 4.47 -2.51 -4.36
C TRP A 63 5.15 -2.64 -3.01
N ALA A 64 6.48 -2.73 -3.03
CA ALA A 64 7.25 -2.85 -1.79
C ALA A 64 7.84 -1.52 -1.38
N GLY A 65 7.21 -0.43 -1.82
CA GLY A 65 7.69 0.89 -1.49
C GLY A 65 6.56 1.90 -1.35
N ASP A 66 5.34 1.41 -1.28
CA ASP A 66 4.18 2.27 -1.14
C ASP A 66 3.98 2.70 0.32
N GLN A 67 3.11 3.67 0.53
CA GLN A 67 2.82 4.18 1.86
C GLN A 67 1.33 4.16 2.17
N ILE A 68 0.91 3.25 3.03
CA ILE A 68 -0.49 3.13 3.40
C ILE A 68 -0.90 4.20 4.40
N LEU A 69 -2.08 4.78 4.20
CA LEU A 69 -2.58 5.82 5.09
C LEU A 69 -3.80 5.33 5.87
N GLU A 70 -4.52 4.38 5.28
CA GLU A 70 -5.71 3.83 5.91
C GLU A 70 -6.01 2.43 5.39
N VAL A 71 -6.80 1.68 6.15
CA VAL A 71 -7.16 0.31 5.76
C VAL A 71 -8.57 -0.03 6.21
N ASN A 72 -9.40 -0.49 5.27
CA ASN A 72 -10.77 -0.85 5.56
C ASN A 72 -11.46 0.25 6.38
N GLY A 73 -11.00 1.48 6.21
CA GLY A 73 -11.58 2.59 6.93
C GLY A 73 -11.00 2.76 8.32
N VAL A 74 -9.72 2.41 8.47
CA VAL A 74 -9.05 2.52 9.76
C VAL A 74 -7.69 3.18 9.61
N ASP A 75 -7.60 4.44 10.02
CA ASP A 75 -6.35 5.19 9.93
C ASP A 75 -5.20 4.40 10.55
N LEU A 76 -4.08 4.36 9.85
CA LEU A 76 -2.90 3.64 10.32
C LEU A 76 -1.73 4.59 10.57
N ARG A 77 -1.62 5.61 9.72
CA ARG A 77 -0.55 6.59 9.85
C ARG A 77 -0.31 6.96 11.30
N ASN A 78 -1.35 6.78 12.13
CA ASN A 78 -1.25 7.10 13.54
C ASN A 78 -1.08 5.83 14.38
N SER A 79 -1.93 4.83 14.10
CA SER A 79 -1.88 3.56 14.82
C SER A 79 -0.45 3.03 14.86
N SER A 80 -0.14 2.27 15.91
CA SER A 80 1.20 1.70 16.08
C SER A 80 1.46 0.65 15.00
N HIS A 81 2.60 -0.01 15.11
CA HIS A 81 2.99 -1.05 14.15
C HIS A 81 2.09 -2.28 14.30
N GLU A 82 2.12 -2.89 15.48
CA GLU A 82 1.31 -4.07 15.74
C GLU A 82 -0.15 -3.84 15.33
N GLU A 83 -0.63 -2.64 15.56
CA GLU A 83 -2.00 -2.28 15.22
C GLU A 83 -2.25 -2.45 13.72
N ALA A 84 -1.39 -1.83 12.90
CA ALA A 84 -1.51 -1.91 11.46
C ALA A 84 -1.59 -3.36 10.99
N ILE A 85 -0.89 -4.24 11.70
CA ILE A 85 -0.87 -5.65 11.36
C ILE A 85 -2.25 -6.28 11.56
N THR A 86 -2.81 -6.09 12.75
CA THR A 86 -4.12 -6.63 13.09
C THR A 86 -5.19 -6.08 12.16
N ALA A 87 -5.07 -4.79 11.82
CA ALA A 87 -6.03 -4.15 10.94
C ALA A 87 -6.10 -4.85 9.58
N LEU A 88 -4.98 -5.46 9.19
CA LEU A 88 -4.91 -6.16 7.92
C LEU A 88 -5.50 -7.56 8.04
N ARG A 89 -5.51 -8.10 9.26
CA ARG A 89 -6.03 -9.43 9.52
C ARG A 89 -7.50 -9.36 9.91
N GLN A 90 -8.02 -8.15 10.09
CA GLN A 90 -9.40 -7.95 10.46
C GLN A 90 -10.25 -7.54 9.26
N THR A 91 -9.66 -7.64 8.07
CA THR A 91 -10.35 -7.28 6.84
C THR A 91 -11.14 -8.46 6.29
N PRO A 92 -12.39 -8.18 5.85
CA PRO A 92 -13.27 -9.21 5.30
C PRO A 92 -12.80 -9.71 3.93
N GLN A 93 -13.68 -10.41 3.23
CA GLN A 93 -13.36 -10.94 1.92
C GLN A 93 -12.66 -9.89 1.06
N LYS A 94 -13.24 -8.70 1.00
CA LYS A 94 -12.68 -7.61 0.21
C LYS A 94 -11.82 -6.70 1.09
N VAL A 95 -10.56 -6.52 0.69
CA VAL A 95 -9.64 -5.68 1.44
C VAL A 95 -9.35 -4.38 0.68
N ARG A 96 -9.82 -3.27 1.22
CA ARG A 96 -9.61 -1.96 0.60
C ARG A 96 -8.65 -1.12 1.42
N LEU A 97 -7.71 -0.47 0.74
CA LEU A 97 -6.73 0.38 1.41
C LEU A 97 -6.37 1.59 0.55
N VAL A 98 -5.93 2.67 1.20
CA VAL A 98 -5.56 3.89 0.49
C VAL A 98 -4.04 4.01 0.38
N VAL A 99 -3.52 3.84 -0.83
CA VAL A 99 -2.09 3.95 -1.06
C VAL A 99 -1.73 5.26 -1.73
N TYR A 100 -0.52 5.75 -1.48
CA TYR A 100 -0.07 7.00 -2.06
C TYR A 100 1.44 6.94 -2.36
N ARG A 101 1.80 7.23 -3.60
CA ARG A 101 3.20 7.21 -4.02
C ARG A 101 3.73 8.63 -4.17
N ASP A 102 5.02 8.74 -4.48
CA ASP A 102 5.66 10.04 -4.66
C ASP A 102 6.25 10.17 -6.06
N GLU A 103 5.96 11.29 -6.71
CA GLU A 103 6.46 11.54 -8.06
C GLU A 103 7.52 12.64 -8.06
N ALA A 104 7.45 13.51 -7.06
CA ALA A 104 8.40 14.61 -6.94
C ALA A 104 9.83 14.09 -6.91
N HIS A 105 10.64 14.53 -7.87
CA HIS A 105 12.04 14.11 -7.94
C HIS A 105 12.16 12.60 -7.74
N TYR A 106 11.22 11.86 -8.30
CA TYR A 106 11.22 10.40 -8.18
C TYR A 106 12.22 9.77 -9.16
N ARG A 107 12.13 10.19 -10.41
CA ARG A 107 13.02 9.67 -11.45
C ARG A 107 13.60 10.80 -12.30
N ASP A 108 14.69 11.38 -11.82
CA ASP A 108 15.34 12.48 -12.53
C ASP A 108 16.33 11.94 -13.57
N GLU A 109 16.82 12.84 -14.42
CA GLU A 109 17.77 12.45 -15.46
C GLU A 109 19.12 12.08 -14.85
N GLU A 110 19.54 10.83 -15.08
CA GLU A 110 20.80 10.34 -14.55
C GLU A 110 21.96 10.77 -15.45
N SER A 111 22.89 11.53 -14.89
CA SER A 111 24.04 12.00 -15.64
C SER A 111 24.76 10.84 -16.32
N GLY A 112 25.11 11.04 -17.59
CA GLY A 112 25.80 10.00 -18.33
C GLY A 112 26.96 10.54 -19.15
N PRO A 113 28.02 9.74 -19.30
CA PRO A 113 29.21 10.12 -20.07
C PRO A 113 28.93 10.19 -21.57
N SER A 114 28.53 11.37 -22.04
CA SER A 114 28.23 11.56 -23.46
C SER A 114 29.49 11.39 -24.31
N SER A 115 29.71 10.16 -24.79
CA SER A 115 30.86 9.86 -25.61
C SER A 115 31.16 11.00 -26.59
N GLY A 116 30.11 11.45 -27.29
CA GLY A 116 30.28 12.53 -28.24
C GLY A 116 28.99 12.85 -28.98
N GLY A 1 -21.03 4.59 -26.37
CA GLY A 1 -21.06 4.84 -24.95
C GLY A 1 -19.73 5.37 -24.42
N SER A 2 -19.55 5.28 -23.10
CA SER A 2 -18.32 5.77 -22.48
C SER A 2 -18.14 5.15 -21.10
N SER A 3 -16.94 5.29 -20.54
CA SER A 3 -16.63 4.74 -19.23
C SER A 3 -17.02 5.72 -18.13
N GLY A 4 -17.67 5.20 -17.08
CA GLY A 4 -18.09 6.04 -15.98
C GLY A 4 -17.25 5.82 -14.73
N SER A 5 -17.78 5.03 -13.80
CA SER A 5 -17.09 4.74 -12.55
C SER A 5 -15.95 3.75 -12.78
N SER A 6 -14.75 4.14 -12.37
CA SER A 6 -13.58 3.28 -12.52
C SER A 6 -13.26 2.54 -11.22
N GLY A 7 -12.98 1.25 -11.34
CA GLY A 7 -12.66 0.45 -10.17
C GLY A 7 -11.25 0.73 -9.65
N PRO A 8 -11.09 0.67 -8.32
CA PRO A 8 -9.80 0.91 -7.67
C PRO A 8 -8.81 -0.22 -7.94
N ALA A 9 -9.24 -1.22 -8.69
CA ALA A 9 -8.38 -2.36 -9.02
C ALA A 9 -8.00 -2.34 -10.50
N THR A 10 -9.00 -2.14 -11.36
CA THR A 10 -8.75 -2.10 -12.80
C THR A 10 -7.90 -0.90 -13.18
N CYS A 11 -7.66 -0.02 -12.22
CA CYS A 11 -6.85 1.17 -12.47
C CYS A 11 -5.54 1.10 -11.68
N PRO A 12 -4.46 1.61 -12.30
CA PRO A 12 -3.13 1.63 -11.68
C PRO A 12 -3.04 2.60 -10.51
N ILE A 13 -1.83 2.78 -9.99
CA ILE A 13 -1.61 3.69 -8.87
C ILE A 13 -1.12 5.04 -9.35
N VAL A 14 -2.06 5.98 -9.51
CA VAL A 14 -1.71 7.33 -9.96
C VAL A 14 -0.92 8.08 -8.90
N PRO A 15 0.31 8.48 -9.25
CA PRO A 15 1.20 9.21 -8.33
C PRO A 15 0.71 10.63 -8.07
N GLY A 16 1.09 11.17 -6.92
CA GLY A 16 0.68 12.53 -6.57
C GLY A 16 -0.75 12.58 -6.06
N GLN A 17 -1.63 11.81 -6.70
CA GLN A 17 -3.03 11.78 -6.31
C GLN A 17 -3.35 10.51 -5.54
N GLU A 18 -3.76 10.66 -4.28
CA GLU A 18 -4.10 9.53 -3.44
C GLU A 18 -5.13 8.63 -4.12
N MET A 19 -4.80 7.35 -4.25
CA MET A 19 -5.69 6.39 -4.89
C MET A 19 -6.05 5.26 -3.93
N ILE A 20 -7.13 4.55 -4.23
CA ILE A 20 -7.58 3.44 -3.41
C ILE A 20 -7.42 2.11 -4.13
N ILE A 21 -6.97 1.09 -3.41
CA ILE A 21 -6.77 -0.23 -3.99
C ILE A 21 -7.66 -1.26 -3.30
N GLU A 22 -8.32 -2.10 -4.10
CA GLU A 22 -9.21 -3.12 -3.57
C GLU A 22 -8.75 -4.51 -4.01
N ILE A 23 -8.45 -5.36 -3.03
CA ILE A 23 -8.00 -6.72 -3.31
C ILE A 23 -8.96 -7.75 -2.72
N SER A 24 -9.26 -8.78 -3.51
CA SER A 24 -10.17 -9.83 -3.08
C SER A 24 -9.40 -11.02 -2.51
N LYS A 25 -9.51 -11.22 -1.21
CA LYS A 25 -8.82 -12.32 -0.53
C LYS A 25 -9.16 -13.65 -1.19
N GLY A 26 -8.17 -14.25 -1.86
CA GLY A 26 -8.38 -15.52 -2.52
C GLY A 26 -8.42 -16.68 -1.54
N ARG A 27 -9.50 -16.77 -0.78
CA ARG A 27 -9.65 -17.84 0.21
C ARG A 27 -8.39 -17.99 1.05
N SER A 28 -7.85 -16.87 1.50
CA SER A 28 -6.64 -16.88 2.31
C SER A 28 -6.32 -15.48 2.84
N GLY A 29 -5.44 -15.42 3.83
CA GLY A 29 -5.07 -14.14 4.42
C GLY A 29 -3.94 -13.46 3.66
N LEU A 30 -4.12 -12.18 3.37
CA LEU A 30 -3.11 -11.41 2.64
C LEU A 30 -1.71 -11.83 3.06
N GLY A 31 -0.80 -11.89 2.09
CA GLY A 31 0.57 -12.28 2.37
C GLY A 31 1.56 -11.16 2.10
N LEU A 32 1.48 -10.11 2.92
CA LEU A 32 2.38 -8.97 2.77
C LEU A 32 2.97 -8.56 4.12
N SER A 33 3.89 -7.60 4.08
CA SER A 33 4.53 -7.11 5.30
C SER A 33 4.60 -5.59 5.31
N ILE A 34 4.71 -5.01 6.51
CA ILE A 34 4.78 -3.57 6.65
C ILE A 34 5.83 -3.18 7.69
N VAL A 35 6.12 -1.88 7.77
CA VAL A 35 7.11 -1.38 8.71
C VAL A 35 6.75 0.03 9.17
N GLY A 36 6.92 0.28 10.47
CA GLY A 36 6.60 1.59 11.02
C GLY A 36 5.48 1.54 12.05
N GLY A 37 4.93 2.70 12.37
CA GLY A 37 3.85 2.76 13.34
C GLY A 37 3.96 3.97 14.25
N LYS A 38 4.06 3.71 15.55
CA LYS A 38 4.16 4.79 16.53
C LYS A 38 5.51 4.76 17.24
N ASP A 39 5.83 3.62 17.84
CA ASP A 39 7.09 3.45 18.54
C ASP A 39 8.27 3.38 17.56
N THR A 40 7.94 3.39 16.27
CA THR A 40 8.96 3.33 15.23
C THR A 40 9.45 4.72 14.85
N PRO A 41 10.64 4.79 14.24
CA PRO A 41 11.23 6.06 13.81
C PRO A 41 10.50 6.68 12.63
N LEU A 42 9.53 5.94 12.09
CA LEU A 42 8.75 6.41 10.96
C LEU A 42 7.27 6.48 11.31
N ASN A 43 6.69 7.67 11.18
CA ASN A 43 5.28 7.87 11.49
C ASN A 43 4.41 7.57 10.27
N ALA A 44 4.91 6.70 9.39
CA ALA A 44 4.18 6.33 8.18
C ALA A 44 4.39 4.86 7.85
N ILE A 45 3.30 4.16 7.59
CA ILE A 45 3.36 2.74 7.25
C ILE A 45 3.96 2.52 5.87
N VAL A 46 4.78 1.49 5.73
CA VAL A 46 5.41 1.17 4.45
C VAL A 46 5.51 -0.34 4.24
N ILE A 47 5.34 -0.77 3.00
CA ILE A 47 5.41 -2.18 2.67
C ILE A 47 6.85 -2.62 2.43
N HIS A 48 7.44 -3.25 3.44
CA HIS A 48 8.82 -3.71 3.35
C HIS A 48 8.96 -4.80 2.28
N GLU A 49 8.10 -5.81 2.37
CA GLU A 49 8.12 -6.91 1.40
C GLU A 49 6.71 -7.42 1.14
N VAL A 50 6.51 -7.96 -0.07
CA VAL A 50 5.20 -8.49 -0.45
C VAL A 50 5.33 -9.91 -1.00
N TYR A 51 5.01 -10.89 -0.15
CA TYR A 51 5.09 -12.29 -0.55
C TYR A 51 4.46 -12.50 -1.93
N GLU A 52 5.21 -13.12 -2.83
CA GLU A 52 4.73 -13.39 -4.18
C GLU A 52 3.72 -14.54 -4.18
N GLU A 53 3.52 -15.14 -3.01
CA GLU A 53 2.59 -16.25 -2.88
C GLU A 53 1.34 -15.82 -2.09
N GLY A 54 1.22 -14.53 -1.86
CA GLY A 54 0.08 -14.02 -1.12
C GLY A 54 -0.90 -13.26 -1.99
N ALA A 55 -2.10 -13.04 -1.48
CA ALA A 55 -3.12 -12.32 -2.24
C ALA A 55 -2.56 -11.04 -2.85
N ALA A 56 -2.07 -10.15 -2.00
CA ALA A 56 -1.50 -8.89 -2.46
C ALA A 56 -0.69 -9.08 -3.74
N ALA A 57 0.19 -10.07 -3.72
CA ALA A 57 1.03 -10.36 -4.88
C ALA A 57 0.18 -10.77 -6.08
N ARG A 58 -0.61 -11.84 -5.92
CA ARG A 58 -1.46 -12.33 -6.98
C ARG A 58 -2.03 -11.17 -7.80
N ASP A 59 -2.45 -10.12 -7.12
CA ASP A 59 -3.02 -8.95 -7.78
C ASP A 59 -1.94 -8.19 -8.56
N GLY A 60 -0.87 -7.83 -7.86
CA GLY A 60 0.22 -7.11 -8.50
C GLY A 60 0.02 -5.61 -8.46
N ARG A 61 -0.69 -5.13 -7.44
CA ARG A 61 -0.95 -3.71 -7.29
C ARG A 61 -0.01 -3.08 -6.27
N LEU A 62 0.02 -3.65 -5.07
CA LEU A 62 0.88 -3.16 -4.00
C LEU A 62 2.32 -3.60 -4.21
N TRP A 63 3.21 -2.64 -4.43
CA TRP A 63 4.63 -2.92 -4.64
C TRP A 63 5.46 -2.52 -3.43
N ALA A 64 6.43 -3.35 -3.09
CA ALA A 64 7.30 -3.07 -1.95
C ALA A 64 7.91 -1.67 -2.04
N GLY A 65 7.47 -0.78 -1.15
CA GLY A 65 7.97 0.58 -1.16
C GLY A 65 6.87 1.61 -1.22
N ASP A 66 5.65 1.19 -0.88
CA ASP A 66 4.51 2.09 -0.89
C ASP A 66 4.25 2.68 0.49
N GLN A 67 3.29 3.59 0.56
CA GLN A 67 2.95 4.24 1.84
C GLN A 67 1.45 4.21 2.06
N ILE A 68 1.01 3.35 2.99
CA ILE A 68 -0.41 3.24 3.30
C ILE A 68 -0.86 4.37 4.22
N LEU A 69 -2.11 4.80 4.06
CA LEU A 69 -2.67 5.87 4.88
C LEU A 69 -3.89 5.39 5.63
N GLU A 70 -4.57 4.39 5.09
CA GLU A 70 -5.77 3.85 5.71
C GLU A 70 -6.06 2.43 5.20
N VAL A 71 -6.79 1.66 5.99
CA VAL A 71 -7.14 0.29 5.63
C VAL A 71 -8.54 -0.07 6.10
N ASN A 72 -9.32 -0.68 5.22
CA ASN A 72 -10.68 -1.08 5.55
C ASN A 72 -11.39 0.00 6.36
N GLY A 73 -11.01 1.26 6.12
CA GLY A 73 -11.61 2.36 6.83
C GLY A 73 -11.03 2.54 8.23
N VAL A 74 -9.73 2.31 8.36
CA VAL A 74 -9.06 2.44 9.64
C VAL A 74 -7.73 3.17 9.48
N ASP A 75 -7.68 4.41 9.93
CA ASP A 75 -6.46 5.21 9.84
C ASP A 75 -5.27 4.46 10.41
N LEU A 76 -4.15 4.49 9.68
CA LEU A 76 -2.94 3.80 10.12
C LEU A 76 -1.80 4.78 10.33
N ARG A 77 -1.83 5.89 9.59
CA ARG A 77 -0.81 6.91 9.69
C ARG A 77 -0.53 7.27 11.15
N ASN A 78 -1.49 6.97 12.02
CA ASN A 78 -1.35 7.25 13.44
C ASN A 78 -1.24 5.96 14.25
N SER A 79 -1.84 4.89 13.72
CA SER A 79 -1.80 3.59 14.39
C SER A 79 -0.37 3.08 14.52
N SER A 80 -0.12 2.31 15.57
CA SER A 80 1.21 1.76 15.81
C SER A 80 1.52 0.64 14.82
N HIS A 81 2.69 0.03 14.97
CA HIS A 81 3.11 -1.06 14.11
C HIS A 81 2.14 -2.23 14.20
N GLU A 82 2.05 -2.81 15.39
CA GLU A 82 1.16 -3.94 15.62
C GLU A 82 -0.26 -3.63 15.13
N GLU A 83 -0.83 -2.54 15.64
CA GLU A 83 -2.17 -2.13 15.26
C GLU A 83 -2.38 -2.30 13.76
N ALA A 84 -1.52 -1.67 12.97
CA ALA A 84 -1.61 -1.76 11.52
C ALA A 84 -1.70 -3.21 11.05
N ILE A 85 -1.00 -4.10 11.77
CA ILE A 85 -1.00 -5.51 11.42
C ILE A 85 -2.37 -6.14 11.67
N THR A 86 -2.92 -5.90 12.85
CA THR A 86 -4.22 -6.45 13.21
C THR A 86 -5.30 -5.96 12.25
N ALA A 87 -5.18 -4.72 11.81
CA ALA A 87 -6.15 -4.13 10.89
C ALA A 87 -6.17 -4.89 9.57
N LEU A 88 -5.05 -5.54 9.24
CA LEU A 88 -4.94 -6.31 8.01
C LEU A 88 -5.51 -7.72 8.18
N ARG A 89 -5.62 -8.14 9.43
CA ARG A 89 -6.16 -9.47 9.73
C ARG A 89 -7.65 -9.38 10.08
N GLN A 90 -8.11 -8.19 10.42
CA GLN A 90 -9.50 -7.97 10.77
C GLN A 90 -10.32 -7.52 9.56
N THR A 91 -9.72 -7.65 8.38
CA THR A 91 -10.38 -7.26 7.14
C THR A 91 -11.20 -8.41 6.56
N PRO A 92 -12.38 -8.08 6.03
CA PRO A 92 -13.28 -9.08 5.43
C PRO A 92 -12.74 -9.64 4.12
N GLN A 93 -13.60 -10.29 3.34
CA GLN A 93 -13.21 -10.87 2.07
C GLN A 93 -12.44 -9.86 1.23
N LYS A 94 -13.02 -8.67 1.07
CA LYS A 94 -12.39 -7.62 0.28
C LYS A 94 -11.62 -6.67 1.17
N VAL A 95 -10.36 -6.40 0.81
CA VAL A 95 -9.51 -5.50 1.57
C VAL A 95 -9.18 -4.24 0.77
N ARG A 96 -9.79 -3.12 1.18
CA ARG A 96 -9.56 -1.85 0.51
C ARG A 96 -8.66 -0.95 1.33
N LEU A 97 -7.61 -0.43 0.71
CA LEU A 97 -6.67 0.46 1.39
C LEU A 97 -6.35 1.68 0.53
N VAL A 98 -5.77 2.69 1.15
CA VAL A 98 -5.40 3.92 0.44
C VAL A 98 -3.89 4.13 0.45
N VAL A 99 -3.28 3.99 -0.72
CA VAL A 99 -1.84 4.16 -0.85
C VAL A 99 -1.50 5.50 -1.50
N TYR A 100 -0.23 5.88 -1.43
CA TYR A 100 0.21 7.14 -2.01
C TYR A 100 1.65 7.03 -2.53
N ARG A 101 1.79 7.09 -3.85
CA ARG A 101 3.11 6.99 -4.47
C ARG A 101 3.62 8.37 -4.88
N ASP A 102 4.23 9.07 -3.95
CA ASP A 102 4.77 10.40 -4.20
C ASP A 102 5.54 10.43 -5.52
N GLU A 103 5.59 11.58 -6.16
CA GLU A 103 6.30 11.74 -7.42
C GLU A 103 7.42 12.76 -7.30
N ALA A 104 7.51 13.39 -6.13
CA ALA A 104 8.54 14.40 -5.88
C ALA A 104 9.94 13.79 -6.00
N HIS A 105 10.68 14.23 -7.01
CA HIS A 105 12.04 13.73 -7.24
C HIS A 105 12.11 12.23 -6.97
N TYR A 106 11.20 11.48 -7.57
CA TYR A 106 11.16 10.03 -7.39
C TYR A 106 11.87 9.33 -8.54
N ARG A 107 11.49 9.67 -9.77
CA ARG A 107 12.10 9.06 -10.95
C ARG A 107 13.04 10.05 -11.65
N ASP A 108 14.21 9.56 -12.04
CA ASP A 108 15.20 10.40 -12.71
C ASP A 108 14.92 10.46 -14.21
N GLU A 109 15.44 11.50 -14.86
CA GLU A 109 15.26 11.67 -16.30
C GLU A 109 15.87 10.51 -17.07
N GLU A 110 15.56 10.43 -18.36
CA GLU A 110 16.09 9.37 -19.21
C GLU A 110 16.42 9.89 -20.61
N SER A 111 17.68 9.75 -20.99
CA SER A 111 18.13 10.22 -22.30
C SER A 111 17.68 9.27 -23.40
N GLY A 112 17.86 7.98 -23.17
CA GLY A 112 17.47 6.98 -24.15
C GLY A 112 18.31 5.72 -24.08
N PRO A 113 18.13 4.83 -25.05
CA PRO A 113 18.88 3.57 -25.12
C PRO A 113 20.35 3.78 -25.45
N SER A 114 21.21 2.98 -24.83
CA SER A 114 22.65 3.08 -25.06
C SER A 114 23.12 2.00 -26.02
N SER A 115 24.02 2.38 -26.92
CA SER A 115 24.57 1.44 -27.90
C SER A 115 26.04 1.70 -28.14
N GLY A 116 26.86 0.66 -27.97
CA GLY A 116 28.29 0.78 -28.17
C GLY A 116 28.97 -0.55 -28.40
N GLY A 1 -8.31 6.26 -14.87
CA GLY A 1 -8.10 6.47 -16.29
C GLY A 1 -9.39 6.55 -17.06
N SER A 2 -10.13 5.45 -17.09
CA SER A 2 -11.40 5.39 -17.81
C SER A 2 -12.47 6.20 -17.08
N SER A 3 -12.93 7.28 -17.70
CA SER A 3 -13.95 8.13 -17.11
C SER A 3 -15.30 7.43 -17.09
N GLY A 4 -15.68 6.93 -15.92
CA GLY A 4 -16.95 6.24 -15.78
C GLY A 4 -16.91 5.15 -14.74
N SER A 5 -17.61 5.37 -13.63
CA SER A 5 -17.65 4.40 -12.54
C SER A 5 -16.26 3.81 -12.28
N SER A 6 -15.24 4.65 -12.42
CA SER A 6 -13.86 4.23 -12.20
C SER A 6 -13.73 3.47 -10.88
N GLY A 7 -13.22 2.24 -10.96
CA GLY A 7 -13.06 1.43 -9.77
C GLY A 7 -11.62 1.45 -9.27
N PRO A 8 -11.45 1.20 -7.96
CA PRO A 8 -10.13 1.18 -7.32
C PRO A 8 -9.29 -0.02 -7.76
N ALA A 9 -9.91 -0.91 -8.52
CA ALA A 9 -9.22 -2.10 -9.01
C ALA A 9 -8.94 -2.01 -10.50
N THR A 10 -8.35 -3.05 -11.06
CA THR A 10 -8.01 -3.08 -12.48
C THR A 10 -7.53 -1.71 -12.95
N CYS A 11 -6.70 -1.07 -12.15
CA CYS A 11 -6.17 0.25 -12.49
C CYS A 11 -4.82 0.48 -11.83
N PRO A 12 -3.98 1.29 -12.49
CA PRO A 12 -2.62 1.60 -12.00
C PRO A 12 -2.65 2.48 -10.76
N ILE A 13 -1.48 2.91 -10.31
CA ILE A 13 -1.38 3.76 -9.13
C ILE A 13 -0.81 5.13 -9.48
N VAL A 14 -1.71 6.08 -9.72
CA VAL A 14 -1.30 7.45 -10.08
C VAL A 14 -0.60 8.13 -8.90
N PRO A 15 0.64 8.57 -9.14
CA PRO A 15 1.45 9.24 -8.12
C PRO A 15 0.92 10.63 -7.79
N GLY A 16 1.19 11.10 -6.58
CA GLY A 16 0.74 12.41 -6.17
C GLY A 16 -0.73 12.42 -5.78
N GLN A 17 -1.54 11.69 -6.55
CA GLN A 17 -2.97 11.63 -6.28
C GLN A 17 -3.33 10.37 -5.49
N GLU A 18 -3.63 10.56 -4.21
CA GLU A 18 -3.98 9.43 -3.35
C GLU A 18 -5.05 8.56 -4.00
N MET A 19 -4.70 7.31 -4.26
CA MET A 19 -5.64 6.38 -4.88
C MET A 19 -5.94 5.21 -3.95
N ILE A 20 -7.05 4.53 -4.20
CA ILE A 20 -7.46 3.39 -3.37
C ILE A 20 -7.34 2.09 -4.15
N ILE A 21 -7.13 0.99 -3.43
CA ILE A 21 -7.01 -0.33 -4.05
C ILE A 21 -7.81 -1.37 -3.29
N GLU A 22 -8.59 -2.16 -4.01
CA GLU A 22 -9.41 -3.20 -3.39
C GLU A 22 -8.99 -4.58 -3.89
N ILE A 23 -8.55 -5.42 -2.96
CA ILE A 23 -8.12 -6.77 -3.30
C ILE A 23 -9.03 -7.82 -2.65
N SER A 24 -9.50 -8.76 -3.46
CA SER A 24 -10.39 -9.81 -2.96
C SER A 24 -9.57 -10.99 -2.43
N LYS A 25 -9.58 -11.17 -1.12
CA LYS A 25 -8.86 -12.26 -0.49
C LYS A 25 -9.19 -13.60 -1.15
N GLY A 26 -8.15 -14.34 -1.52
CA GLY A 26 -8.35 -15.63 -2.16
C GLY A 26 -8.27 -16.78 -1.18
N ARG A 27 -7.63 -17.86 -1.59
CA ARG A 27 -7.48 -19.04 -0.75
C ARG A 27 -6.89 -18.67 0.61
N SER A 28 -5.65 -18.20 0.59
CA SER A 28 -4.96 -17.80 1.82
C SER A 28 -5.09 -16.30 2.05
N GLY A 29 -4.92 -15.89 3.31
CA GLY A 29 -5.02 -14.49 3.65
C GLY A 29 -3.94 -13.65 2.98
N LEU A 30 -4.10 -12.33 3.05
CA LEU A 30 -3.12 -11.42 2.44
C LEU A 30 -1.71 -11.83 2.80
N GLY A 31 -0.82 -11.83 1.80
CA GLY A 31 0.56 -12.20 2.02
C GLY A 31 1.51 -11.05 1.79
N LEU A 32 1.54 -10.11 2.73
CA LEU A 32 2.42 -8.94 2.62
C LEU A 32 3.02 -8.59 3.98
N SER A 33 3.87 -7.57 4.00
CA SER A 33 4.52 -7.13 5.23
C SER A 33 4.56 -5.60 5.31
N ILE A 34 4.43 -5.07 6.52
CA ILE A 34 4.46 -3.63 6.73
C ILE A 34 5.51 -3.25 7.76
N VAL A 35 5.80 -1.96 7.85
CA VAL A 35 6.78 -1.45 8.80
C VAL A 35 6.57 0.03 9.09
N GLY A 36 6.72 0.42 10.35
CA GLY A 36 6.54 1.81 10.73
C GLY A 36 5.53 1.98 11.85
N GLY A 37 4.79 3.08 11.81
CA GLY A 37 3.79 3.34 12.83
C GLY A 37 4.35 4.14 13.99
N LYS A 38 4.04 3.70 15.21
CA LYS A 38 4.52 4.38 16.40
C LYS A 38 5.82 3.75 16.91
N ASP A 39 6.52 4.47 17.78
CA ASP A 39 7.78 3.98 18.34
C ASP A 39 8.71 3.51 17.23
N THR A 40 8.53 4.05 16.03
CA THR A 40 9.36 3.69 14.89
C THR A 40 10.03 4.90 14.28
N PRO A 41 11.14 4.67 13.55
CA PRO A 41 11.89 5.75 12.90
C PRO A 41 11.13 6.36 11.72
N LEU A 42 9.91 5.87 11.50
CA LEU A 42 9.09 6.37 10.40
C LEU A 42 7.62 6.50 10.84
N ASN A 43 7.03 7.65 10.53
CA ASN A 43 5.63 7.90 10.90
C ASN A 43 4.71 7.59 9.73
N ALA A 44 5.15 6.70 8.86
CA ALA A 44 4.36 6.31 7.70
C ALA A 44 4.50 4.83 7.40
N ILE A 45 3.37 4.13 7.36
CA ILE A 45 3.36 2.69 7.09
C ILE A 45 3.87 2.40 5.69
N VAL A 46 4.86 1.53 5.58
CA VAL A 46 5.43 1.15 4.29
C VAL A 46 5.45 -0.36 4.11
N ILE A 47 5.23 -0.80 2.88
CA ILE A 47 5.23 -2.23 2.58
C ILE A 47 6.65 -2.76 2.42
N HIS A 48 7.14 -3.44 3.46
CA HIS A 48 8.48 -4.00 3.45
C HIS A 48 8.65 -4.98 2.29
N GLU A 49 7.82 -6.02 2.28
CA GLU A 49 7.86 -7.04 1.23
C GLU A 49 6.47 -7.56 0.91
N VAL A 50 6.30 -8.05 -0.31
CA VAL A 50 5.01 -8.58 -0.74
C VAL A 50 5.14 -10.06 -1.15
N TYR A 51 4.97 -10.95 -0.17
CA TYR A 51 5.07 -12.38 -0.43
C TYR A 51 4.40 -12.74 -1.74
N GLU A 52 5.21 -12.94 -2.78
CA GLU A 52 4.69 -13.30 -4.10
C GLU A 52 3.56 -14.33 -3.98
N GLU A 53 3.66 -15.20 -2.98
CA GLU A 53 2.66 -16.23 -2.76
C GLU A 53 1.56 -15.73 -1.82
N GLY A 54 1.05 -14.53 -2.10
CA GLY A 54 0.01 -13.95 -1.27
C GLY A 54 -1.12 -13.34 -2.09
N ALA A 55 -2.26 -13.14 -1.45
CA ALA A 55 -3.41 -12.56 -2.13
C ALA A 55 -3.07 -11.20 -2.74
N ALA A 56 -2.38 -10.37 -1.97
CA ALA A 56 -1.99 -9.04 -2.44
C ALA A 56 -1.15 -9.14 -3.71
N ALA A 57 -0.03 -9.85 -3.63
CA ALA A 57 0.86 -10.02 -4.77
C ALA A 57 0.09 -10.54 -5.98
N ARG A 58 -0.71 -11.58 -5.76
CA ARG A 58 -1.49 -12.18 -6.84
C ARG A 58 -2.04 -11.10 -7.77
N ASP A 59 -2.42 -9.96 -7.19
CA ASP A 59 -2.95 -8.85 -7.97
C ASP A 59 -1.85 -8.12 -8.72
N GLY A 60 -0.82 -7.70 -7.99
CA GLY A 60 0.29 -7.00 -8.61
C GLY A 60 0.09 -5.49 -8.60
N ARG A 61 -0.54 -4.98 -7.54
CA ARG A 61 -0.80 -3.55 -7.43
C ARG A 61 0.06 -2.93 -6.33
N LEU A 62 -0.03 -3.50 -5.13
CA LEU A 62 0.74 -3.01 -3.99
C LEU A 62 2.21 -3.39 -4.12
N TRP A 63 3.08 -2.38 -4.09
CA TRP A 63 4.53 -2.61 -4.20
C TRP A 63 5.16 -2.72 -2.82
N ALA A 64 6.46 -3.00 -2.79
CA ALA A 64 7.19 -3.13 -1.54
C ALA A 64 7.87 -1.83 -1.15
N GLY A 65 7.34 -0.71 -1.66
CA GLY A 65 7.91 0.59 -1.35
C GLY A 65 6.86 1.67 -1.27
N ASP A 66 5.59 1.27 -1.21
CA ASP A 66 4.49 2.23 -1.12
C ASP A 66 4.21 2.60 0.33
N GLN A 67 3.47 3.68 0.53
CA GLN A 67 3.13 4.16 1.86
C GLN A 67 1.63 4.08 2.11
N ILE A 68 1.23 3.25 3.06
CA ILE A 68 -0.19 3.08 3.39
C ILE A 68 -0.65 4.15 4.37
N LEU A 69 -1.84 4.69 4.13
CA LEU A 69 -2.40 5.72 5.00
C LEU A 69 -3.56 5.18 5.80
N GLU A 70 -4.43 4.41 5.14
CA GLU A 70 -5.60 3.83 5.80
C GLU A 70 -5.88 2.42 5.27
N VAL A 71 -6.61 1.64 6.05
CA VAL A 71 -6.96 0.28 5.66
C VAL A 71 -8.34 -0.11 6.16
N ASN A 72 -9.14 -0.70 5.29
CA ASN A 72 -10.50 -1.12 5.63
C ASN A 72 -11.19 -0.05 6.48
N GLY A 73 -10.84 1.21 6.23
CA GLY A 73 -11.45 2.30 6.97
C GLY A 73 -10.87 2.45 8.36
N VAL A 74 -9.57 2.23 8.48
CA VAL A 74 -8.90 2.33 9.78
C VAL A 74 -7.63 3.18 9.68
N ASP A 75 -7.75 4.46 10.00
CA ASP A 75 -6.62 5.37 9.94
C ASP A 75 -5.36 4.71 10.50
N LEU A 76 -4.31 4.66 9.68
CA LEU A 76 -3.06 4.05 10.09
C LEU A 76 -1.96 5.11 10.25
N ARG A 77 -2.22 6.31 9.72
CA ARG A 77 -1.27 7.40 9.80
C ARG A 77 -0.83 7.63 11.25
N ASN A 78 -1.68 7.24 12.18
CA ASN A 78 -1.39 7.41 13.60
C ASN A 78 -1.69 6.12 14.38
N SER A 79 -1.28 4.99 13.80
CA SER A 79 -1.50 3.70 14.43
C SER A 79 -0.17 3.02 14.77
N SER A 80 -0.18 2.16 15.77
CA SER A 80 1.03 1.45 16.19
C SER A 80 1.32 0.29 15.25
N HIS A 81 2.62 0.05 15.01
CA HIS A 81 3.04 -1.02 14.13
C HIS A 81 2.12 -2.23 14.25
N GLU A 82 1.86 -2.65 15.49
CA GLU A 82 0.98 -3.79 15.73
C GLU A 82 -0.43 -3.52 15.25
N GLU A 83 -0.96 -2.35 15.58
CA GLU A 83 -2.30 -1.95 15.18
C GLU A 83 -2.48 -2.11 13.67
N ALA A 84 -1.45 -1.75 12.92
CA ALA A 84 -1.48 -1.85 11.47
C ALA A 84 -1.61 -3.31 11.02
N ILE A 85 -0.86 -4.19 11.68
CA ILE A 85 -0.90 -5.60 11.35
C ILE A 85 -2.27 -6.20 11.59
N THR A 86 -2.77 -6.04 12.82
CA THR A 86 -4.09 -6.56 13.18
C THR A 86 -5.15 -6.09 12.19
N ALA A 87 -5.04 -4.84 11.76
CA ALA A 87 -6.00 -4.27 10.82
C ALA A 87 -5.94 -4.99 9.48
N LEU A 88 -4.84 -5.68 9.23
CA LEU A 88 -4.65 -6.41 7.98
C LEU A 88 -5.15 -7.85 8.11
N ARG A 89 -5.35 -8.28 9.35
CA ARG A 89 -5.84 -9.63 9.61
C ARG A 89 -7.32 -9.63 9.96
N GLN A 90 -7.86 -8.43 10.18
CA GLN A 90 -9.27 -8.28 10.52
C GLN A 90 -10.08 -7.80 9.33
N THR A 91 -9.45 -7.81 8.16
CA THR A 91 -10.10 -7.37 6.93
C THR A 91 -11.00 -8.47 6.36
N PRO A 92 -12.19 -8.06 5.88
CA PRO A 92 -13.16 -8.99 5.30
C PRO A 92 -12.70 -9.56 3.97
N GLN A 93 -13.62 -10.16 3.23
CA GLN A 93 -13.30 -10.74 1.92
C GLN A 93 -12.60 -9.73 1.03
N LYS A 94 -13.09 -8.49 1.04
CA LYS A 94 -12.52 -7.43 0.23
C LYS A 94 -11.70 -6.47 1.10
N VAL A 95 -10.42 -6.33 0.78
CA VAL A 95 -9.54 -5.44 1.52
C VAL A 95 -9.26 -4.17 0.74
N ARG A 96 -9.77 -3.05 1.24
CA ARG A 96 -9.57 -1.75 0.58
C ARG A 96 -8.60 -0.89 1.37
N LEU A 97 -7.58 -0.36 0.69
CA LEU A 97 -6.59 0.49 1.33
C LEU A 97 -6.24 1.68 0.44
N VAL A 98 -5.71 2.73 1.06
CA VAL A 98 -5.34 3.93 0.33
C VAL A 98 -3.82 4.10 0.29
N VAL A 99 -3.25 3.98 -0.90
CA VAL A 99 -1.80 4.12 -1.08
C VAL A 99 -1.45 5.47 -1.67
N TYR A 100 -0.30 6.01 -1.28
CA TYR A 100 0.15 7.30 -1.78
C TYR A 100 1.59 7.22 -2.26
N ARG A 101 1.80 7.53 -3.54
CA ARG A 101 3.13 7.50 -4.13
C ARG A 101 3.45 8.82 -4.82
N ASP A 102 3.83 9.81 -4.04
CA ASP A 102 4.16 11.13 -4.59
C ASP A 102 5.10 11.00 -5.78
N GLU A 103 5.06 12.00 -6.66
CA GLU A 103 5.91 11.99 -7.85
C GLU A 103 7.11 12.91 -7.68
N ALA A 104 7.53 13.09 -6.43
CA ALA A 104 8.67 13.95 -6.12
C ALA A 104 9.98 13.19 -6.23
N HIS A 105 10.78 13.53 -7.23
CA HIS A 105 12.06 12.88 -7.45
C HIS A 105 11.88 11.37 -7.63
N TYR A 106 10.87 10.99 -8.40
CA TYR A 106 10.58 9.58 -8.65
C TYR A 106 10.72 9.25 -10.13
N ARG A 107 10.14 10.09 -10.98
CA ARG A 107 10.20 9.90 -12.42
C ARG A 107 11.44 10.55 -13.01
N ASP A 108 11.84 10.10 -14.19
CA ASP A 108 13.02 10.65 -14.86
C ASP A 108 12.63 11.35 -16.16
N GLU A 109 13.53 12.17 -16.68
CA GLU A 109 13.27 12.91 -17.91
C GLU A 109 13.92 12.20 -19.10
N GLU A 110 15.01 11.50 -18.84
CA GLU A 110 15.73 10.77 -19.89
C GLU A 110 15.01 9.50 -20.26
N SER A 111 14.69 8.68 -19.26
CA SER A 111 13.99 7.42 -19.47
C SER A 111 13.02 7.54 -20.63
N GLY A 112 12.13 8.53 -20.55
CA GLY A 112 11.15 8.74 -21.60
C GLY A 112 11.68 9.58 -22.74
N PRO A 113 11.37 10.89 -22.70
CA PRO A 113 11.82 11.83 -23.73
C PRO A 113 13.32 12.08 -23.67
N SER A 114 14.03 11.54 -24.65
CA SER A 114 15.48 11.70 -24.72
C SER A 114 15.87 12.60 -25.89
N SER A 115 16.84 13.47 -25.65
CA SER A 115 17.32 14.40 -26.68
C SER A 115 18.11 13.66 -27.76
N GLY A 116 19.17 12.98 -27.33
CA GLY A 116 20.00 12.24 -28.27
C GLY A 116 19.56 10.80 -28.42
N GLY A 1 -28.25 6.61 -17.10
CA GLY A 1 -27.98 5.18 -16.98
C GLY A 1 -27.76 4.75 -15.54
N SER A 2 -28.21 3.55 -15.21
CA SER A 2 -28.07 3.02 -13.86
C SER A 2 -26.69 2.36 -13.69
N SER A 3 -26.31 1.56 -14.66
CA SER A 3 -25.03 0.85 -14.62
C SER A 3 -23.87 1.84 -14.78
N GLY A 4 -22.65 1.33 -14.64
CA GLY A 4 -21.48 2.18 -14.77
C GLY A 4 -20.30 1.66 -13.96
N SER A 5 -19.86 2.44 -12.98
CA SER A 5 -18.73 2.06 -12.15
C SER A 5 -19.14 2.00 -10.68
N SER A 6 -18.89 0.84 -10.05
CA SER A 6 -19.23 0.65 -8.65
C SER A 6 -18.06 0.05 -7.88
N GLY A 7 -17.16 0.93 -7.42
CA GLY A 7 -16.01 0.47 -6.67
C GLY A 7 -14.70 0.73 -7.41
N PRO A 8 -13.58 0.60 -6.68
CA PRO A 8 -12.25 0.83 -7.25
C PRO A 8 -11.85 -0.26 -8.24
N ALA A 9 -10.55 -0.35 -8.53
CA ALA A 9 -10.03 -1.35 -9.46
C ALA A 9 -10.36 -0.98 -10.90
N THR A 10 -10.29 0.32 -11.19
CA THR A 10 -10.59 0.80 -12.54
C THR A 10 -9.36 1.45 -13.16
N CYS A 11 -8.28 1.54 -12.38
CA CYS A 11 -7.04 2.14 -12.86
C CYS A 11 -5.88 1.78 -11.94
N PRO A 12 -4.70 1.57 -12.53
CA PRO A 12 -3.49 1.21 -11.78
C PRO A 12 -2.96 2.38 -10.95
N ILE A 13 -2.34 2.06 -9.82
CA ILE A 13 -1.80 3.08 -8.93
C ILE A 13 -1.21 4.25 -9.73
N VAL A 14 -1.65 5.46 -9.40
CA VAL A 14 -1.16 6.66 -10.09
C VAL A 14 -0.43 7.57 -9.12
N PRO A 15 0.82 7.95 -9.49
CA PRO A 15 1.65 8.83 -8.69
C PRO A 15 1.11 10.27 -8.64
N GLY A 16 1.71 11.09 -7.79
CA GLY A 16 1.28 12.48 -7.68
C GLY A 16 0.02 12.63 -6.84
N GLN A 17 -0.94 11.73 -7.06
CA GLN A 17 -2.19 11.78 -6.32
C GLN A 17 -2.44 10.46 -5.58
N GLU A 18 -3.32 10.50 -4.59
CA GLU A 18 -3.63 9.31 -3.81
C GLU A 18 -4.73 8.49 -4.48
N MET A 19 -4.65 7.17 -4.32
CA MET A 19 -5.63 6.27 -4.92
C MET A 19 -5.93 5.10 -3.98
N ILE A 20 -7.06 4.43 -4.21
CA ILE A 20 -7.45 3.29 -3.40
C ILE A 20 -7.33 1.99 -4.18
N ILE A 21 -7.19 0.88 -3.46
CA ILE A 21 -7.08 -0.43 -4.09
C ILE A 21 -7.84 -1.48 -3.31
N GLU A 22 -8.62 -2.30 -4.01
CA GLU A 22 -9.41 -3.35 -3.37
C GLU A 22 -9.00 -4.73 -3.90
N ILE A 23 -8.36 -5.52 -3.05
CA ILE A 23 -7.92 -6.86 -3.44
C ILE A 23 -8.69 -7.93 -2.67
N SER A 24 -9.14 -8.96 -3.37
CA SER A 24 -9.88 -10.05 -2.75
C SER A 24 -8.94 -11.16 -2.31
N LYS A 25 -9.05 -11.54 -1.04
CA LYS A 25 -8.22 -12.61 -0.50
C LYS A 25 -8.47 -13.93 -1.21
N GLY A 26 -7.53 -14.32 -2.07
CA GLY A 26 -7.67 -15.57 -2.80
C GLY A 26 -7.22 -16.76 -1.99
N ARG A 27 -6.83 -17.83 -2.69
CA ARG A 27 -6.37 -19.05 -2.04
C ARG A 27 -5.63 -18.72 -0.74
N SER A 28 -4.62 -17.85 -0.84
CA SER A 28 -3.83 -17.46 0.32
C SER A 28 -4.06 -15.99 0.66
N GLY A 29 -4.11 -15.69 1.95
CA GLY A 29 -4.31 -14.32 2.39
C GLY A 29 -3.28 -13.36 1.85
N LEU A 30 -3.55 -12.07 1.95
CA LEU A 30 -2.62 -11.05 1.46
C LEU A 30 -1.18 -11.49 1.66
N GLY A 31 -0.87 -11.98 2.86
CA GLY A 31 0.47 -12.42 3.16
C GLY A 31 1.52 -11.38 2.81
N LEU A 32 1.41 -10.21 3.45
CA LEU A 32 2.35 -9.13 3.20
C LEU A 32 3.06 -8.72 4.50
N SER A 33 3.86 -7.66 4.42
CA SER A 33 4.58 -7.17 5.59
C SER A 33 4.66 -5.65 5.57
N ILE A 34 4.73 -5.05 6.76
CA ILE A 34 4.81 -3.60 6.89
C ILE A 34 5.80 -3.20 7.98
N VAL A 35 6.01 -1.89 8.12
CA VAL A 35 6.92 -1.37 9.13
C VAL A 35 6.62 0.08 9.46
N GLY A 36 6.60 0.40 10.75
CA GLY A 36 6.31 1.76 11.18
C GLY A 36 5.08 1.85 12.06
N GLY A 37 4.74 3.06 12.48
CA GLY A 37 3.58 3.25 13.33
C GLY A 37 3.81 4.30 14.39
N LYS A 38 3.63 3.92 15.66
CA LYS A 38 3.82 4.85 16.76
C LYS A 38 5.12 4.55 17.51
N ASP A 39 5.29 3.31 17.92
CA ASP A 39 6.49 2.89 18.63
C ASP A 39 7.61 2.53 17.66
N THR A 40 7.65 3.24 16.52
CA THR A 40 8.66 2.99 15.51
C THR A 40 9.39 4.28 15.16
N PRO A 41 10.59 4.12 14.56
CA PRO A 41 11.42 5.27 14.15
C PRO A 41 10.82 6.03 12.97
N LEU A 42 9.71 5.52 12.45
CA LEU A 42 9.04 6.15 11.32
C LEU A 42 7.55 6.33 11.60
N ASN A 43 7.08 7.57 11.48
CA ASN A 43 5.67 7.87 11.72
C ASN A 43 4.83 7.63 10.47
N ALA A 44 5.20 6.59 9.71
CA ALA A 44 4.48 6.25 8.49
C ALA A 44 4.55 4.75 8.21
N ILE A 45 3.44 4.19 7.75
CA ILE A 45 3.38 2.76 7.45
C ILE A 45 3.93 2.48 6.06
N VAL A 46 4.89 1.57 5.98
CA VAL A 46 5.51 1.19 4.72
C VAL A 46 5.56 -0.32 4.55
N ILE A 47 5.28 -0.79 3.34
CA ILE A 47 5.29 -2.22 3.06
C ILE A 47 6.73 -2.74 2.94
N HIS A 48 7.23 -3.32 4.02
CA HIS A 48 8.58 -3.86 4.04
C HIS A 48 8.82 -4.79 2.85
N GLU A 49 7.95 -5.79 2.71
CA GLU A 49 8.06 -6.75 1.63
C GLU A 49 6.71 -7.41 1.34
N VAL A 50 6.44 -7.65 0.06
CA VAL A 50 5.19 -8.27 -0.35
C VAL A 50 5.42 -9.69 -0.84
N TYR A 51 5.25 -10.65 0.07
CA TYR A 51 5.45 -12.06 -0.27
C TYR A 51 4.63 -12.44 -1.50
N GLU A 52 5.32 -12.89 -2.55
CA GLU A 52 4.66 -13.28 -3.78
C GLU A 52 3.44 -14.16 -3.50
N GLU A 53 3.69 -15.33 -2.92
CA GLU A 53 2.61 -16.26 -2.60
C GLU A 53 1.41 -15.51 -2.04
N GLY A 54 1.64 -14.34 -1.46
CA GLY A 54 0.57 -13.55 -0.89
C GLY A 54 -0.41 -13.06 -1.95
N ALA A 55 -1.68 -13.00 -1.57
CA ALA A 55 -2.72 -12.55 -2.49
C ALA A 55 -2.36 -11.21 -3.13
N ALA A 56 -2.03 -10.23 -2.29
CA ALA A 56 -1.65 -8.91 -2.77
C ALA A 56 -0.73 -9.00 -3.97
N ALA A 57 0.18 -9.97 -3.94
CA ALA A 57 1.14 -10.17 -5.02
C ALA A 57 0.45 -10.76 -6.25
N ARG A 58 -0.42 -11.74 -6.01
CA ARG A 58 -1.14 -12.40 -7.10
C ARG A 58 -1.70 -11.38 -8.08
N ASP A 59 -2.30 -10.32 -7.55
CA ASP A 59 -2.87 -9.26 -8.39
C ASP A 59 -1.77 -8.39 -8.99
N GLY A 60 -0.86 -7.93 -8.12
CA GLY A 60 0.22 -7.07 -8.59
C GLY A 60 -0.09 -5.60 -8.44
N ARG A 61 -0.78 -5.25 -7.36
CA ARG A 61 -1.14 -3.86 -7.11
C ARG A 61 -0.19 -3.21 -6.10
N LEU A 62 -0.14 -3.78 -4.90
CA LEU A 62 0.73 -3.26 -3.85
C LEU A 62 2.17 -3.72 -4.07
N TRP A 63 3.06 -2.76 -4.33
CA TRP A 63 4.47 -3.06 -4.55
C TRP A 63 5.32 -2.61 -3.37
N ALA A 64 6.28 -3.44 -2.98
CA ALA A 64 7.16 -3.12 -1.86
C ALA A 64 7.80 -1.75 -2.05
N GLY A 65 7.37 -0.80 -1.24
CA GLY A 65 7.91 0.55 -1.32
C GLY A 65 6.83 1.61 -1.40
N ASP A 66 5.68 1.34 -0.79
CA ASP A 66 4.58 2.28 -0.79
C ASP A 66 4.24 2.74 0.62
N GLN A 67 3.51 3.84 0.73
CA GLN A 67 3.13 4.38 2.02
C GLN A 67 1.61 4.34 2.21
N ILE A 68 1.16 3.42 3.06
CA ILE A 68 -0.26 3.26 3.32
C ILE A 68 -0.76 4.36 4.27
N LEU A 69 -1.99 4.81 4.03
CA LEU A 69 -2.59 5.84 4.86
C LEU A 69 -3.76 5.30 5.66
N GLU A 70 -4.47 4.33 5.07
CA GLU A 70 -5.63 3.72 5.73
C GLU A 70 -5.82 2.28 5.25
N VAL A 71 -6.68 1.55 5.95
CA VAL A 71 -6.96 0.16 5.60
C VAL A 71 -8.32 -0.27 6.13
N ASN A 72 -9.17 -0.76 5.23
CA ASN A 72 -10.51 -1.21 5.61
C ASN A 72 -11.22 -0.16 6.45
N GLY A 73 -11.01 1.10 6.11
CA GLY A 73 -11.63 2.19 6.83
C GLY A 73 -11.04 2.37 8.22
N VAL A 74 -9.73 2.21 8.34
CA VAL A 74 -9.06 2.35 9.62
C VAL A 74 -7.76 3.15 9.47
N ASP A 75 -7.77 4.39 9.93
CA ASP A 75 -6.61 5.26 9.85
C ASP A 75 -5.39 4.58 10.48
N LEU A 76 -4.34 4.42 9.67
CA LEU A 76 -3.11 3.78 10.15
C LEU A 76 -2.07 4.84 10.51
N ARG A 77 -1.99 5.90 9.72
CA ARG A 77 -1.04 6.97 9.96
C ARG A 77 -0.82 7.18 11.46
N ASN A 78 -1.90 7.03 12.22
CA ASN A 78 -1.81 7.21 13.68
C ASN A 78 -1.58 5.87 14.37
N SER A 79 -2.34 4.86 13.97
CA SER A 79 -2.22 3.53 14.56
C SER A 79 -0.76 3.14 14.70
N SER A 80 -0.49 2.21 15.62
CA SER A 80 0.87 1.75 15.86
C SER A 80 1.16 0.48 15.06
N HIS A 81 2.44 0.19 14.87
CA HIS A 81 2.86 -0.99 14.12
C HIS A 81 1.90 -2.15 14.35
N GLU A 82 1.90 -2.69 15.57
CA GLU A 82 1.02 -3.81 15.92
C GLU A 82 -0.40 -3.56 15.42
N GLU A 83 -1.00 -2.47 15.87
CA GLU A 83 -2.35 -2.12 15.47
C GLU A 83 -2.54 -2.29 13.96
N ALA A 84 -1.57 -1.79 13.20
CA ALA A 84 -1.61 -1.88 11.75
C ALA A 84 -1.63 -3.34 11.29
N ILE A 85 -0.80 -4.16 11.94
CA ILE A 85 -0.71 -5.57 11.60
C ILE A 85 -2.07 -6.26 11.75
N THR A 86 -2.73 -6.01 12.89
CA THR A 86 -4.03 -6.60 13.15
C THR A 86 -5.09 -6.08 12.18
N ALA A 87 -5.00 -4.79 11.86
CA ALA A 87 -5.95 -4.18 10.94
C ALA A 87 -5.93 -4.87 9.58
N LEU A 88 -4.79 -5.46 9.24
CA LEU A 88 -4.64 -6.17 7.97
C LEU A 88 -5.17 -7.59 8.06
N ARG A 89 -5.21 -8.12 9.28
CA ARG A 89 -5.70 -9.48 9.51
C ARG A 89 -7.21 -9.48 9.72
N GLN A 90 -7.74 -8.36 10.22
CA GLN A 90 -9.17 -8.24 10.47
C GLN A 90 -9.91 -7.76 9.21
N THR A 91 -9.22 -7.81 8.07
CA THR A 91 -9.80 -7.38 6.80
C THR A 91 -10.60 -8.52 6.16
N PRO A 92 -11.82 -8.20 5.72
CA PRO A 92 -12.71 -9.17 5.07
C PRO A 92 -12.20 -9.58 3.69
N GLN A 93 -12.82 -10.61 3.12
CA GLN A 93 -12.43 -11.10 1.80
C GLN A 93 -12.01 -9.95 0.90
N LYS A 94 -12.76 -8.86 0.94
CA LYS A 94 -12.45 -7.68 0.13
C LYS A 94 -11.64 -6.67 0.93
N VAL A 95 -10.31 -6.74 0.78
CA VAL A 95 -9.43 -5.81 1.49
C VAL A 95 -9.20 -4.55 0.68
N ARG A 96 -9.41 -3.39 1.32
CA ARG A 96 -9.24 -2.11 0.67
C ARG A 96 -8.24 -1.23 1.44
N LEU A 97 -7.40 -0.51 0.70
CA LEU A 97 -6.41 0.36 1.32
C LEU A 97 -6.14 1.58 0.45
N VAL A 98 -5.50 2.59 1.02
CA VAL A 98 -5.18 3.81 0.29
C VAL A 98 -3.67 4.02 0.22
N VAL A 99 -3.11 3.86 -0.98
CA VAL A 99 -1.68 4.04 -1.19
C VAL A 99 -1.38 5.37 -1.85
N TYR A 100 -0.19 5.90 -1.59
CA TYR A 100 0.22 7.18 -2.16
C TYR A 100 1.68 7.14 -2.60
N ARG A 101 1.91 7.27 -3.90
CA ARG A 101 3.27 7.25 -4.44
C ARG A 101 3.63 8.60 -5.03
N ASP A 102 4.28 9.44 -4.22
CA ASP A 102 4.69 10.77 -4.67
C ASP A 102 5.66 10.67 -5.85
N GLU A 103 5.59 11.66 -6.73
CA GLU A 103 6.47 11.68 -7.91
C GLU A 103 7.53 12.77 -7.77
N ALA A 104 8.05 12.93 -6.56
CA ALA A 104 9.08 13.92 -6.29
C ALA A 104 10.36 13.27 -5.80
N HIS A 105 11.43 13.39 -6.59
CA HIS A 105 12.72 12.81 -6.24
C HIS A 105 12.60 11.31 -6.03
N TYR A 106 11.86 10.64 -6.92
CA TYR A 106 11.66 9.21 -6.83
C TYR A 106 11.97 8.53 -8.16
N ARG A 107 11.42 9.09 -9.24
CA ARG A 107 11.64 8.54 -10.57
C ARG A 107 12.81 9.22 -11.26
N ASP A 108 13.80 8.43 -11.68
CA ASP A 108 14.97 8.96 -12.36
C ASP A 108 14.59 9.64 -13.67
N GLU A 109 15.46 10.53 -14.15
CA GLU A 109 15.21 11.23 -15.39
C GLU A 109 15.80 10.48 -16.58
N GLU A 110 14.95 9.79 -17.33
CA GLU A 110 15.38 9.02 -18.48
C GLU A 110 14.82 9.62 -19.77
N SER A 111 15.72 10.12 -20.61
CA SER A 111 15.32 10.73 -21.88
C SER A 111 16.36 10.46 -22.97
N GLY A 112 15.99 10.72 -24.22
CA GLY A 112 16.90 10.50 -25.32
C GLY A 112 16.24 10.72 -26.67
N PRO A 113 16.80 10.11 -27.72
CA PRO A 113 16.29 10.23 -29.08
C PRO A 113 14.95 9.51 -29.26
N SER A 114 14.20 9.91 -30.28
CA SER A 114 12.90 9.30 -30.55
C SER A 114 12.87 8.68 -31.95
N SER A 115 13.22 9.49 -32.95
CA SER A 115 13.24 9.03 -34.33
C SER A 115 14.19 9.87 -35.17
N GLY A 116 14.87 9.21 -36.12
CA GLY A 116 15.81 9.91 -36.97
C GLY A 116 16.81 10.73 -36.18
N GLY A 1 -18.43 5.29 2.81
CA GLY A 1 -19.87 5.46 2.76
C GLY A 1 -20.38 5.77 1.37
N SER A 2 -20.47 7.06 1.05
CA SER A 2 -20.95 7.48 -0.27
C SER A 2 -20.50 6.51 -1.35
N SER A 3 -21.39 6.20 -2.27
CA SER A 3 -21.08 5.29 -3.37
C SER A 3 -19.68 5.55 -3.92
N GLY A 4 -19.08 4.51 -4.50
CA GLY A 4 -17.75 4.66 -5.05
C GLY A 4 -17.74 5.43 -6.36
N SER A 5 -17.21 6.65 -6.31
CA SER A 5 -17.15 7.50 -7.50
C SER A 5 -16.05 7.02 -8.44
N SER A 6 -14.84 6.92 -7.93
CA SER A 6 -13.69 6.48 -8.72
C SER A 6 -13.46 4.98 -8.58
N GLY A 7 -12.85 4.38 -9.59
CA GLY A 7 -12.58 2.95 -9.55
C GLY A 7 -11.14 2.64 -9.24
N PRO A 8 -10.91 1.86 -8.17
CA PRO A 8 -9.56 1.47 -7.74
C PRO A 8 -8.91 0.50 -8.71
N ALA A 9 -9.72 -0.35 -9.34
CA ALA A 9 -9.21 -1.32 -10.30
C ALA A 9 -9.16 -0.74 -11.70
N THR A 10 -10.27 -0.18 -12.15
CA THR A 10 -10.35 0.42 -13.49
C THR A 10 -9.02 1.05 -13.88
N CYS A 11 -8.55 1.99 -13.07
CA CYS A 11 -7.29 2.68 -13.34
C CYS A 11 -6.22 2.26 -12.33
N PRO A 12 -4.97 2.19 -12.79
CA PRO A 12 -3.83 1.80 -11.95
C PRO A 12 -3.50 2.86 -10.90
N ILE A 13 -2.55 2.54 -10.02
CA ILE A 13 -2.14 3.46 -8.98
C ILE A 13 -1.62 4.77 -9.57
N VAL A 14 -2.49 5.77 -9.66
CA VAL A 14 -2.12 7.07 -10.20
C VAL A 14 -1.33 7.88 -9.18
N PRO A 15 -0.09 8.25 -9.54
CA PRO A 15 0.78 9.04 -8.67
C PRO A 15 0.29 10.48 -8.51
N GLY A 16 0.98 11.24 -7.66
CA GLY A 16 0.60 12.62 -7.43
C GLY A 16 -0.57 12.75 -6.48
N GLN A 17 -1.58 11.92 -6.66
CA GLN A 17 -2.77 11.95 -5.82
C GLN A 17 -2.99 10.60 -5.15
N GLU A 18 -3.64 10.61 -3.98
CA GLU A 18 -3.91 9.39 -3.25
C GLU A 18 -4.92 8.52 -4.00
N MET A 19 -4.74 7.21 -3.90
CA MET A 19 -5.63 6.26 -4.57
C MET A 19 -5.88 5.03 -3.69
N ILE A 20 -6.99 4.35 -3.95
CA ILE A 20 -7.35 3.17 -3.18
C ILE A 20 -7.23 1.90 -4.03
N ILE A 21 -6.94 0.78 -3.38
CA ILE A 21 -6.80 -0.49 -4.08
C ILE A 21 -7.66 -1.57 -3.42
N GLU A 22 -8.16 -2.50 -4.24
CA GLU A 22 -8.99 -3.59 -3.74
C GLU A 22 -8.36 -4.94 -4.03
N ILE A 23 -7.98 -5.64 -2.96
CA ILE A 23 -7.35 -6.95 -3.10
C ILE A 23 -8.30 -8.06 -2.63
N SER A 24 -8.38 -9.12 -3.43
CA SER A 24 -9.25 -10.25 -3.11
C SER A 24 -8.46 -11.37 -2.44
N LYS A 25 -8.86 -11.72 -1.23
CA LYS A 25 -8.19 -12.78 -0.47
C LYS A 25 -8.45 -14.15 -1.10
N GLY A 26 -9.47 -14.21 -1.96
CA GLY A 26 -9.81 -15.45 -2.62
C GLY A 26 -9.67 -16.65 -1.69
N ARG A 27 -10.30 -16.57 -0.52
CA ARG A 27 -10.25 -17.64 0.46
C ARG A 27 -8.79 -17.98 0.81
N SER A 28 -7.97 -16.95 0.95
CA SER A 28 -6.57 -17.14 1.27
C SER A 28 -6.04 -15.98 2.11
N GLY A 29 -5.01 -16.25 2.91
CA GLY A 29 -4.43 -15.21 3.76
C GLY A 29 -3.45 -14.35 3.01
N LEU A 30 -3.47 -13.04 3.28
CA LEU A 30 -2.57 -12.11 2.64
C LEU A 30 -1.11 -12.49 2.88
N GLY A 31 -0.24 -12.12 1.96
CA GLY A 31 1.17 -12.42 2.09
C GLY A 31 2.06 -11.20 1.91
N LEU A 32 2.09 -10.35 2.92
CA LEU A 32 2.90 -9.13 2.86
C LEU A 32 3.41 -8.75 4.24
N SER A 33 4.20 -7.68 4.31
CA SER A 33 4.74 -7.20 5.57
C SER A 33 4.85 -5.68 5.58
N ILE A 34 4.61 -5.09 6.75
CA ILE A 34 4.68 -3.64 6.90
C ILE A 34 5.75 -3.24 7.89
N VAL A 35 6.16 -1.97 7.84
CA VAL A 35 7.19 -1.47 8.75
C VAL A 35 6.87 -0.04 9.19
N GLY A 36 7.23 0.29 10.43
CA GLY A 36 6.97 1.61 10.96
C GLY A 36 5.92 1.61 12.05
N GLY A 37 5.41 2.79 12.38
CA GLY A 37 4.40 2.89 13.42
C GLY A 37 4.54 4.16 14.24
N LYS A 38 4.12 4.10 15.50
CA LYS A 38 4.19 5.25 16.39
C LYS A 38 5.50 5.24 17.18
N ASP A 39 5.61 4.28 18.11
CA ASP A 39 6.81 4.17 18.92
C ASP A 39 8.07 4.24 18.07
N THR A 40 7.91 3.99 16.77
CA THR A 40 9.04 4.02 15.85
C THR A 40 9.13 5.38 15.15
N PRO A 41 10.36 5.76 14.76
CA PRO A 41 10.60 7.04 14.08
C PRO A 41 10.04 7.06 12.66
N LEU A 42 9.83 5.87 12.09
CA LEU A 42 9.30 5.76 10.74
C LEU A 42 8.16 6.76 10.51
N ASN A 43 7.23 6.81 11.46
CA ASN A 43 6.10 7.72 11.37
C ASN A 43 5.34 7.52 10.06
N ALA A 44 5.42 6.30 9.52
CA ALA A 44 4.74 5.98 8.26
C ALA A 44 4.68 4.47 8.05
N ILE A 45 3.56 4.00 7.51
CA ILE A 45 3.37 2.58 7.26
C ILE A 45 3.89 2.19 5.88
N VAL A 46 5.06 1.54 5.85
CA VAL A 46 5.65 1.12 4.59
C VAL A 46 5.57 -0.39 4.42
N ILE A 47 5.50 -0.84 3.17
CA ILE A 47 5.43 -2.27 2.88
C ILE A 47 6.81 -2.90 2.81
N HIS A 48 7.16 -3.65 3.85
CA HIS A 48 8.46 -4.32 3.90
C HIS A 48 8.61 -5.31 2.75
N GLU A 49 7.78 -6.35 2.75
CA GLU A 49 7.83 -7.37 1.71
C GLU A 49 6.42 -7.79 1.31
N VAL A 50 6.29 -8.28 0.07
CA VAL A 50 4.99 -8.72 -0.42
C VAL A 50 5.07 -10.17 -0.93
N TYR A 51 5.10 -11.12 0.00
CA TYR A 51 5.18 -12.53 -0.34
C TYR A 51 4.30 -12.84 -1.55
N GLU A 52 4.89 -13.49 -2.55
CA GLU A 52 4.16 -13.85 -3.76
C GLU A 52 3.13 -14.92 -3.47
N GLU A 53 3.24 -15.55 -2.30
CA GLU A 53 2.31 -16.60 -1.90
C GLU A 53 1.11 -16.01 -1.16
N GLY A 54 0.71 -14.81 -1.55
CA GLY A 54 -0.42 -14.17 -0.91
C GLY A 54 -1.29 -13.42 -1.91
N ALA A 55 -2.46 -12.97 -1.45
CA ALA A 55 -3.38 -12.23 -2.30
C ALA A 55 -2.73 -10.98 -2.86
N ALA A 56 -2.29 -10.09 -1.97
CA ALA A 56 -1.65 -8.85 -2.37
C ALA A 56 -0.81 -9.06 -3.63
N ALA A 57 -0.12 -10.18 -3.69
CA ALA A 57 0.73 -10.50 -4.84
C ALA A 57 -0.12 -10.78 -6.08
N ARG A 58 -1.15 -11.59 -5.92
CA ARG A 58 -2.03 -11.93 -7.03
C ARG A 58 -2.28 -10.72 -7.92
N ASP A 59 -2.40 -9.55 -7.30
CA ASP A 59 -2.65 -8.32 -8.04
C ASP A 59 -1.34 -7.72 -8.55
N GLY A 60 -0.39 -7.51 -7.63
CA GLY A 60 0.89 -6.95 -8.01
C GLY A 60 0.88 -5.44 -8.00
N ARG A 61 -0.21 -4.85 -7.52
CA ARG A 61 -0.33 -3.41 -7.46
C ARG A 61 0.52 -2.82 -6.34
N LEU A 62 0.57 -3.53 -5.22
CA LEU A 62 1.36 -3.09 -4.07
C LEU A 62 2.82 -3.47 -4.23
N TRP A 63 3.68 -2.46 -4.36
CA TRP A 63 5.11 -2.69 -4.53
C TRP A 63 5.86 -2.41 -3.23
N ALA A 64 6.93 -3.16 -2.99
CA ALA A 64 7.72 -3.00 -1.79
C ALA A 64 8.29 -1.58 -1.70
N GLY A 65 7.70 -0.76 -0.83
CA GLY A 65 8.16 0.60 -0.67
C GLY A 65 7.02 1.60 -0.66
N ASP A 66 5.79 1.10 -0.77
CA ASP A 66 4.61 1.96 -0.77
C ASP A 66 4.32 2.48 0.63
N GLN A 67 3.57 3.59 0.69
CA GLN A 67 3.22 4.18 1.98
C GLN A 67 1.71 4.17 2.19
N ILE A 68 1.26 3.28 3.07
CA ILE A 68 -0.16 3.15 3.37
C ILE A 68 -0.62 4.26 4.30
N LEU A 69 -1.87 4.70 4.13
CA LEU A 69 -2.44 5.77 4.97
C LEU A 69 -3.66 5.26 5.71
N GLU A 70 -4.31 4.24 5.17
CA GLU A 70 -5.50 3.67 5.80
C GLU A 70 -5.72 2.24 5.33
N VAL A 71 -6.61 1.53 6.02
CA VAL A 71 -6.92 0.15 5.68
C VAL A 71 -8.30 -0.25 6.18
N ASN A 72 -9.08 -0.87 5.30
CA ASN A 72 -10.43 -1.30 5.65
C ASN A 72 -11.14 -0.24 6.49
N GLY A 73 -10.86 1.02 6.18
CA GLY A 73 -11.49 2.11 6.91
C GLY A 73 -10.91 2.29 8.30
N VAL A 74 -9.58 2.14 8.41
CA VAL A 74 -8.91 2.29 9.69
C VAL A 74 -7.67 3.17 9.56
N ASP A 75 -7.82 4.44 9.91
CA ASP A 75 -6.71 5.38 9.84
C ASP A 75 -5.44 4.78 10.43
N LEU A 76 -4.43 4.58 9.57
CA LEU A 76 -3.17 4.00 10.00
C LEU A 76 -2.14 5.10 10.28
N ARG A 77 -2.33 6.25 9.65
CA ARG A 77 -1.41 7.38 9.83
C ARG A 77 -1.32 7.76 11.30
N ASN A 78 -2.27 7.29 12.10
CA ASN A 78 -2.30 7.58 13.53
C ASN A 78 -2.43 6.30 14.35
N SER A 79 -1.77 5.25 13.90
CA SER A 79 -1.83 3.97 14.59
C SER A 79 -0.42 3.41 14.82
N SER A 80 -0.30 2.48 15.77
CA SER A 80 0.98 1.88 16.08
C SER A 80 1.25 0.66 15.20
N HIS A 81 2.52 0.31 15.07
CA HIS A 81 2.91 -0.84 14.26
C HIS A 81 1.90 -1.98 14.40
N GLU A 82 1.84 -2.54 15.61
CA GLU A 82 0.92 -3.65 15.88
C GLU A 82 -0.47 -3.35 15.32
N GLU A 83 -1.07 -2.26 15.79
CA GLU A 83 -2.40 -1.87 15.34
C GLU A 83 -2.55 -2.09 13.84
N ALA A 84 -1.57 -1.62 13.07
CA ALA A 84 -1.60 -1.77 11.63
C ALA A 84 -1.64 -3.24 11.22
N ILE A 85 -0.87 -4.06 11.93
CA ILE A 85 -0.83 -5.50 11.65
C ILE A 85 -2.20 -6.14 11.85
N THR A 86 -2.76 -5.97 13.05
CA THR A 86 -4.06 -6.53 13.36
C THR A 86 -5.13 -6.02 12.40
N ALA A 87 -5.01 -4.76 12.00
CA ALA A 87 -5.96 -4.15 11.07
C ALA A 87 -5.97 -4.88 9.74
N LEU A 88 -4.90 -5.63 9.47
CA LEU A 88 -4.78 -6.38 8.22
C LEU A 88 -5.38 -7.77 8.35
N ARG A 89 -5.35 -8.31 9.56
CA ARG A 89 -5.89 -9.64 9.83
C ARG A 89 -7.39 -9.56 10.12
N GLN A 90 -7.89 -8.34 10.30
CA GLN A 90 -9.31 -8.13 10.58
C GLN A 90 -10.06 -7.70 9.33
N THR A 91 -9.41 -7.87 8.17
CA THR A 91 -10.01 -7.50 6.90
C THR A 91 -10.76 -8.67 6.29
N PRO A 92 -11.93 -8.37 5.69
CA PRO A 92 -12.77 -9.40 5.06
C PRO A 92 -12.15 -9.96 3.79
N GLN A 93 -12.97 -10.64 2.98
CA GLN A 93 -12.49 -11.23 1.74
C GLN A 93 -11.86 -10.17 0.83
N LYS A 94 -12.50 -9.01 0.77
CA LYS A 94 -12.01 -7.91 -0.06
C LYS A 94 -11.24 -6.89 0.80
N VAL A 95 -9.93 -6.95 0.75
CA VAL A 95 -9.09 -6.04 1.52
C VAL A 95 -8.83 -4.75 0.74
N ARG A 96 -9.35 -3.64 1.26
CA ARG A 96 -9.19 -2.34 0.62
C ARG A 96 -8.26 -1.45 1.43
N LEU A 97 -7.33 -0.79 0.75
CA LEU A 97 -6.37 0.10 1.40
C LEU A 97 -6.12 1.35 0.55
N VAL A 98 -5.57 2.38 1.18
CA VAL A 98 -5.27 3.63 0.48
C VAL A 98 -3.77 3.87 0.42
N VAL A 99 -3.20 3.75 -0.78
CA VAL A 99 -1.78 3.96 -0.97
C VAL A 99 -1.49 5.32 -1.60
N TYR A 100 -0.25 5.76 -1.53
CA TYR A 100 0.15 7.04 -2.08
C TYR A 100 1.57 6.99 -2.64
N ARG A 101 1.69 7.12 -3.95
CA ARG A 101 2.99 7.07 -4.61
C ARG A 101 3.36 8.43 -5.18
N ASP A 102 3.97 9.27 -4.35
CA ASP A 102 4.38 10.61 -4.76
C ASP A 102 5.23 10.55 -6.02
N GLU A 103 5.11 11.57 -6.87
CA GLU A 103 5.88 11.63 -8.10
C GLU A 103 6.99 12.66 -8.00
N ALA A 104 7.60 12.74 -6.83
CA ALA A 104 8.69 13.69 -6.61
C ALA A 104 10.05 12.99 -6.61
N HIS A 105 10.16 11.90 -5.85
CA HIS A 105 11.39 11.15 -5.77
C HIS A 105 11.29 9.84 -6.56
N TYR A 106 10.68 9.92 -7.74
CA TYR A 106 10.50 8.74 -8.58
C TYR A 106 11.85 8.12 -8.93
N ARG A 107 12.72 8.92 -9.52
CA ARG A 107 14.04 8.44 -9.91
C ARG A 107 15.13 9.40 -9.40
N ASP A 108 16.16 8.83 -8.77
CA ASP A 108 17.26 9.62 -8.25
C ASP A 108 18.47 8.75 -7.97
N GLU A 109 19.66 9.30 -8.19
CA GLU A 109 20.91 8.56 -7.97
C GLU A 109 21.93 9.44 -7.24
N GLU A 110 22.76 8.80 -6.42
CA GLU A 110 23.78 9.52 -5.66
C GLU A 110 25.16 9.26 -6.26
N SER A 111 25.66 10.23 -7.02
CA SER A 111 26.97 10.11 -7.64
C SER A 111 28.05 9.88 -6.59
N GLY A 112 29.02 9.03 -6.92
CA GLY A 112 30.10 8.73 -5.99
C GLY A 112 31.27 8.05 -6.67
N PRO A 113 31.32 6.71 -6.59
CA PRO A 113 32.39 5.92 -7.20
C PRO A 113 32.33 5.92 -8.71
N SER A 114 31.15 5.67 -9.26
CA SER A 114 30.96 5.64 -10.70
C SER A 114 31.15 7.03 -11.31
N SER A 115 31.80 7.08 -12.46
CA SER A 115 32.06 8.34 -13.14
C SER A 115 30.89 8.74 -14.02
N GLY A 116 30.15 9.76 -13.59
CA GLY A 116 29.00 10.22 -14.36
C GLY A 116 29.40 11.10 -15.52
N GLY A 1 -12.68 18.37 -14.00
CA GLY A 1 -11.97 17.21 -14.53
C GLY A 1 -12.78 15.93 -14.41
N SER A 2 -12.12 14.85 -14.02
CA SER A 2 -12.78 13.56 -13.87
C SER A 2 -13.43 13.44 -12.50
N SER A 3 -14.74 13.69 -12.45
CA SER A 3 -15.48 13.61 -11.20
C SER A 3 -15.75 12.16 -10.81
N GLY A 4 -16.43 11.42 -11.68
CA GLY A 4 -16.74 10.04 -11.41
C GLY A 4 -15.50 9.18 -11.31
N SER A 5 -15.24 8.64 -10.13
CA SER A 5 -14.07 7.79 -9.90
C SER A 5 -14.48 6.36 -9.56
N SER A 6 -14.61 5.53 -10.58
CA SER A 6 -15.01 4.14 -10.39
C SER A 6 -13.89 3.20 -10.83
N GLY A 7 -13.71 2.11 -10.09
CA GLY A 7 -12.69 1.15 -10.43
C GLY A 7 -11.36 1.45 -9.76
N PRO A 8 -11.26 1.10 -8.46
CA PRO A 8 -10.05 1.34 -7.67
C PRO A 8 -8.90 0.43 -8.10
N ALA A 9 -9.23 -0.75 -8.61
CA ALA A 9 -8.23 -1.71 -9.06
C ALA A 9 -7.98 -1.57 -10.55
N THR A 10 -9.07 -1.56 -11.33
CA THR A 10 -8.97 -1.45 -12.78
C THR A 10 -7.89 -0.46 -13.18
N CYS A 11 -7.92 0.72 -12.57
CA CYS A 11 -6.94 1.76 -12.86
C CYS A 11 -5.69 1.59 -12.01
N PRO A 12 -4.53 1.94 -12.58
CA PRO A 12 -3.24 1.84 -11.89
C PRO A 12 -3.10 2.85 -10.77
N ILE A 13 -2.01 2.74 -10.00
CA ILE A 13 -1.76 3.65 -8.90
C ILE A 13 -1.17 4.97 -9.40
N VAL A 14 -2.00 6.01 -9.46
CA VAL A 14 -1.56 7.32 -9.91
C VAL A 14 -0.74 8.02 -8.84
N PRO A 15 0.48 8.42 -9.20
CA PRO A 15 1.39 9.11 -8.28
C PRO A 15 0.91 10.53 -7.95
N GLY A 16 1.31 11.03 -6.79
CA GLY A 16 0.92 12.37 -6.38
C GLY A 16 -0.50 12.42 -5.86
N GLN A 17 -1.40 11.69 -6.52
CA GLN A 17 -2.80 11.66 -6.11
C GLN A 17 -3.11 10.38 -5.34
N GLU A 18 -3.54 10.54 -4.09
CA GLU A 18 -3.87 9.39 -3.25
C GLU A 18 -4.96 8.54 -3.89
N MET A 19 -4.66 7.27 -4.11
CA MET A 19 -5.61 6.34 -4.72
C MET A 19 -5.94 5.20 -3.76
N ILE A 20 -6.97 4.43 -4.11
CA ILE A 20 -7.40 3.30 -3.28
C ILE A 20 -7.25 1.99 -4.04
N ILE A 21 -7.04 0.90 -3.29
CA ILE A 21 -6.88 -0.42 -3.89
C ILE A 21 -7.71 -1.45 -3.15
N GLU A 22 -8.49 -2.23 -3.91
CA GLU A 22 -9.33 -3.28 -3.32
C GLU A 22 -8.94 -4.65 -3.86
N ILE A 23 -8.60 -5.56 -2.95
CA ILE A 23 -8.21 -6.90 -3.32
C ILE A 23 -9.11 -7.94 -2.66
N SER A 24 -9.71 -8.80 -3.47
CA SER A 24 -10.61 -9.85 -2.96
C SER A 24 -9.82 -11.09 -2.58
N LYS A 25 -9.58 -11.25 -1.28
CA LYS A 25 -8.83 -12.40 -0.78
C LYS A 25 -9.21 -13.67 -1.53
N GLY A 26 -8.26 -14.24 -2.27
CA GLY A 26 -8.52 -15.45 -3.02
C GLY A 26 -8.51 -16.69 -2.15
N ARG A 27 -9.55 -16.85 -1.34
CA ARG A 27 -9.66 -17.99 -0.44
C ARG A 27 -8.39 -18.17 0.38
N SER A 28 -7.79 -17.04 0.78
CA SER A 28 -6.57 -17.06 1.57
C SER A 28 -6.31 -15.70 2.20
N GLY A 29 -5.35 -15.66 3.12
CA GLY A 29 -5.01 -14.41 3.79
C GLY A 29 -3.88 -13.67 3.11
N LEU A 30 -4.00 -12.35 3.02
CA LEU A 30 -2.98 -11.53 2.39
C LEU A 30 -1.59 -11.90 2.88
N GLY A 31 -0.59 -11.68 2.05
CA GLY A 31 0.78 -12.00 2.42
C GLY A 31 1.73 -10.85 2.18
N LEU A 32 1.53 -9.76 2.91
CA LEU A 32 2.38 -8.58 2.78
C LEU A 32 2.94 -8.15 4.13
N SER A 33 3.96 -7.29 4.10
CA SER A 33 4.58 -6.81 5.33
C SER A 33 4.74 -5.30 5.30
N ILE A 34 4.64 -4.67 6.46
CA ILE A 34 4.77 -3.23 6.57
C ILE A 34 5.88 -2.84 7.55
N VAL A 35 6.13 -1.54 7.67
CA VAL A 35 7.16 -1.04 8.57
C VAL A 35 6.77 0.31 9.16
N GLY A 36 7.53 0.76 10.15
CA GLY A 36 7.26 2.04 10.78
C GLY A 36 6.15 1.94 11.81
N GLY A 37 5.32 2.99 11.88
CA GLY A 37 4.22 3.00 12.83
C GLY A 37 4.12 4.31 13.59
N LYS A 38 4.27 4.25 14.91
CA LYS A 38 4.20 5.45 15.74
C LYS A 38 5.58 5.81 16.29
N ASP A 39 6.22 4.85 16.96
CA ASP A 39 7.54 5.07 17.53
C ASP A 39 8.63 4.62 16.57
N THR A 40 8.49 5.02 15.30
CA THR A 40 9.47 4.66 14.28
C THR A 40 10.05 5.90 13.61
N PRO A 41 11.26 5.76 13.05
CA PRO A 41 11.95 6.86 12.37
C PRO A 41 11.27 7.26 11.06
N LEU A 42 10.28 6.47 10.65
CA LEU A 42 9.55 6.74 9.42
C LEU A 42 8.11 7.15 9.71
N ASN A 43 7.63 6.78 10.89
CA ASN A 43 6.27 7.11 11.30
C ASN A 43 5.30 6.97 10.13
N ALA A 44 5.59 6.04 9.24
CA ALA A 44 4.74 5.80 8.07
C ALA A 44 4.62 4.31 7.77
N ILE A 45 3.40 3.86 7.54
CA ILE A 45 3.15 2.45 7.23
C ILE A 45 3.61 2.10 5.82
N VAL A 46 4.89 1.79 5.68
CA VAL A 46 5.46 1.44 4.38
C VAL A 46 5.52 -0.07 4.19
N ILE A 47 5.30 -0.51 2.96
CA ILE A 47 5.33 -1.94 2.65
C ILE A 47 6.77 -2.43 2.46
N HIS A 48 7.33 -3.03 3.50
CA HIS A 48 8.69 -3.55 3.44
C HIS A 48 8.81 -4.64 2.39
N GLU A 49 8.14 -5.77 2.63
CA GLU A 49 8.18 -6.89 1.70
C GLU A 49 6.78 -7.44 1.45
N VAL A 50 6.55 -7.93 0.24
CA VAL A 50 5.25 -8.50 -0.12
C VAL A 50 5.39 -9.93 -0.62
N TYR A 51 5.03 -10.88 0.23
CA TYR A 51 5.11 -12.29 -0.12
C TYR A 51 4.29 -12.60 -1.37
N GLU A 52 4.62 -13.71 -2.03
CA GLU A 52 3.91 -14.10 -3.24
C GLU A 52 2.63 -14.86 -2.89
N GLU A 53 2.71 -15.73 -1.90
CA GLU A 53 1.56 -16.52 -1.48
C GLU A 53 0.40 -15.61 -1.07
N GLY A 54 0.69 -14.32 -0.91
CA GLY A 54 -0.33 -13.37 -0.53
C GLY A 54 -1.04 -12.76 -1.74
N ALA A 55 -2.33 -12.49 -1.58
CA ALA A 55 -3.12 -11.90 -2.65
C ALA A 55 -2.46 -10.65 -3.20
N ALA A 56 -1.74 -9.94 -2.33
CA ALA A 56 -1.06 -8.71 -2.74
C ALA A 56 -0.12 -8.97 -3.90
N ALA A 57 0.26 -10.23 -4.10
CA ALA A 57 1.16 -10.60 -5.18
C ALA A 57 0.37 -11.00 -6.43
N ARG A 58 -0.56 -11.93 -6.28
CA ARG A 58 -1.37 -12.39 -7.39
C ARG A 58 -1.93 -11.21 -8.18
N ASP A 59 -2.33 -10.16 -7.47
CA ASP A 59 -2.87 -8.97 -8.10
C ASP A 59 -1.78 -8.13 -8.71
N GLY A 60 -0.72 -7.89 -7.94
CA GLY A 60 0.39 -7.08 -8.44
C GLY A 60 0.13 -5.60 -8.33
N ARG A 61 -0.67 -5.20 -7.34
CA ARG A 61 -1.01 -3.80 -7.15
C ARG A 61 -0.08 -3.15 -6.13
N LEU A 62 0.03 -3.77 -4.96
CA LEU A 62 0.90 -3.25 -3.90
C LEU A 62 2.35 -3.65 -4.14
N TRP A 63 3.21 -2.66 -4.28
CA TRP A 63 4.64 -2.91 -4.51
C TRP A 63 5.46 -2.53 -3.29
N ALA A 64 6.45 -3.36 -2.97
CA ALA A 64 7.31 -3.11 -1.83
C ALA A 64 7.86 -1.69 -1.85
N GLY A 65 7.36 -0.85 -0.94
CA GLY A 65 7.82 0.53 -0.88
C GLY A 65 6.68 1.52 -0.93
N ASP A 66 5.44 1.00 -0.96
CA ASP A 66 4.26 1.85 -1.00
C ASP A 66 3.94 2.42 0.37
N GLN A 67 3.20 3.52 0.41
CA GLN A 67 2.83 4.16 1.66
C GLN A 67 1.33 4.06 1.90
N ILE A 68 0.96 3.44 3.03
CA ILE A 68 -0.45 3.27 3.37
C ILE A 68 -0.92 4.41 4.28
N LEU A 69 -2.21 4.74 4.19
CA LEU A 69 -2.80 5.80 5.00
C LEU A 69 -4.04 5.30 5.72
N GLU A 70 -4.79 4.42 5.07
CA GLU A 70 -6.01 3.87 5.66
C GLU A 70 -6.25 2.45 5.17
N VAL A 71 -6.82 1.62 6.04
CA VAL A 71 -7.11 0.23 5.69
C VAL A 71 -8.49 -0.18 6.19
N ASN A 72 -9.29 -0.76 5.31
CA ASN A 72 -10.63 -1.21 5.65
C ASN A 72 -11.35 -0.16 6.51
N GLY A 73 -11.18 1.11 6.14
CA GLY A 73 -11.81 2.19 6.88
C GLY A 73 -11.15 2.42 8.24
N VAL A 74 -9.85 2.16 8.32
CA VAL A 74 -9.10 2.35 9.55
C VAL A 74 -7.80 3.09 9.30
N ASP A 75 -7.77 4.37 9.68
CA ASP A 75 -6.57 5.18 9.49
C ASP A 75 -5.36 4.53 10.13
N LEU A 76 -4.29 4.40 9.35
CA LEU A 76 -3.06 3.78 9.84
C LEU A 76 -2.01 4.85 10.15
N ARG A 77 -2.15 6.01 9.54
CA ARG A 77 -1.22 7.11 9.75
C ARG A 77 -0.86 7.23 11.23
N ASN A 78 -1.81 6.90 12.11
CA ASN A 78 -1.59 6.98 13.54
C ASN A 78 -1.29 5.59 14.12
N SER A 79 -2.08 4.60 13.71
CA SER A 79 -1.92 3.24 14.19
C SER A 79 -0.44 2.85 14.19
N SER A 80 -0.04 2.10 15.22
CA SER A 80 1.35 1.66 15.35
C SER A 80 1.60 0.43 14.49
N HIS A 81 2.83 -0.08 14.53
CA HIS A 81 3.21 -1.25 13.76
C HIS A 81 2.21 -2.39 13.96
N GLU A 82 2.21 -2.96 15.16
CA GLU A 82 1.30 -4.06 15.47
C GLU A 82 -0.11 -3.75 14.98
N GLU A 83 -0.65 -2.61 15.41
CA GLU A 83 -2.00 -2.20 15.02
C GLU A 83 -2.21 -2.41 13.53
N ALA A 84 -1.37 -1.77 12.71
CA ALA A 84 -1.47 -1.88 11.27
C ALA A 84 -1.58 -3.34 10.84
N ILE A 85 -0.79 -4.20 11.47
CA ILE A 85 -0.80 -5.63 11.15
C ILE A 85 -2.16 -6.24 11.44
N THR A 86 -2.70 -5.97 12.62
CA THR A 86 -4.00 -6.49 13.01
C THR A 86 -5.10 -5.98 12.10
N ALA A 87 -5.05 -4.69 11.79
CA ALA A 87 -6.04 -4.07 10.91
C ALA A 87 -6.07 -4.76 9.55
N LEU A 88 -5.04 -5.52 9.25
CA LEU A 88 -4.94 -6.23 7.98
C LEU A 88 -5.51 -7.64 8.11
N ARG A 89 -5.44 -8.20 9.32
CA ARG A 89 -5.95 -9.54 9.56
C ARG A 89 -7.44 -9.50 9.90
N GLN A 90 -7.92 -8.34 10.33
CA GLN A 90 -9.31 -8.17 10.69
C GLN A 90 -10.14 -7.73 9.48
N THR A 91 -9.55 -7.85 8.30
CA THR A 91 -10.23 -7.45 7.06
C THR A 91 -11.04 -8.61 6.51
N PRO A 92 -12.23 -8.29 5.96
CA PRO A 92 -13.13 -9.28 5.37
C PRO A 92 -12.59 -9.87 4.08
N GLN A 93 -13.43 -10.62 3.37
CA GLN A 93 -13.03 -11.23 2.11
C GLN A 93 -12.25 -10.25 1.25
N LYS A 94 -12.79 -9.03 1.11
CA LYS A 94 -12.14 -8.00 0.31
C LYS A 94 -11.38 -7.02 1.21
N VAL A 95 -10.24 -6.55 0.72
CA VAL A 95 -9.42 -5.61 1.47
C VAL A 95 -9.23 -4.30 0.70
N ARG A 96 -9.74 -3.21 1.25
CA ARG A 96 -9.64 -1.91 0.62
C ARG A 96 -8.73 -0.98 1.43
N LEU A 97 -7.65 -0.53 0.80
CA LEU A 97 -6.71 0.37 1.45
C LEU A 97 -6.35 1.55 0.57
N VAL A 98 -5.74 2.57 1.15
CA VAL A 98 -5.35 3.76 0.41
C VAL A 98 -3.84 3.94 0.41
N VAL A 99 -3.25 3.90 -0.78
CA VAL A 99 -1.81 4.06 -0.93
C VAL A 99 -1.46 5.42 -1.52
N TYR A 100 -0.25 5.90 -1.24
CA TYR A 100 0.20 7.18 -1.74
C TYR A 100 1.62 7.08 -2.28
N ARG A 101 1.78 7.38 -3.57
CA ARG A 101 3.09 7.32 -4.23
C ARG A 101 3.45 8.66 -4.83
N ASP A 102 4.00 9.56 -4.00
CA ASP A 102 4.39 10.88 -4.46
C ASP A 102 5.28 10.79 -5.70
N GLU A 103 5.33 11.88 -6.46
CA GLU A 103 6.13 11.91 -7.68
C GLU A 103 7.25 12.96 -7.56
N ALA A 104 7.97 12.90 -6.45
CA ALA A 104 9.07 13.84 -6.21
C ALA A 104 10.42 13.13 -6.29
N HIS A 105 11.39 13.79 -6.92
CA HIS A 105 12.72 13.22 -7.07
C HIS A 105 12.65 11.73 -7.37
N TYR A 106 11.82 11.37 -8.34
CA TYR A 106 11.65 9.97 -8.72
C TYR A 106 12.81 9.50 -9.60
N ARG A 107 13.11 10.27 -10.64
CA ARG A 107 14.19 9.95 -11.55
C ARG A 107 15.50 10.60 -11.11
N ASP A 108 15.98 10.21 -9.93
CA ASP A 108 17.22 10.76 -9.39
C ASP A 108 18.31 10.78 -10.45
N GLU A 109 19.12 11.84 -10.45
CA GLU A 109 20.21 11.97 -11.41
C GLU A 109 21.40 11.12 -11.01
N GLU A 110 22.22 10.76 -11.99
CA GLU A 110 23.40 9.94 -11.74
C GLU A 110 24.66 10.63 -12.27
N SER A 111 24.74 11.94 -12.08
CA SER A 111 25.88 12.72 -12.54
C SER A 111 26.40 13.62 -11.42
N GLY A 112 27.49 14.34 -11.71
CA GLY A 112 28.07 15.22 -10.72
C GLY A 112 28.38 16.60 -11.28
N PRO A 113 29.08 17.43 -10.51
CA PRO A 113 29.45 18.78 -10.91
C PRO A 113 30.50 18.79 -12.02
N SER A 114 31.43 17.86 -11.95
CA SER A 114 32.48 17.76 -12.95
C SER A 114 32.45 16.40 -13.64
N SER A 115 33.05 16.34 -14.83
CA SER A 115 33.08 15.10 -15.61
C SER A 115 34.53 14.66 -15.86
N GLY A 116 34.77 13.36 -15.74
CA GLY A 116 36.10 12.83 -15.96
C GLY A 116 36.66 12.14 -14.74
N GLY A 1 -16.96 15.11 -2.85
CA GLY A 1 -15.78 15.18 -3.70
C GLY A 1 -16.11 14.96 -5.16
N SER A 2 -16.23 16.05 -5.91
CA SER A 2 -16.55 15.97 -7.32
C SER A 2 -15.59 15.04 -8.05
N SER A 3 -14.29 15.22 -7.79
CA SER A 3 -13.26 14.40 -8.42
C SER A 3 -13.69 12.94 -8.46
N GLY A 4 -14.09 12.48 -9.65
CA GLY A 4 -14.51 11.11 -9.82
C GLY A 4 -13.35 10.14 -9.84
N SER A 5 -12.85 9.83 -11.03
CA SER A 5 -11.74 8.91 -11.18
C SER A 5 -12.05 7.57 -10.51
N SER A 6 -13.32 7.18 -10.54
CA SER A 6 -13.75 5.92 -9.94
C SER A 6 -13.12 4.73 -10.65
N GLY A 7 -12.64 3.77 -9.87
CA GLY A 7 -12.00 2.59 -10.44
C GLY A 7 -10.67 2.28 -9.79
N PRO A 8 -10.71 1.72 -8.59
CA PRO A 8 -9.50 1.35 -7.83
C PRO A 8 -8.76 0.18 -8.46
N ALA A 9 -9.45 -0.56 -9.32
CA ALA A 9 -8.86 -1.71 -9.99
C ALA A 9 -8.56 -1.40 -11.46
N THR A 10 -9.61 -1.10 -12.22
CA THR A 10 -9.47 -0.78 -13.63
C THR A 10 -8.28 0.15 -13.87
N CYS A 11 -8.17 1.17 -13.04
CA CYS A 11 -7.08 2.14 -13.16
C CYS A 11 -5.92 1.76 -12.24
N PRO A 12 -4.69 2.00 -12.71
CA PRO A 12 -3.47 1.69 -11.95
C PRO A 12 -3.30 2.62 -10.75
N ILE A 13 -2.10 2.63 -10.17
CA ILE A 13 -1.80 3.46 -9.02
C ILE A 13 -1.20 4.80 -9.46
N VAL A 14 -2.04 5.82 -9.57
CA VAL A 14 -1.59 7.14 -9.97
C VAL A 14 -0.80 7.82 -8.86
N PRO A 15 0.45 8.19 -9.16
CA PRO A 15 1.35 8.85 -8.20
C PRO A 15 0.89 10.27 -7.88
N GLY A 16 1.26 10.75 -6.69
CA GLY A 16 0.89 12.09 -6.29
C GLY A 16 -0.55 12.18 -5.82
N GLN A 17 -1.44 11.48 -6.52
CA GLN A 17 -2.86 11.48 -6.18
C GLN A 17 -3.23 10.23 -5.41
N GLU A 18 -3.49 10.39 -4.11
CA GLU A 18 -3.86 9.27 -3.26
C GLU A 18 -4.97 8.45 -3.89
N MET A 19 -4.70 7.17 -4.11
CA MET A 19 -5.69 6.27 -4.71
C MET A 19 -6.02 5.12 -3.76
N ILE A 20 -7.08 4.39 -4.10
CA ILE A 20 -7.50 3.25 -3.28
C ILE A 20 -7.33 1.93 -4.03
N ILE A 21 -6.99 0.88 -3.30
CA ILE A 21 -6.80 -0.43 -3.89
C ILE A 21 -7.65 -1.48 -3.17
N GLU A 22 -8.28 -2.35 -3.96
CA GLU A 22 -9.13 -3.40 -3.40
C GLU A 22 -8.66 -4.78 -3.88
N ILE A 23 -8.39 -5.66 -2.93
CA ILE A 23 -7.94 -7.01 -3.26
C ILE A 23 -8.79 -8.06 -2.55
N SER A 24 -9.15 -9.11 -3.27
CA SER A 24 -9.98 -10.18 -2.72
C SER A 24 -9.10 -11.30 -2.16
N LYS A 25 -9.37 -11.68 -0.92
CA LYS A 25 -8.60 -12.74 -0.27
C LYS A 25 -8.93 -14.11 -0.87
N GLY A 26 -7.95 -14.71 -1.53
CA GLY A 26 -8.16 -16.01 -2.14
C GLY A 26 -7.82 -17.15 -1.20
N ARG A 27 -7.24 -18.22 -1.76
CA ARG A 27 -6.87 -19.38 -0.97
C ARG A 27 -6.31 -18.96 0.39
N SER A 28 -5.15 -18.32 0.38
CA SER A 28 -4.50 -17.87 1.61
C SER A 28 -4.73 -16.38 1.82
N GLY A 29 -4.47 -15.92 3.03
CA GLY A 29 -4.65 -14.51 3.36
C GLY A 29 -3.63 -13.63 2.68
N LEU A 30 -3.75 -12.32 2.89
CA LEU A 30 -2.82 -11.36 2.29
C LEU A 30 -1.38 -11.70 2.65
N GLY A 31 -0.53 -11.80 1.64
CA GLY A 31 0.87 -12.12 1.87
C GLY A 31 1.76 -10.90 1.75
N LEU A 32 1.68 -10.00 2.72
CA LEU A 32 2.49 -8.78 2.71
C LEU A 32 3.02 -8.47 4.10
N SER A 33 3.87 -7.46 4.19
CA SER A 33 4.46 -7.06 5.46
C SER A 33 4.60 -5.55 5.55
N ILE A 34 4.73 -5.03 6.77
CA ILE A 34 4.87 -3.60 6.99
C ILE A 34 5.96 -3.31 8.01
N VAL A 35 6.40 -2.05 8.05
CA VAL A 35 7.44 -1.63 8.99
C VAL A 35 7.26 -0.18 9.39
N GLY A 36 7.64 0.15 10.62
CA GLY A 36 7.52 1.51 11.10
C GLY A 36 6.29 1.72 11.96
N GLY A 37 5.80 2.95 12.00
CA GLY A 37 4.62 3.25 12.79
C GLY A 37 4.78 4.52 13.61
N LYS A 38 4.14 4.57 14.77
CA LYS A 38 4.22 5.73 15.64
C LYS A 38 5.53 5.74 16.42
N ASP A 39 5.80 4.65 17.12
CA ASP A 39 7.03 4.54 17.91
C ASP A 39 8.20 4.17 17.02
N THR A 40 8.30 4.83 15.87
CA THR A 40 9.39 4.56 14.93
C THR A 40 9.74 5.81 14.12
N PRO A 41 10.99 5.90 13.68
CA PRO A 41 11.48 7.04 12.89
C PRO A 41 10.88 7.07 11.49
N LEU A 42 10.02 6.09 11.19
CA LEU A 42 9.38 6.01 9.89
C LEU A 42 8.17 6.93 9.81
N ASN A 43 7.43 7.02 10.92
CA ASN A 43 6.25 7.87 10.98
C ASN A 43 5.32 7.61 9.80
N ALA A 44 5.40 6.39 9.26
CA ALA A 44 4.56 6.01 8.12
C ALA A 44 4.68 4.52 7.84
N ILE A 45 3.55 3.89 7.51
CA ILE A 45 3.53 2.46 7.21
C ILE A 45 4.08 2.20 5.81
N VAL A 46 5.19 1.45 5.75
CA VAL A 46 5.80 1.11 4.47
C VAL A 46 5.89 -0.39 4.28
N ILE A 47 5.60 -0.84 3.07
CA ILE A 47 5.64 -2.27 2.76
C ILE A 47 7.08 -2.76 2.56
N HIS A 48 7.58 -3.49 3.55
CA HIS A 48 8.94 -4.02 3.49
C HIS A 48 9.05 -5.11 2.42
N GLU A 49 8.13 -6.06 2.46
CA GLU A 49 8.13 -7.16 1.50
C GLU A 49 6.71 -7.60 1.18
N VAL A 50 6.51 -8.08 -0.04
CA VAL A 50 5.20 -8.55 -0.48
C VAL A 50 5.24 -10.00 -0.91
N TYR A 51 5.15 -10.91 0.06
CA TYR A 51 5.19 -12.34 -0.22
C TYR A 51 4.49 -12.65 -1.54
N GLU A 52 5.28 -12.93 -2.57
CA GLU A 52 4.74 -13.25 -3.88
C GLU A 52 3.73 -14.38 -3.81
N GLU A 53 3.76 -15.11 -2.69
CA GLU A 53 2.84 -16.23 -2.48
C GLU A 53 1.67 -15.81 -1.62
N GLY A 54 0.97 -14.76 -2.03
CA GLY A 54 -0.18 -14.28 -1.28
C GLY A 54 -1.15 -13.50 -2.13
N ALA A 55 -2.36 -13.30 -1.63
CA ALA A 55 -3.39 -12.56 -2.35
C ALA A 55 -2.82 -11.26 -2.92
N ALA A 56 -2.29 -10.43 -2.04
CA ALA A 56 -1.72 -9.15 -2.45
C ALA A 56 -0.91 -9.29 -3.74
N ALA A 57 -0.10 -10.33 -3.80
CA ALA A 57 0.73 -10.59 -4.97
C ALA A 57 -0.13 -10.92 -6.19
N ARG A 58 -1.06 -11.87 -6.00
CA ARG A 58 -1.94 -12.29 -7.08
C ARG A 58 -2.38 -11.09 -7.92
N ASP A 59 -2.62 -9.97 -7.25
CA ASP A 59 -3.06 -8.75 -7.93
C ASP A 59 -1.88 -8.07 -8.62
N GLY A 60 -0.85 -7.74 -7.85
CA GLY A 60 0.32 -7.09 -8.40
C GLY A 60 0.20 -5.58 -8.39
N ARG A 61 -0.58 -5.06 -7.46
CA ARG A 61 -0.78 -3.62 -7.33
C ARG A 61 0.17 -3.03 -6.30
N LEU A 62 0.21 -3.63 -5.12
CA LEU A 62 1.07 -3.17 -4.05
C LEU A 62 2.52 -3.57 -4.29
N TRP A 63 3.37 -2.59 -4.51
CA TRP A 63 4.79 -2.84 -4.76
C TRP A 63 5.63 -2.44 -3.56
N ALA A 64 6.64 -3.25 -3.25
CA ALA A 64 7.53 -2.98 -2.12
C ALA A 64 8.05 -1.55 -2.17
N GLY A 65 7.56 -0.71 -1.25
CA GLY A 65 7.99 0.67 -1.20
C GLY A 65 6.82 1.64 -1.18
N ASP A 66 5.63 1.12 -0.89
CA ASP A 66 4.43 1.95 -0.84
C ASP A 66 4.16 2.43 0.59
N GLN A 67 3.36 3.48 0.71
CA GLN A 67 3.02 4.04 2.01
C GLN A 67 1.52 4.00 2.24
N ILE A 68 1.08 3.10 3.13
CA ILE A 68 -0.34 2.96 3.44
C ILE A 68 -0.80 4.08 4.36
N LEU A 69 -1.97 4.63 4.07
CA LEU A 69 -2.53 5.71 4.88
C LEU A 69 -3.74 5.23 5.67
N GLU A 70 -4.48 4.28 5.10
CA GLU A 70 -5.67 3.73 5.75
C GLU A 70 -5.94 2.30 5.27
N VAL A 71 -6.78 1.58 6.02
CA VAL A 71 -7.12 0.21 5.67
C VAL A 71 -8.52 -0.14 6.15
N ASN A 72 -9.32 -0.72 5.25
CA ASN A 72 -10.69 -1.09 5.58
C ASN A 72 -11.38 -0.01 6.40
N GLY A 73 -10.99 1.23 6.16
CA GLY A 73 -11.57 2.35 6.88
C GLY A 73 -11.00 2.50 8.29
N VAL A 74 -9.72 2.18 8.44
CA VAL A 74 -9.05 2.28 9.73
C VAL A 74 -7.81 3.16 9.64
N ASP A 75 -7.97 4.43 9.97
CA ASP A 75 -6.87 5.38 9.93
C ASP A 75 -5.59 4.74 10.47
N LEU A 76 -4.56 4.70 9.63
CA LEU A 76 -3.28 4.10 10.02
C LEU A 76 -2.23 5.19 10.26
N ARG A 77 -2.49 6.39 9.73
CA ARG A 77 -1.58 7.51 9.89
C ARG A 77 -1.35 7.81 11.37
N ASN A 78 -2.25 7.33 12.22
CA ASN A 78 -2.15 7.55 13.65
C ASN A 78 -2.25 6.23 14.42
N SER A 79 -1.68 5.18 13.84
CA SER A 79 -1.71 3.86 14.47
C SER A 79 -0.29 3.32 14.64
N SER A 80 -0.13 2.42 15.62
CA SER A 80 1.17 1.83 15.89
C SER A 80 1.42 0.62 14.99
N HIS A 81 2.57 -0.02 15.17
CA HIS A 81 2.93 -1.19 14.38
C HIS A 81 1.90 -2.30 14.56
N GLU A 82 1.85 -2.86 15.76
CA GLU A 82 0.92 -3.93 16.07
C GLU A 82 -0.49 -3.59 15.59
N GLU A 83 -0.88 -2.33 15.77
CA GLU A 83 -2.20 -1.87 15.36
C GLU A 83 -2.40 -2.07 13.87
N ALA A 84 -1.51 -1.49 13.07
CA ALA A 84 -1.60 -1.61 11.61
C ALA A 84 -1.66 -3.07 11.18
N ILE A 85 -0.92 -3.92 11.89
CA ILE A 85 -0.89 -5.34 11.59
C ILE A 85 -2.25 -5.98 11.82
N THR A 86 -2.77 -5.83 13.04
CA THR A 86 -4.08 -6.39 13.39
C THR A 86 -5.17 -5.85 12.48
N ALA A 87 -5.01 -4.61 12.04
CA ALA A 87 -5.98 -3.98 11.17
C ALA A 87 -6.03 -4.67 9.80
N LEU A 88 -5.01 -5.47 9.52
CA LEU A 88 -4.93 -6.19 8.25
C LEU A 88 -5.52 -7.59 8.39
N ARG A 89 -5.43 -8.15 9.59
CA ARG A 89 -5.95 -9.48 9.85
C ARG A 89 -7.43 -9.44 10.21
N GLN A 90 -7.95 -8.23 10.39
CA GLN A 90 -9.36 -8.04 10.73
C GLN A 90 -10.17 -7.60 9.52
N THR A 91 -9.56 -7.73 8.34
CA THR A 91 -10.22 -7.34 7.10
C THR A 91 -10.85 -8.55 6.40
N PRO A 92 -12.07 -8.37 5.89
CA PRO A 92 -12.80 -9.43 5.20
C PRO A 92 -12.17 -9.77 3.84
N GLN A 93 -12.87 -10.58 3.06
CA GLN A 93 -12.39 -10.98 1.74
C GLN A 93 -11.96 -9.77 0.92
N LYS A 94 -12.88 -8.82 0.76
CA LYS A 94 -12.59 -7.60 0.01
C LYS A 94 -11.81 -6.61 0.85
N VAL A 95 -10.49 -6.64 0.72
CA VAL A 95 -9.62 -5.74 1.46
C VAL A 95 -9.34 -4.47 0.68
N ARG A 96 -9.82 -3.34 1.18
CA ARG A 96 -9.63 -2.05 0.52
C ARG A 96 -8.73 -1.15 1.36
N LEU A 97 -7.68 -0.62 0.74
CA LEU A 97 -6.75 0.26 1.43
C LEU A 97 -6.44 1.49 0.58
N VAL A 98 -5.73 2.46 1.18
CA VAL A 98 -5.37 3.67 0.47
C VAL A 98 -3.86 3.89 0.49
N VAL A 99 -3.25 3.84 -0.70
CA VAL A 99 -1.82 4.03 -0.83
C VAL A 99 -1.49 5.40 -1.43
N TYR A 100 -0.24 5.83 -1.27
CA TYR A 100 0.20 7.11 -1.80
C TYR A 100 1.62 7.03 -2.32
N ARG A 101 1.80 7.40 -3.59
CA ARG A 101 3.11 7.37 -4.22
C ARG A 101 3.43 8.70 -4.89
N ASP A 102 3.98 9.63 -4.11
CA ASP A 102 4.33 10.94 -4.63
C ASP A 102 5.13 10.83 -5.92
N GLU A 103 5.07 11.87 -6.75
CA GLU A 103 5.78 11.88 -8.02
C GLU A 103 6.95 12.85 -7.99
N ALA A 104 7.58 12.96 -6.82
CA ALA A 104 8.71 13.85 -6.65
C ALA A 104 10.02 13.17 -7.02
N HIS A 105 10.80 13.81 -7.89
CA HIS A 105 12.07 13.25 -8.33
C HIS A 105 12.74 12.47 -7.22
N TYR A 106 12.80 11.14 -7.38
CA TYR A 106 13.41 10.29 -6.38
C TYR A 106 14.83 9.90 -6.79
N ARG A 107 15.02 9.59 -8.07
CA ARG A 107 16.32 9.21 -8.58
C ARG A 107 17.04 8.27 -7.61
N ASP A 108 16.33 7.22 -7.19
CA ASP A 108 16.90 6.25 -6.26
C ASP A 108 17.76 5.22 -7.00
N GLU A 109 18.67 4.59 -6.29
CA GLU A 109 19.55 3.59 -6.87
C GLU A 109 20.10 2.65 -5.80
N GLU A 110 20.61 1.49 -6.24
CA GLU A 110 21.16 0.51 -5.32
C GLU A 110 22.52 0.96 -4.80
N SER A 111 22.64 1.03 -3.47
CA SER A 111 23.89 1.44 -2.84
C SER A 111 25.09 0.75 -3.49
N GLY A 112 26.28 1.33 -3.32
CA GLY A 112 27.47 0.76 -3.88
C GLY A 112 28.72 1.12 -3.10
N PRO A 113 29.88 1.01 -3.75
CA PRO A 113 31.18 1.32 -3.12
C PRO A 113 31.35 2.82 -2.87
N SER A 114 31.61 3.18 -1.61
CA SER A 114 31.79 4.57 -1.23
C SER A 114 32.52 4.68 0.10
N SER A 115 33.66 5.36 0.09
CA SER A 115 34.46 5.54 1.30
C SER A 115 33.96 6.72 2.11
N GLY A 116 33.63 6.47 3.38
CA GLY A 116 33.14 7.54 4.24
C GLY A 116 31.65 7.47 4.45
#